data_3NS1
#
_entry.id   3NS1
#
_cell.length_a   134.636
_cell.length_b   73.928
_cell.length_c   140.353
_cell.angle_alpha   90.000
_cell.angle_beta   97.010
_cell.angle_gamma   90.000
#
_symmetry.space_group_name_H-M   'P 1 21 1'
#
loop_
_entity.id
_entity.type
_entity.pdbx_description
1 polymer 'Xanthine dehydrogenase/oxidase'
2 polymer 'Xanthine dehydrogenase/oxidase'
3 polymer 'Xanthine dehydrogenase/oxidase'
4 non-polymer 'FE2/S2 (INORGANIC) CLUSTER'
5 non-polymer 'FLAVIN-ADENINE DINUCLEOTIDE'
6 non-polymer 'PHOSPHONIC ACIDMONO-(2-AMINO-5,6-DIMERCAPTO-4-OXO-3,7,8A,9,10,10A-HEXAHYDRO-4H-8-OXA-1,3,9,10-TETRAAZA-ANTHRACEN-7-YLMETHYL)ESTER'
7 non-polymer 'DIOXOTHIOMOLYBDENUM(VI) ION'
8 non-polymer 9H-purine-6-thiol
9 water water
#
loop_
_entity_poly.entity_id
_entity_poly.type
_entity_poly.pdbx_seq_one_letter_code
_entity_poly.pdbx_strand_id
1 'polypeptide(L)'
;TADELVFFVNGKKVVEKNADPETTLLAYLRRKLGLRGTKLGCGEGGCGACTVMLSKYDRLQDKIIHFSANACLAPICTLH
HVAVTTVEGIGSTKTRLHPVQERIAKSHGSQCGFCTPGIVMSMYTLLRNQPEPTVEEIEDAFQGNLCRCTGYRPILQGFR
TFAK
;
A,J
2 'polypeptide(L)'
;PKQLRFEGERVTWIQASTLKELLDLKAQHPEAKLVVGNTEIGIEMKFKNQLFPMIICPAWIPELNAVEHGPEGISFGAAC
ALSSVEKTLLEAVAKLPTQKTEVFRGVLEQLRWFAGKQVKSVASLGGNIITASPISDLNPVFMASGTKLTIVSRGTRRTV
PMDHTFFPSYRKTLLGPEEILLSIEIPYSREDEFFSAFKQASRREDDIAKVTCGMRVLFQPGSMQVKELALCYGGMADRT
ISALKTTQKQLSKFWNEKLLQDVCAGLAEELSLSPDAPGGMIEFRRTLTLSFFFKFYLTVLKKLG
;
B,K
3 'polypeptide(L)'
;DTVGRPLPHLAAAMQASGEAVYCDDIPRYENELFLRLVTSTRAHAKIKSIDVSEAQKVPGFVCFLSADDIPGSNETGLFN
DETVFAKDTVTCVGHIIGAVVADTPEHAERAAHVVKVTYEDLPAIITIEDAIKNNSFYGSELKIEKGDLKKGFSEADNVV
SGELYIGGQDHFYLETHCTIAIPKGEEGEMELFVSTQNAMKTQSFVAKMLGVPVNRILVRVKRMGGGFGGKETRSTLVSV
AVALAAYKTGHPVRCMLDRNEDMLITGGRHPFLARYKVGFMKTGTIVALEVDHYSNAGNSRDLSHSIMERALFHMDNCYK
IPNIRGTGRLCKTNLSSNTAFRGFGGPQALFIAENWMSEVAVTCGLPAEEVRWKNMYKEGDLTHFNQRLEGFSVPRCWDE
CLKSSQYYARKSEVDKFNKENCWKKRGLCIIPTKFGISFTVPFLNQAGALIHVYTDGSVLVSHGGTEMGQGLHTKMVQVA
SKALKIPISKIYISETSTNTVPNSSPTAASVSTDIYGQAVYEACQTILKRLEPFKKKNPDGSWEDWVMAAYQDRVSLSTT
GFYRTPNLGYSFETNSGNAFHYFTYGVACSEVEIDCLTGDHKNLRTDIVMDVGSSLNPAIDIGQVEGAFVQGLGLFTLEE
LHYSPEGSLHTRGPSTYKIPAFGSIPTEFRVSLLRDCPNKKAIYASKAVGEPPLFLGASVFFAIKDAIRAARAQHTNNNT
KELFRLDSPATPEKIRNACVDKFTTLCVTGAPGNC
;
C,L
#
# COMPACT_ATOMS: atom_id res chain seq x y z
N THR A 1 -4.35 20.96 33.66
CA THR A 1 -5.64 21.70 33.76
C THR A 1 -6.82 20.97 33.06
N ALA A 2 -6.56 19.79 32.51
CA ALA A 2 -7.59 18.94 31.87
C ALA A 2 -7.53 17.51 32.42
N ASP A 3 -8.70 16.96 32.74
CA ASP A 3 -8.81 15.61 33.29
C ASP A 3 -8.57 14.51 32.23
N GLU A 4 -8.10 13.35 32.67
CA GLU A 4 -8.00 12.19 31.79
C GLU A 4 -9.36 11.49 31.63
N LEU A 5 -9.67 11.06 30.40
CA LEU A 5 -10.81 10.19 30.11
C LEU A 5 -10.38 8.71 30.09
N VAL A 6 -11.11 7.88 30.84
CA VAL A 6 -10.79 6.48 31.01
C VAL A 6 -12.01 5.67 30.63
N PHE A 7 -11.87 4.78 29.64
CA PHE A 7 -12.93 3.86 29.26
C PHE A 7 -12.38 2.52 28.82
N PHE A 8 -13.27 1.57 28.49
CA PHE A 8 -12.85 0.23 28.07
C PHE A 8 -13.45 -0.09 26.73
N VAL A 9 -12.62 -0.68 25.87
CA VAL A 9 -13.02 -1.15 24.55
C VAL A 9 -12.60 -2.62 24.37
N ASN A 10 -13.59 -3.48 24.20
CA ASN A 10 -13.37 -4.93 24.15
C ASN A 10 -12.53 -5.49 25.31
N GLY A 11 -12.87 -5.08 26.53
CA GLY A 11 -12.24 -5.59 27.73
C GLY A 11 -10.84 -5.05 28.02
N LYS A 12 -10.42 -4.00 27.31
CA LYS A 12 -9.10 -3.45 27.43
C LYS A 12 -9.14 -1.94 27.76
N LYS A 13 -8.21 -1.49 28.62
CA LYS A 13 -8.28 -0.10 29.11
C LYS A 13 -7.68 0.92 28.17
N VAL A 14 -8.41 2.02 27.98
CA VAL A 14 -8.02 3.17 27.16
C VAL A 14 -7.95 4.40 28.07
N VAL A 15 -6.78 5.02 28.16
CA VAL A 15 -6.55 6.20 28.97
C VAL A 15 -6.31 7.41 28.05
N GLU A 16 -7.33 8.23 27.83
CA GLU A 16 -7.21 9.33 26.87
C GLU A 16 -6.82 10.57 27.62
N LYS A 17 -5.62 11.05 27.37
CA LYS A 17 -5.16 12.20 28.11
C LYS A 17 -5.61 13.53 27.55
N ASN A 18 -5.84 13.62 26.25
CA ASN A 18 -6.27 14.87 25.65
C ASN A 18 -7.58 14.81 24.84
N ALA A 19 -8.65 14.32 25.45
CA ALA A 19 -9.95 14.20 24.80
C ALA A 19 -10.41 15.52 24.27
N ASP A 20 -10.88 15.52 23.02
CA ASP A 20 -11.56 16.66 22.45
C ASP A 20 -13.08 16.39 22.49
N PRO A 21 -13.87 17.34 23.04
CA PRO A 21 -15.32 17.13 23.21
C PRO A 21 -16.07 16.90 21.94
N GLU A 22 -15.51 17.29 20.79
CA GLU A 22 -16.12 17.08 19.49
C GLU A 22 -15.93 15.67 18.92
N THR A 23 -15.02 14.87 19.47
CA THR A 23 -14.68 13.54 18.91
C THR A 23 -15.77 12.47 19.11
N THR A 24 -16.32 11.93 18.02
CA THR A 24 -17.29 10.82 18.10
C THR A 24 -16.60 9.50 18.44
N LEU A 25 -17.36 8.53 18.93
CA LEU A 25 -16.79 7.21 19.24
C LEU A 25 -16.39 6.49 17.94
N LEU A 26 -17.22 6.66 16.92
CA LEU A 26 -17.03 6.05 15.65
C LEU A 26 -15.63 6.45 15.14
N ALA A 27 -15.35 7.76 15.10
CA ALA A 27 -14.04 8.26 14.70
C ALA A 27 -12.89 7.73 15.58
N TYR A 28 -13.16 7.49 16.86
CA TYR A 28 -12.11 7.09 17.80
C TYR A 28 -11.73 5.59 17.59
N LEU A 29 -12.73 4.74 17.45
CA LEU A 29 -12.51 3.34 17.13
C LEU A 29 -11.76 3.14 15.80
N ARG A 30 -12.22 3.81 14.76
CA ARG A 30 -11.65 3.67 13.42
C ARG A 30 -10.26 4.32 13.36
N ARG A 31 -10.14 5.56 13.74
CA ARG A 31 -8.96 6.32 13.37
C ARG A 31 -7.90 6.43 14.43
N LYS A 32 -8.29 6.26 15.70
CA LYS A 32 -7.34 6.27 16.81
C LYS A 32 -6.96 4.86 17.24
N LEU A 33 -7.91 3.93 17.30
CA LEU A 33 -7.61 2.60 17.80
C LEU A 33 -7.41 1.51 16.72
N GLY A 34 -7.67 1.86 15.46
CA GLY A 34 -7.48 0.94 14.35
C GLY A 34 -8.46 -0.23 14.24
N LEU A 35 -9.63 -0.14 14.87
CA LEU A 35 -10.65 -1.19 14.78
C LEU A 35 -11.75 -0.84 13.76
N ARG A 36 -11.65 -1.34 12.55
CA ARG A 36 -12.54 -0.88 11.49
C ARG A 36 -13.80 -1.74 11.25
N GLY A 37 -14.09 -2.68 12.15
CA GLY A 37 -15.32 -3.45 12.07
C GLY A 37 -16.58 -2.56 11.97
N THR A 38 -16.59 -1.53 12.81
CA THR A 38 -17.71 -0.61 12.97
C THR A 38 -17.68 0.40 11.81
N LYS A 39 -18.81 0.59 11.11
CA LYS A 39 -18.83 1.31 9.80
C LYS A 39 -19.59 2.66 9.83
N LEU A 40 -19.21 3.59 8.93
CA LEU A 40 -19.94 4.88 8.69
C LEU A 40 -20.92 4.70 7.52
N GLY A 41 -22.22 4.81 7.83
CA GLY A 41 -23.30 4.69 6.84
C GLY A 41 -24.04 6.00 6.53
N CYS A 42 -24.21 6.86 7.55
CA CYS A 42 -24.97 8.12 7.35
C CYS A 42 -24.59 9.32 8.27
N GLY A 43 -24.09 9.03 9.48
CA GLY A 43 -23.59 10.04 10.40
C GLY A 43 -24.70 10.75 11.15
N GLU A 44 -25.96 10.35 10.90
CA GLU A 44 -27.14 11.03 11.47
C GLU A 44 -28.12 10.10 12.21
N GLY A 45 -27.72 8.87 12.51
CA GLY A 45 -28.50 8.03 13.43
C GLY A 45 -29.59 7.13 12.85
N GLY A 46 -29.75 7.14 11.52
CA GLY A 46 -30.77 6.34 10.87
C GLY A 46 -30.44 4.93 10.37
N CYS A 47 -29.16 4.56 10.24
CA CYS A 47 -28.85 3.33 9.45
C CYS A 47 -28.37 2.16 10.27
N GLY A 48 -27.80 2.45 11.44
CA GLY A 48 -27.26 1.43 12.37
C GLY A 48 -25.95 0.75 11.96
N ALA A 49 -25.39 1.08 10.80
CA ALA A 49 -24.09 0.54 10.35
C ALA A 49 -23.01 0.68 11.43
N CYS A 50 -23.24 1.61 12.36
CA CYS A 50 -22.26 1.95 13.37
C CYS A 50 -22.64 1.43 14.78
N THR A 51 -23.56 0.48 14.87
CA THR A 51 -24.09 0.04 16.16
C THR A 51 -23.05 -0.66 17.03
N VAL A 52 -22.94 -0.26 18.30
CA VAL A 52 -22.07 -0.96 19.27
C VAL A 52 -22.86 -1.35 20.52
N MET A 53 -22.28 -2.13 21.41
CA MET A 53 -22.92 -2.33 22.71
C MET A 53 -22.20 -1.53 23.78
N LEU A 54 -22.95 -0.81 24.60
CA LEU A 54 -22.38 -0.14 25.77
C LEU A 54 -22.77 -0.87 27.08
N SER A 55 -21.82 -0.96 27.99
CA SER A 55 -22.09 -1.56 29.28
C SER A 55 -21.67 -0.63 30.42
N LYS A 56 -22.50 -0.44 31.42
CA LYS A 56 -22.03 0.27 32.64
C LYS A 56 -22.68 -0.27 33.90
N TYR A 57 -22.02 -0.04 35.03
CA TYR A 57 -22.64 -0.28 36.33
C TYR A 57 -23.47 0.96 36.68
N ASP A 58 -24.77 0.78 36.85
CA ASP A 58 -25.65 1.89 37.16
C ASP A 58 -25.66 2.17 38.65
N ARG A 59 -24.89 3.19 39.08
CA ARG A 59 -24.84 3.71 40.47
C ARG A 59 -26.22 3.87 41.15
N LEU A 60 -27.25 4.31 40.41
CA LEU A 60 -28.62 4.18 40.92
C LEU A 60 -29.09 2.72 40.96
N GLN A 61 -29.55 2.15 39.85
CA GLN A 61 -30.12 0.79 39.83
C GLN A 61 -29.47 -0.33 40.71
N ASP A 62 -28.14 -0.29 40.90
CA ASP A 62 -27.30 -1.37 41.48
C ASP A 62 -26.82 -2.40 40.46
N LYS A 63 -27.42 -2.45 39.27
CA LYS A 63 -27.05 -3.46 38.29
C LYS A 63 -25.98 -2.98 37.28
N ILE A 64 -25.35 -3.94 36.62
CA ILE A 64 -24.73 -3.77 35.30
C ILE A 64 -25.88 -3.76 34.26
N ILE A 65 -25.87 -2.77 33.37
CA ILE A 65 -26.77 -2.73 32.20
C ILE A 65 -26.04 -2.81 30.84
N HIS A 66 -26.67 -3.48 29.87
CA HIS A 66 -26.13 -3.60 28.52
C HIS A 66 -27.17 -3.05 27.60
N PHE A 67 -26.79 -2.02 26.83
CA PHE A 67 -27.66 -1.46 25.79
C PHE A 67 -26.85 -1.09 24.52
N SER A 68 -27.53 -1.14 23.36
CA SER A 68 -26.94 -0.79 22.08
C SER A 68 -26.98 0.72 21.86
N ALA A 69 -26.12 1.22 20.96
CA ALA A 69 -26.00 2.66 20.70
C ALA A 69 -25.34 2.96 19.36
N ASN A 70 -25.62 4.14 18.82
CA ASN A 70 -24.98 4.62 17.60
C ASN A 70 -23.60 5.29 17.85
N ALA A 71 -22.50 4.61 17.50
CA ALA A 71 -21.15 5.20 17.65
C ALA A 71 -20.94 6.56 16.94
N CYS A 72 -21.66 6.81 15.84
CA CYS A 72 -21.53 8.08 15.07
C CYS A 72 -22.03 9.30 15.84
N LEU A 73 -22.91 9.10 16.83
CA LEU A 73 -23.41 10.24 17.57
C LEU A 73 -22.89 10.30 18.99
N ALA A 74 -22.32 9.21 19.50
CA ALA A 74 -21.88 9.19 20.90
C ALA A 74 -20.58 9.97 21.08
N PRO A 75 -20.61 11.06 21.87
CA PRO A 75 -19.32 11.71 22.12
C PRO A 75 -18.47 10.84 23.08
N ILE A 76 -17.16 10.68 22.82
CA ILE A 76 -16.27 9.95 23.75
C ILE A 76 -16.36 10.52 25.18
N CYS A 77 -16.60 11.83 25.26
CA CYS A 77 -16.77 12.55 26.54
C CYS A 77 -17.93 12.12 27.46
N THR A 78 -18.98 11.51 26.91
CA THR A 78 -20.01 10.86 27.72
C THR A 78 -19.57 9.48 28.24
N LEU A 79 -18.35 9.05 27.96
CA LEU A 79 -18.03 7.61 28.15
C LEU A 79 -17.11 7.23 29.31
N HIS A 80 -16.82 8.18 30.19
CA HIS A 80 -15.94 7.92 31.34
C HIS A 80 -16.52 6.80 32.19
N HIS A 81 -15.71 5.77 32.46
CA HIS A 81 -16.13 4.48 33.09
C HIS A 81 -17.25 3.68 32.36
N VAL A 82 -17.35 3.83 31.03
CA VAL A 82 -18.22 2.96 30.19
C VAL A 82 -17.39 1.89 29.41
N ALA A 83 -17.97 0.70 29.23
CA ALA A 83 -17.38 -0.41 28.45
C ALA A 83 -18.02 -0.52 27.06
N VAL A 84 -17.19 -0.45 26.03
CA VAL A 84 -17.61 -0.63 24.65
C VAL A 84 -17.29 -2.05 24.15
N THR A 85 -18.28 -2.72 23.56
CA THR A 85 -18.10 -3.96 22.80
C THR A 85 -18.39 -3.76 21.30
N THR A 86 -17.42 -4.12 20.44
CA THR A 86 -17.57 -4.00 18.99
C THR A 86 -17.65 -5.40 18.39
N VAL A 87 -17.85 -5.45 17.08
CA VAL A 87 -17.97 -6.76 16.40
C VAL A 87 -16.67 -7.59 16.61
N GLU A 88 -15.49 -6.95 16.62
CA GLU A 88 -14.28 -7.75 16.80
C GLU A 88 -14.17 -8.33 18.21
N GLY A 89 -14.98 -7.79 19.15
CA GLY A 89 -14.97 -8.24 20.55
C GLY A 89 -15.74 -9.54 20.82
N ILE A 90 -16.61 -9.99 19.93
CA ILE A 90 -17.40 -11.14 20.27
C ILE A 90 -16.98 -12.46 19.62
N GLY A 91 -16.06 -12.41 18.66
CA GLY A 91 -15.74 -13.59 17.83
C GLY A 91 -15.01 -13.23 16.54
N SER A 92 -14.27 -14.19 15.97
CA SER A 92 -13.37 -13.95 14.85
C SER A 92 -13.11 -15.25 14.05
N THR A 93 -12.86 -15.14 12.75
CA THR A 93 -12.51 -16.33 11.98
C THR A 93 -11.13 -16.83 12.40
N LYS A 94 -10.38 -16.03 13.17
CA LYS A 94 -9.02 -16.42 13.59
C LYS A 94 -9.03 -17.28 14.83
N THR A 95 -10.11 -17.18 15.61
CA THR A 95 -10.30 -17.95 16.84
C THR A 95 -11.58 -18.75 16.69
N ARG A 96 -12.73 -18.17 17.04
CA ARG A 96 -14.02 -18.82 16.77
C ARG A 96 -15.15 -17.79 16.65
N LEU A 97 -16.07 -17.99 15.71
CA LEU A 97 -17.20 -17.07 15.52
C LEU A 97 -18.26 -17.23 16.60
N HIS A 98 -18.86 -16.11 17.04
CA HIS A 98 -19.99 -16.14 17.98
C HIS A 98 -21.17 -16.70 17.21
N PRO A 99 -22.07 -17.45 17.89
CA PRO A 99 -23.27 -17.97 17.18
C PRO A 99 -24.06 -16.91 16.38
N VAL A 100 -24.15 -15.67 16.87
CA VAL A 100 -24.80 -14.61 16.11
C VAL A 100 -24.14 -14.49 14.73
N GLN A 101 -22.80 -14.44 14.69
CA GLN A 101 -22.03 -14.35 13.43
C GLN A 101 -22.22 -15.59 12.56
N GLU A 102 -22.07 -16.77 13.15
CA GLU A 102 -22.29 -18.01 12.41
C GLU A 102 -23.66 -18.05 11.70
N ARG A 103 -24.74 -17.77 12.43
CA ARG A 103 -26.09 -18.04 11.88
C ARG A 103 -26.42 -17.09 10.73
N ILE A 104 -26.06 -15.80 10.86
CA ILE A 104 -26.29 -14.84 9.78
C ILE A 104 -25.49 -15.20 8.51
N ALA A 105 -24.23 -15.58 8.66
CA ALA A 105 -23.40 -16.00 7.55
C ALA A 105 -23.98 -17.20 6.78
N LYS A 106 -24.27 -18.28 7.48
CA LYS A 106 -24.73 -19.53 6.87
C LYS A 106 -26.18 -19.52 6.35
N SER A 107 -27.00 -18.60 6.86
CA SER A 107 -28.38 -18.41 6.39
C SER A 107 -28.53 -17.51 5.17
N HIS A 108 -27.42 -17.12 4.56
CA HIS A 108 -27.40 -16.17 3.44
C HIS A 108 -27.99 -14.79 3.76
N GLY A 109 -27.80 -14.34 5.00
CA GLY A 109 -28.22 -13.01 5.42
C GLY A 109 -27.22 -11.91 5.21
N SER A 110 -26.10 -12.21 4.55
CA SER A 110 -25.08 -11.22 4.26
C SER A 110 -24.69 -11.28 2.78
N GLN A 111 -24.86 -10.20 2.04
CA GLN A 111 -24.48 -10.16 0.64
C GLN A 111 -23.29 -9.23 0.45
N CYS A 112 -23.50 -7.91 0.27
CA CYS A 112 -22.34 -7.02 0.18
C CYS A 112 -21.60 -6.97 1.51
N GLY A 113 -22.31 -7.21 2.61
CA GLY A 113 -21.68 -7.27 3.91
C GLY A 113 -21.45 -6.02 4.75
N PHE A 114 -21.74 -4.81 4.23
CA PHE A 114 -21.44 -3.56 4.97
C PHE A 114 -22.31 -3.29 6.21
N CYS A 115 -23.56 -3.78 6.19
CA CYS A 115 -24.48 -3.61 7.30
C CYS A 115 -24.39 -4.78 8.29
N THR A 116 -23.65 -5.82 7.96
CA THR A 116 -23.65 -7.00 8.82
C THR A 116 -23.09 -6.80 10.21
N PRO A 117 -21.90 -6.15 10.37
CA PRO A 117 -21.44 -5.88 11.74
C PRO A 117 -22.52 -5.20 12.60
N GLY A 118 -23.20 -4.17 12.08
CA GLY A 118 -24.24 -3.48 12.86
C GLY A 118 -25.48 -4.32 13.17
N ILE A 119 -25.92 -5.13 12.23
CA ILE A 119 -27.00 -6.06 12.55
C ILE A 119 -26.58 -7.09 13.64
N VAL A 120 -25.36 -7.60 13.50
CA VAL A 120 -24.75 -8.52 14.48
C VAL A 120 -24.77 -7.95 15.91
N MET A 121 -24.42 -6.66 16.05
CA MET A 121 -24.39 -6.04 17.38
C MET A 121 -25.78 -5.76 17.99
N SER A 122 -26.77 -5.55 17.14
CA SER A 122 -28.16 -5.41 17.60
C SER A 122 -28.75 -6.74 18.16
N MET A 123 -28.49 -7.85 17.47
CA MET A 123 -28.95 -9.17 17.91
C MET A 123 -28.25 -9.58 19.18
N TYR A 124 -26.96 -9.31 19.24
CA TYR A 124 -26.13 -9.69 20.37
C TYR A 124 -26.56 -8.94 21.63
N THR A 125 -26.85 -7.65 21.50
CA THR A 125 -27.32 -6.86 22.64
C THR A 125 -28.63 -7.46 23.18
N LEU A 126 -29.54 -7.79 22.27
CA LEU A 126 -30.80 -8.37 22.63
C LEU A 126 -30.57 -9.65 23.42
N LEU A 127 -29.68 -10.54 22.94
CA LEU A 127 -29.39 -11.79 23.65
C LEU A 127 -28.78 -11.61 25.04
N ARG A 128 -27.94 -10.60 25.24
CA ARG A 128 -27.34 -10.37 26.55
C ARG A 128 -28.35 -9.82 27.57
N ASN A 129 -29.44 -9.25 27.07
CA ASN A 129 -30.51 -8.72 27.93
C ASN A 129 -31.57 -9.80 28.20
N GLN A 130 -31.71 -10.70 27.23
CA GLN A 130 -32.72 -11.71 27.23
C GLN A 130 -32.25 -12.96 26.44
N PRO A 131 -31.63 -13.92 27.15
CA PRO A 131 -31.07 -15.18 26.58
C PRO A 131 -32.06 -16.01 25.78
N GLU A 132 -33.35 -15.83 26.02
CA GLU A 132 -34.35 -16.57 25.24
C GLU A 132 -35.54 -15.70 24.85
N PRO A 133 -35.40 -14.94 23.74
CA PRO A 133 -36.39 -13.93 23.37
C PRO A 133 -37.55 -14.52 22.57
N THR A 134 -38.61 -13.76 22.34
CA THR A 134 -39.68 -14.20 21.44
C THR A 134 -39.37 -13.75 20.03
N VAL A 135 -40.08 -14.32 19.06
CA VAL A 135 -40.03 -13.86 17.67
C VAL A 135 -40.24 -12.35 17.61
N GLU A 136 -41.20 -11.85 18.40
CA GLU A 136 -41.58 -10.44 18.39
C GLU A 136 -40.47 -9.49 18.84
N GLU A 137 -39.82 -9.86 19.95
CA GLU A 137 -38.68 -9.10 20.45
C GLU A 137 -37.57 -9.03 19.39
N ILE A 138 -37.36 -10.15 18.70
CA ILE A 138 -36.39 -10.29 17.60
C ILE A 138 -36.66 -9.29 16.44
N GLU A 139 -37.80 -9.39 15.75
CA GLU A 139 -38.15 -8.41 14.72
C GLU A 139 -37.91 -6.96 15.18
N ASP A 140 -38.32 -6.66 16.40
CA ASP A 140 -38.20 -5.31 16.95
C ASP A 140 -36.86 -4.73 17.25
N ALA A 141 -35.85 -5.59 17.37
CA ALA A 141 -34.50 -5.17 17.76
C ALA A 141 -33.79 -4.52 16.60
N PHE A 142 -34.48 -4.40 15.46
CA PHE A 142 -33.83 -4.01 14.23
C PHE A 142 -34.44 -2.76 13.57
N GLN A 143 -35.36 -2.07 14.22
CA GLN A 143 -35.91 -0.84 13.65
C GLN A 143 -34.87 0.20 13.27
N GLY A 144 -33.71 0.19 13.93
CA GLY A 144 -32.64 1.12 13.59
C GLY A 144 -31.54 0.56 12.69
N ASN A 145 -31.80 -0.53 11.96
CA ASN A 145 -30.75 -1.13 11.11
C ASN A 145 -31.26 -1.29 9.69
N LEU A 146 -30.62 -0.65 8.72
CA LEU A 146 -31.02 -0.75 7.30
C LEU A 146 -30.09 -1.69 6.51
N CYS A 147 -30.69 -2.51 5.65
CA CYS A 147 -29.98 -3.35 4.64
C CYS A 147 -30.58 -3.18 3.27
N ARG A 148 -29.70 -2.93 2.30
CA ARG A 148 -30.10 -2.64 0.90
C ARG A 148 -29.98 -3.82 -0.04
N CYS A 149 -29.30 -4.89 0.35
CA CYS A 149 -29.07 -6.05 -0.52
C CYS A 149 -30.11 -7.19 -0.37
N THR A 150 -30.44 -7.59 0.87
CA THR A 150 -31.09 -8.91 1.15
C THR A 150 -32.62 -9.00 1.17
N GLY A 151 -33.29 -7.87 1.28
CA GLY A 151 -34.74 -7.87 1.53
C GLY A 151 -35.15 -8.55 2.83
N TYR A 152 -34.21 -8.63 3.78
CA TYR A 152 -34.51 -9.00 5.17
C TYR A 152 -34.97 -10.45 5.54
N ARG A 153 -35.82 -11.07 4.72
CA ARG A 153 -36.34 -12.44 4.99
C ARG A 153 -35.23 -13.39 5.54
N PRO A 154 -34.04 -13.46 4.89
CA PRO A 154 -33.10 -14.50 5.34
C PRO A 154 -32.46 -14.15 6.67
N ILE A 155 -32.40 -12.87 7.03
CA ILE A 155 -31.83 -12.49 8.32
C ILE A 155 -32.78 -12.86 9.43
N LEU A 156 -34.07 -12.54 9.27
CA LEU A 156 -35.08 -12.96 10.28
C LEU A 156 -35.20 -14.49 10.43
N GLN A 157 -35.11 -15.21 9.31
CA GLN A 157 -35.27 -16.66 9.30
C GLN A 157 -34.12 -17.29 10.06
N GLY A 158 -32.92 -16.78 9.79
CA GLY A 158 -31.76 -17.21 10.49
C GLY A 158 -31.82 -16.91 11.97
N PHE A 159 -32.16 -15.68 12.36
CA PHE A 159 -32.18 -15.33 13.77
C PHE A 159 -33.40 -15.90 14.56
N ARG A 160 -34.50 -16.19 13.87
CA ARG A 160 -35.70 -16.74 14.52
C ARG A 160 -35.42 -18.13 15.18
N THR A 161 -34.30 -18.74 14.78
CA THR A 161 -33.75 -19.94 15.41
C THR A 161 -33.37 -19.80 16.91
N PHE A 162 -33.30 -18.58 17.43
CA PHE A 162 -32.98 -18.31 18.84
C PHE A 162 -34.23 -18.13 19.73
N ALA A 163 -35.43 -18.29 19.17
CA ALA A 163 -36.65 -17.96 19.89
C ALA A 163 -37.32 -19.09 20.71
N LYS A 164 -38.47 -18.68 21.32
CA LYS A 164 -39.50 -19.43 22.10
C LYS A 164 -39.27 -19.20 23.58
N PRO B 1 -16.34 10.36 43.01
CA PRO B 1 -17.13 10.77 41.82
C PRO B 1 -17.27 12.30 41.63
N LYS B 2 -16.30 12.95 40.98
CA LYS B 2 -16.27 14.42 40.91
C LYS B 2 -16.45 15.03 39.51
N GLN B 3 -16.50 16.37 39.44
CA GLN B 3 -16.62 17.08 38.17
C GLN B 3 -15.37 17.01 37.27
N LEU B 4 -15.54 16.73 35.98
CA LEU B 4 -14.41 16.52 35.06
C LEU B 4 -14.38 17.59 33.99
N ARG B 5 -13.19 17.96 33.54
CA ARG B 5 -13.04 19.01 32.51
C ARG B 5 -12.28 18.45 31.32
N PHE B 6 -12.78 18.73 30.11
CA PHE B 6 -12.07 18.37 28.88
C PHE B 6 -11.92 19.60 27.99
N GLU B 7 -10.75 19.77 27.37
CA GLU B 7 -10.41 20.94 26.53
C GLU B 7 -10.11 20.59 25.06
N GLY B 8 -10.79 21.25 24.11
CA GLY B 8 -10.60 20.93 22.69
C GLY B 8 -10.02 22.03 21.83
N GLU B 9 -10.02 21.84 20.53
CA GLU B 9 -9.58 22.92 19.63
C GLU B 9 -10.49 24.12 19.77
N ARG B 10 -11.78 23.85 20.00
CA ARG B 10 -12.82 24.87 19.93
C ARG B 10 -13.75 24.82 21.14
N VAL B 11 -13.75 23.69 21.85
CA VAL B 11 -14.80 23.41 22.84
C VAL B 11 -14.22 23.04 24.20
N THR B 12 -14.93 23.47 25.24
CA THR B 12 -14.68 23.09 26.62
C THR B 12 -15.96 22.38 27.10
N TRP B 13 -15.77 21.21 27.69
CA TRP B 13 -16.85 20.35 28.11
C TRP B 13 -16.67 20.12 29.60
N ILE B 14 -17.76 20.35 30.34
CA ILE B 14 -17.80 20.11 31.78
C ILE B 14 -18.82 19.03 32.09
N GLN B 15 -18.34 17.96 32.71
CA GLN B 15 -19.18 16.88 33.24
C GLN B 15 -19.58 17.16 34.69
N ALA B 16 -20.81 17.62 34.91
CA ALA B 16 -21.27 18.00 36.25
C ALA B 16 -21.69 16.76 37.02
N SER B 17 -21.24 16.60 38.24
CA SER B 17 -21.61 15.43 39.05
C SER B 17 -22.81 15.68 40.00
N THR B 18 -23.23 16.94 40.11
CA THR B 18 -24.13 17.39 41.18
C THR B 18 -25.09 18.48 40.69
N LEU B 19 -26.35 18.41 41.11
CA LEU B 19 -27.31 19.46 40.76
C LEU B 19 -26.71 20.87 41.03
N LYS B 20 -26.09 21.02 42.19
CA LYS B 20 -25.46 22.28 42.58
C LYS B 20 -24.43 22.73 41.59
N GLU B 21 -23.48 21.84 41.25
CA GLU B 21 -22.46 22.16 40.27
C GLU B 21 -23.10 22.76 39.02
N LEU B 22 -24.19 22.11 38.56
CA LEU B 22 -24.85 22.45 37.30
C LEU B 22 -25.43 23.86 37.35
N LEU B 23 -26.17 24.15 38.41
CA LEU B 23 -26.88 25.45 38.55
C LEU B 23 -25.94 26.64 38.71
N ASP B 24 -24.84 26.43 39.44
CA ASP B 24 -23.69 27.34 39.44
C ASP B 24 -23.14 27.62 38.02
N LEU B 25 -22.87 26.54 37.28
CA LEU B 25 -22.29 26.66 35.95
C LEU B 25 -23.21 27.38 34.99
N LYS B 26 -24.50 27.03 35.04
CA LYS B 26 -25.45 27.67 34.14
C LYS B 26 -25.62 29.16 34.51
N ALA B 27 -25.29 29.51 35.75
CA ALA B 27 -25.35 30.89 36.19
C ALA B 27 -24.16 31.69 35.68
N GLN B 28 -22.94 31.17 35.91
CA GLN B 28 -21.72 31.80 35.37
C GLN B 28 -21.69 31.84 33.85
N HIS B 29 -22.35 30.87 33.19
CA HIS B 29 -22.32 30.75 31.73
C HIS B 29 -23.71 30.47 31.12
N PRO B 30 -24.54 31.51 30.99
CA PRO B 30 -25.91 31.32 30.47
C PRO B 30 -25.99 30.86 28.99
N GLU B 31 -24.95 31.12 28.20
CA GLU B 31 -24.90 30.72 26.78
C GLU B 31 -24.42 29.25 26.56
N ALA B 32 -23.99 28.59 27.64
CA ALA B 32 -23.53 27.19 27.62
C ALA B 32 -24.63 26.21 27.24
N LYS B 33 -24.26 25.15 26.52
CA LYS B 33 -25.23 24.19 26.00
C LYS B 33 -25.27 22.90 26.84
N LEU B 34 -26.46 22.42 27.15
CA LEU B 34 -26.57 21.15 27.90
C LEU B 34 -26.48 20.05 26.86
N VAL B 35 -25.79 18.96 27.17
CA VAL B 35 -25.78 17.76 26.29
C VAL B 35 -26.00 16.49 27.12
N VAL B 36 -27.01 15.71 26.75
CA VAL B 36 -27.25 14.41 27.36
C VAL B 36 -26.95 13.37 26.28
N GLY B 37 -27.88 13.10 25.37
CA GLY B 37 -27.64 12.06 24.35
C GLY B 37 -26.86 12.48 23.09
N ASN B 38 -26.74 13.78 22.85
CA ASN B 38 -26.12 14.32 21.63
C ASN B 38 -26.87 14.05 20.31
N THR B 39 -28.07 13.45 20.37
CA THR B 39 -28.82 13.08 19.15
C THR B 39 -29.46 14.27 18.43
N GLU B 40 -29.34 15.45 19.03
CA GLU B 40 -29.76 16.68 18.37
C GLU B 40 -28.57 17.65 18.18
N ILE B 41 -27.82 17.91 19.25
CA ILE B 41 -26.65 18.80 19.21
C ILE B 41 -25.62 18.30 18.17
N GLY B 42 -25.38 17.00 18.14
CA GLY B 42 -24.48 16.38 17.16
C GLY B 42 -24.88 16.64 15.72
N ILE B 43 -26.18 16.55 15.44
CA ILE B 43 -26.74 16.89 14.14
C ILE B 43 -26.53 18.37 13.81
N GLU B 44 -26.62 19.25 14.81
CA GLU B 44 -26.50 20.70 14.57
C GLU B 44 -25.08 21.15 14.33
N MET B 45 -24.13 20.47 14.95
CA MET B 45 -22.74 20.77 14.65
C MET B 45 -22.26 20.18 13.30
N LYS B 46 -22.71 19.01 12.90
CA LYS B 46 -22.29 18.44 11.63
C LYS B 46 -22.97 19.07 10.41
N PHE B 47 -24.31 19.16 10.45
CA PHE B 47 -25.12 19.51 9.27
C PHE B 47 -25.60 20.98 9.25
N LYS B 48 -26.31 21.41 10.31
CA LYS B 48 -26.89 22.77 10.39
C LYS B 48 -25.84 23.83 10.76
N ASN B 49 -24.63 23.36 11.11
CA ASN B 49 -23.38 24.15 11.13
C ASN B 49 -22.95 24.96 12.37
N GLN B 50 -23.74 24.86 13.42
CA GLN B 50 -23.49 25.54 14.69
C GLN B 50 -22.14 25.16 15.37
N LEU B 51 -21.64 26.06 16.20
CA LEU B 51 -20.52 25.79 17.09
C LEU B 51 -20.89 26.35 18.46
N PHE B 52 -20.82 25.54 19.51
CA PHE B 52 -21.14 25.97 20.89
C PHE B 52 -19.88 25.80 21.78
N PRO B 53 -19.11 26.88 22.02
CA PRO B 53 -17.80 26.79 22.69
C PRO B 53 -17.82 26.27 24.13
N MET B 54 -19.01 26.17 24.70
CA MET B 54 -19.09 25.63 26.04
C MET B 54 -20.29 24.70 26.25
N ILE B 55 -19.97 23.45 26.57
CA ILE B 55 -20.97 22.40 26.74
C ILE B 55 -20.90 21.87 28.16
N ILE B 56 -22.06 21.54 28.73
CA ILE B 56 -22.13 20.96 30.07
C ILE B 56 -22.96 19.73 29.95
N CYS B 57 -22.50 18.65 30.58
CA CYS B 57 -23.19 17.38 30.55
C CYS B 57 -23.71 16.94 31.94
N PRO B 58 -25.04 16.97 32.11
CA PRO B 58 -25.69 16.66 33.39
C PRO B 58 -26.08 15.21 33.61
N ALA B 59 -25.75 14.30 32.70
CA ALA B 59 -26.23 12.93 32.78
C ALA B 59 -26.01 12.26 34.16
N TRP B 60 -24.86 12.49 34.77
CA TRP B 60 -24.52 11.78 36.02
C TRP B 60 -25.40 12.14 37.24
N ILE B 61 -26.04 13.31 37.20
CA ILE B 61 -26.86 13.84 38.30
C ILE B 61 -28.11 12.98 38.58
N PRO B 62 -28.28 12.52 39.84
CA PRO B 62 -29.53 11.84 40.25
C PRO B 62 -30.52 12.96 40.49
N GLU B 63 -31.84 12.78 40.32
CA GLU B 63 -32.72 13.96 40.08
C GLU B 63 -32.32 14.08 38.64
N LEU B 64 -33.20 14.41 37.71
CA LEU B 64 -32.76 14.26 36.29
C LEU B 64 -32.63 12.79 35.82
N ASN B 65 -32.41 11.84 36.72
CA ASN B 65 -32.59 10.42 36.38
C ASN B 65 -33.67 9.73 37.20
N ALA B 66 -34.26 10.46 38.14
CA ALA B 66 -35.21 9.88 39.06
C ALA B 66 -36.58 9.53 38.43
N VAL B 67 -37.16 8.40 38.85
CA VAL B 67 -38.50 7.96 38.46
C VAL B 67 -39.45 7.73 39.67
N GLU B 68 -40.40 8.63 39.87
CA GLU B 68 -41.20 8.75 41.11
C GLU B 68 -42.71 8.58 40.89
N HIS B 69 -43.38 7.84 41.76
CA HIS B 69 -44.80 7.54 41.56
C HIS B 69 -45.73 8.32 42.51
N GLY B 70 -46.00 9.60 42.26
CA GLY B 70 -46.95 10.39 43.09
C GLY B 70 -48.46 10.11 42.94
N PRO B 71 -49.30 10.84 43.70
CA PRO B 71 -50.77 10.69 43.53
C PRO B 71 -51.33 11.22 42.22
N GLU B 72 -50.72 12.26 41.66
CA GLU B 72 -51.22 12.90 40.42
C GLU B 72 -50.75 12.22 39.10
N GLY B 73 -49.63 11.51 39.15
CA GLY B 73 -49.07 10.86 37.98
C GLY B 73 -47.66 10.35 38.22
N ILE B 74 -46.93 10.12 37.14
CA ILE B 74 -45.58 9.60 37.19
C ILE B 74 -44.56 10.62 36.70
N SER B 75 -43.49 10.76 37.47
CA SER B 75 -42.47 11.79 37.27
C SER B 75 -41.14 11.17 36.77
N PHE B 76 -40.61 11.72 35.67
CA PHE B 76 -39.34 11.28 35.05
C PHE B 76 -38.31 12.40 35.08
N GLY B 77 -37.13 12.10 35.61
CA GLY B 77 -36.00 13.02 35.47
C GLY B 77 -35.79 13.38 34.00
N ALA B 78 -35.19 14.55 33.75
CA ALA B 78 -35.18 15.12 32.39
C ALA B 78 -34.19 14.42 31.47
N ALA B 79 -33.16 13.82 32.07
CA ALA B 79 -32.18 13.03 31.33
C ALA B 79 -32.56 11.54 31.18
N CYS B 80 -33.72 11.13 31.69
CA CYS B 80 -34.12 9.73 31.52
C CYS B 80 -34.22 9.43 30.03
N ALA B 81 -33.64 8.31 29.63
CA ALA B 81 -33.72 7.84 28.23
C ALA B 81 -35.16 7.43 27.78
N LEU B 82 -35.46 7.66 26.51
CA LEU B 82 -36.77 7.30 26.02
C LEU B 82 -37.15 5.83 26.28
N SER B 83 -36.20 4.90 26.20
CA SER B 83 -36.53 3.50 26.53
C SER B 83 -36.90 3.28 28.00
N SER B 84 -36.34 4.04 28.93
CA SER B 84 -36.72 3.94 30.35
C SER B 84 -38.16 4.40 30.60
N VAL B 85 -38.52 5.51 29.95
CA VAL B 85 -39.88 6.00 29.97
C VAL B 85 -40.81 4.92 29.41
N GLU B 86 -40.43 4.38 28.26
CA GLU B 86 -41.24 3.36 27.60
C GLU B 86 -41.42 2.13 28.50
N LYS B 87 -40.31 1.66 29.08
CA LYS B 87 -40.34 0.50 29.97
C LYS B 87 -41.25 0.70 31.17
N THR B 88 -41.10 1.85 31.85
CA THR B 88 -41.91 2.22 32.99
C THR B 88 -43.40 2.34 32.63
N LEU B 89 -43.68 2.98 31.50
CA LEU B 89 -45.07 3.14 31.07
C LEU B 89 -45.72 1.80 30.65
N LEU B 90 -45.00 0.91 30.00
CA LEU B 90 -45.56 -0.39 29.70
C LEU B 90 -46.01 -1.10 30.97
N GLU B 91 -45.17 -1.04 32.00
CA GLU B 91 -45.42 -1.63 33.32
C GLU B 91 -46.64 -1.05 34.03
N ALA B 92 -46.74 0.28 34.14
CA ALA B 92 -47.90 0.92 34.73
C ALA B 92 -49.20 0.45 34.02
N VAL B 93 -49.16 0.34 32.70
CA VAL B 93 -50.28 -0.10 31.87
C VAL B 93 -50.73 -1.57 32.06
N ALA B 94 -49.79 -2.46 32.33
CA ALA B 94 -50.17 -3.84 32.57
C ALA B 94 -50.67 -4.07 34.01
N LYS B 95 -50.74 -3.02 34.82
CA LYS B 95 -50.91 -3.15 36.24
C LYS B 95 -52.11 -2.38 36.76
N LEU B 96 -52.29 -1.17 36.27
CA LEU B 96 -53.34 -0.27 36.74
C LEU B 96 -54.59 -0.45 35.88
N PRO B 97 -55.77 -0.12 36.42
CA PRO B 97 -56.93 -0.24 35.53
C PRO B 97 -56.88 0.70 34.28
N THR B 98 -57.59 0.30 33.23
CA THR B 98 -57.71 1.05 31.96
C THR B 98 -58.10 2.52 32.15
N GLN B 99 -59.15 2.81 32.91
CA GLN B 99 -59.56 4.21 33.10
C GLN B 99 -58.49 5.20 33.64
N LYS B 100 -57.37 4.69 34.13
CA LYS B 100 -56.34 5.56 34.71
C LYS B 100 -55.13 5.81 33.78
N THR B 101 -55.03 5.02 32.70
CA THR B 101 -53.83 4.99 31.85
C THR B 101 -53.93 5.55 30.39
N GLU B 102 -54.97 6.37 30.14
CA GLU B 102 -55.24 6.92 28.78
C GLU B 102 -54.10 7.81 28.23
N VAL B 103 -53.54 8.66 29.08
CA VAL B 103 -52.42 9.49 28.64
C VAL B 103 -51.15 8.64 28.43
N PHE B 104 -50.97 7.64 29.28
CA PHE B 104 -49.86 6.71 29.18
C PHE B 104 -49.83 5.94 27.86
N ARG B 105 -50.99 5.41 27.44
CA ARG B 105 -51.14 4.67 26.18
C ARG B 105 -50.94 5.56 24.95
N GLY B 106 -51.27 6.84 25.08
CA GLY B 106 -51.00 7.78 24.02
C GLY B 106 -49.50 7.94 23.84
N VAL B 107 -48.77 8.15 24.95
CA VAL B 107 -47.31 8.32 24.88
C VAL B 107 -46.65 7.09 24.25
N LEU B 108 -47.07 5.90 24.68
CA LEU B 108 -46.51 4.66 24.13
C LEU B 108 -46.77 4.51 22.64
N GLU B 109 -47.95 4.93 22.18
CA GLU B 109 -48.29 4.98 20.75
C GLU B 109 -47.36 5.85 19.94
N GLN B 110 -47.04 7.04 20.45
CA GLN B 110 -46.13 7.94 19.70
C GLN B 110 -44.75 7.32 19.69
N LEU B 111 -44.44 6.57 20.75
CA LEU B 111 -43.16 5.88 20.88
C LEU B 111 -43.03 4.55 20.07
N ARG B 112 -44.11 4.07 19.45
CA ARG B 112 -44.05 2.80 18.68
C ARG B 112 -43.08 2.75 17.52
N TRP B 113 -43.36 3.45 16.45
CA TRP B 113 -42.43 3.46 15.33
C TRP B 113 -41.57 4.74 15.31
N PHE B 114 -40.89 4.98 16.42
CA PHE B 114 -40.12 6.19 16.67
C PHE B 114 -38.65 5.70 16.70
N ALA B 115 -37.93 5.77 15.59
CA ALA B 115 -36.50 5.35 15.62
C ALA B 115 -36.20 3.93 16.20
N GLY B 116 -34.95 3.49 16.17
CA GLY B 116 -34.63 2.16 16.67
C GLY B 116 -34.17 2.08 18.11
N LYS B 117 -33.80 0.90 18.60
CA LYS B 117 -33.34 0.77 19.99
C LYS B 117 -32.09 1.60 20.30
N GLN B 118 -31.13 1.64 19.34
CA GLN B 118 -29.92 2.47 19.46
C GLN B 118 -30.19 3.93 19.90
N VAL B 119 -31.11 4.61 19.22
CA VAL B 119 -31.49 6.00 19.48
C VAL B 119 -32.30 6.12 20.78
N LYS B 120 -33.26 5.21 20.97
CA LYS B 120 -34.16 5.25 22.13
C LYS B 120 -33.43 4.98 23.44
N SER B 121 -32.23 4.39 23.38
CA SER B 121 -31.42 4.13 24.57
C SER B 121 -30.58 5.31 25.03
N VAL B 122 -30.50 6.39 24.25
CA VAL B 122 -29.67 7.53 24.69
C VAL B 122 -30.43 8.85 24.59
N ALA B 123 -31.41 8.95 23.68
CA ALA B 123 -32.25 10.15 23.57
C ALA B 123 -33.04 10.43 24.88
N SER B 124 -32.79 11.60 25.48
CA SER B 124 -33.48 11.96 26.72
C SER B 124 -34.84 12.60 26.47
N LEU B 125 -35.76 12.40 27.43
CA LEU B 125 -37.08 13.06 27.46
C LEU B 125 -36.95 14.59 27.35
N GLY B 126 -36.16 15.17 28.24
CA GLY B 126 -35.95 16.62 28.36
C GLY B 126 -35.48 17.16 27.06
N GLY B 127 -34.55 16.43 26.44
CA GLY B 127 -34.04 16.73 25.11
C GLY B 127 -35.07 16.90 24.01
N ASN B 128 -36.00 15.96 23.88
CA ASN B 128 -37.09 16.11 22.91
C ASN B 128 -37.91 17.37 23.20
N ILE B 129 -38.32 17.53 24.45
CA ILE B 129 -39.12 18.67 24.83
C ILE B 129 -38.46 20.01 24.52
N ILE B 130 -37.25 20.24 25.04
CA ILE B 130 -36.57 21.52 24.88
C ILE B 130 -36.13 21.80 23.45
N THR B 131 -35.72 20.76 22.71
CA THR B 131 -35.40 20.95 21.30
C THR B 131 -36.53 21.70 20.57
N ALA B 132 -37.79 21.37 20.91
CA ALA B 132 -39.00 22.09 20.41
C ALA B 132 -39.14 22.08 18.88
N SER B 133 -38.93 20.90 18.28
CA SER B 133 -39.12 20.70 16.85
C SER B 133 -40.59 20.89 16.56
N PRO B 134 -40.91 21.59 15.45
CA PRO B 134 -42.32 21.65 14.99
C PRO B 134 -42.95 20.26 14.76
N ILE B 135 -42.12 19.26 14.54
CA ILE B 135 -42.62 17.90 14.26
C ILE B 135 -42.34 16.87 15.38
N SER B 136 -42.02 17.36 16.58
CA SER B 136 -41.86 16.49 17.74
C SER B 136 -43.20 15.74 17.98
N ASP B 137 -43.12 14.42 18.13
CA ASP B 137 -44.28 13.55 18.39
C ASP B 137 -44.70 13.49 19.86
N LEU B 138 -43.85 14.01 20.75
CA LEU B 138 -44.14 13.97 22.19
C LEU B 138 -44.82 15.27 22.74
N ASN B 139 -44.29 16.42 22.34
CA ASN B 139 -44.83 17.72 22.78
C ASN B 139 -46.34 17.93 22.54
N PRO B 140 -46.89 17.48 21.38
CA PRO B 140 -48.37 17.57 21.21
C PRO B 140 -49.19 16.76 22.23
N VAL B 141 -48.65 15.61 22.63
CA VAL B 141 -49.29 14.77 23.63
C VAL B 141 -49.20 15.42 25.03
N PHE B 142 -48.03 15.97 25.36
CA PHE B 142 -47.79 16.58 26.66
C PHE B 142 -48.62 17.84 26.83
N MET B 143 -48.75 18.62 25.77
CA MET B 143 -49.58 19.81 25.77
C MET B 143 -51.06 19.53 25.96
N ALA B 144 -51.62 18.61 25.17
CA ALA B 144 -53.03 18.22 25.29
C ALA B 144 -53.38 17.61 26.64
N SER B 145 -52.39 17.10 27.36
CA SER B 145 -52.65 16.52 28.67
C SER B 145 -52.22 17.42 29.86
N GLY B 146 -51.71 18.62 29.56
CA GLY B 146 -51.15 19.48 30.60
C GLY B 146 -50.16 18.81 31.53
N THR B 147 -49.38 17.87 30.97
CA THR B 147 -48.21 17.32 31.62
C THR B 147 -47.34 18.42 32.28
N LYS B 148 -47.02 18.23 33.57
CA LYS B 148 -46.35 19.31 34.34
C LYS B 148 -44.85 19.29 34.28
N LEU B 149 -44.27 20.47 34.08
CA LEU B 149 -42.83 20.65 33.93
C LEU B 149 -42.18 21.36 35.12
N THR B 150 -41.20 20.72 35.76
CA THR B 150 -40.47 21.40 36.82
C THR B 150 -39.17 22.04 36.30
N ILE B 151 -39.11 23.37 36.42
CA ILE B 151 -38.05 24.20 35.89
C ILE B 151 -37.36 24.92 37.05
N VAL B 152 -36.03 25.03 36.95
CA VAL B 152 -35.21 25.31 38.13
C VAL B 152 -33.95 26.07 37.72
N SER B 153 -33.56 27.05 38.55
CA SER B 153 -32.24 27.70 38.46
C SER B 153 -31.68 28.00 39.85
N ARG B 154 -30.46 28.54 39.92
CA ARG B 154 -29.91 28.98 41.19
C ARG B 154 -30.86 30.05 41.72
N GLY B 155 -31.59 29.72 42.78
CA GLY B 155 -32.61 30.62 43.31
C GLY B 155 -33.99 30.12 43.00
N THR B 156 -34.39 30.27 41.74
CA THR B 156 -35.76 29.95 41.28
C THR B 156 -36.11 28.45 41.23
N ARG B 157 -37.42 28.18 41.33
CA ARG B 157 -37.99 26.83 41.17
C ARG B 157 -39.51 26.95 40.99
N ARG B 158 -40.03 26.42 39.88
CA ARG B 158 -41.48 26.56 39.54
C ARG B 158 -42.01 25.38 38.74
N THR B 159 -43.29 25.07 38.91
CA THR B 159 -43.95 23.98 38.20
C THR B 159 -45.13 24.46 37.35
N VAL B 160 -44.98 24.49 36.04
CA VAL B 160 -46.10 24.91 35.15
C VAL B 160 -46.69 23.78 34.34
N PRO B 161 -48.03 23.73 34.22
CA PRO B 161 -48.58 22.80 33.22
C PRO B 161 -48.20 23.29 31.81
N MET B 162 -47.87 22.36 30.90
CA MET B 162 -47.62 22.72 29.51
C MET B 162 -48.95 23.11 28.85
N ASP B 163 -48.98 24.31 28.27
CA ASP B 163 -50.07 24.74 27.40
C ASP B 163 -49.48 25.51 26.23
N HIS B 164 -50.36 26.06 25.40
CA HIS B 164 -49.97 26.73 24.16
C HIS B 164 -48.84 27.77 24.32
N THR B 165 -48.75 28.41 25.49
CA THR B 165 -47.80 29.53 25.64
C THR B 165 -46.34 29.10 25.81
N PHE B 166 -46.14 27.83 26.15
CA PHE B 166 -44.80 27.32 26.38
C PHE B 166 -43.88 27.36 25.14
N PHE B 167 -44.44 27.38 23.93
CA PHE B 167 -43.63 27.54 22.71
C PHE B 167 -43.92 28.85 21.97
N PRO B 168 -43.19 29.94 22.32
CA PRO B 168 -43.50 31.30 21.83
C PRO B 168 -43.20 31.53 20.34
N SER B 169 -42.06 31.02 19.87
CA SER B 169 -41.71 31.12 18.45
C SER B 169 -40.91 29.90 17.96
N TYR B 170 -40.65 29.85 16.67
CA TYR B 170 -39.85 28.79 16.07
C TYR B 170 -38.69 28.38 16.96
N ARG B 171 -38.70 27.13 17.38
CA ARG B 171 -37.66 26.48 18.20
C ARG B 171 -37.22 27.12 19.53
N LYS B 172 -38.11 27.82 20.20
CA LYS B 172 -37.80 28.38 21.51
C LYS B 172 -38.83 27.91 22.52
N THR B 173 -38.45 27.89 23.79
CA THR B 173 -39.39 27.55 24.87
C THR B 173 -39.49 28.67 25.88
N LEU B 174 -40.55 28.72 26.68
CA LEU B 174 -40.61 29.76 27.71
C LEU B 174 -39.74 29.45 28.95
N LEU B 175 -38.42 29.37 28.75
CA LEU B 175 -37.47 29.26 29.86
C LEU B 175 -36.59 30.49 29.85
N GLY B 176 -36.09 30.89 31.02
CA GLY B 176 -35.08 31.97 31.08
C GLY B 176 -33.73 31.47 30.58
N PRO B 177 -32.78 32.36 30.34
CA PRO B 177 -31.45 31.87 29.90
C PRO B 177 -30.66 31.00 30.96
N GLU B 178 -30.93 31.21 32.26
CA GLU B 178 -30.22 30.49 33.33
C GLU B 178 -30.97 29.23 33.75
N GLU B 179 -31.98 28.81 33.00
CA GLU B 179 -32.91 27.79 33.51
C GLU B 179 -32.67 26.40 32.91
N ILE B 180 -32.95 25.35 33.68
CA ILE B 180 -32.90 23.98 33.15
C ILE B 180 -34.19 23.23 33.46
N LEU B 181 -34.53 22.25 32.62
CA LEU B 181 -35.69 21.43 32.88
C LEU B 181 -35.27 20.27 33.78
N LEU B 182 -35.90 20.18 34.95
CA LEU B 182 -35.53 19.20 35.98
C LEU B 182 -36.33 17.92 35.89
N SER B 183 -37.65 18.03 35.88
CA SER B 183 -38.48 16.83 35.79
C SER B 183 -39.83 17.09 35.11
N ILE B 184 -40.49 15.99 34.74
CA ILE B 184 -41.69 15.97 33.92
C ILE B 184 -42.67 14.97 34.54
N GLU B 185 -43.90 15.40 34.83
CA GLU B 185 -44.90 14.51 35.44
C GLU B 185 -46.01 14.25 34.45
N ILE B 186 -46.14 12.99 34.01
CA ILE B 186 -47.21 12.61 33.09
C ILE B 186 -48.39 12.18 33.96
N PRO B 187 -49.59 12.79 33.77
CA PRO B 187 -50.73 12.56 34.67
C PRO B 187 -51.49 11.24 34.44
N TYR B 188 -52.13 10.72 35.49
CA TYR B 188 -53.16 9.68 35.35
C TYR B 188 -54.39 10.33 34.73
N SER B 189 -55.20 9.56 34.01
CA SER B 189 -56.46 10.08 33.52
C SER B 189 -57.54 9.90 34.57
N ARG B 190 -58.52 10.81 34.59
CA ARG B 190 -59.59 10.77 35.59
C ARG B 190 -60.79 9.98 35.07
N GLU B 191 -61.86 9.91 35.87
CA GLU B 191 -63.10 9.30 35.41
C GLU B 191 -63.70 10.19 34.33
N ASP B 192 -64.32 9.60 33.30
CA ASP B 192 -64.92 10.35 32.17
C ASP B 192 -63.87 11.16 31.32
N GLU B 193 -62.62 10.67 31.34
CA GLU B 193 -61.51 11.29 30.61
C GLU B 193 -60.93 10.32 29.56
N PHE B 194 -60.76 10.78 28.33
CA PHE B 194 -60.32 9.89 27.25
C PHE B 194 -59.21 10.50 26.33
N PHE B 195 -58.31 9.65 25.84
CA PHE B 195 -57.15 10.17 25.12
C PHE B 195 -56.70 9.33 23.93
N SER B 196 -56.38 10.00 22.84
CA SER B 196 -55.73 9.37 21.69
C SER B 196 -54.53 10.17 21.15
N ALA B 197 -53.66 9.48 20.41
CA ALA B 197 -52.51 10.11 19.74
C ALA B 197 -52.31 9.51 18.35
N PHE B 198 -52.00 10.35 17.37
CA PHE B 198 -51.77 9.88 16.03
C PHE B 198 -50.60 10.57 15.37
N LYS B 199 -50.00 9.92 14.37
CA LYS B 199 -48.93 10.54 13.56
C LYS B 199 -48.91 10.11 12.10
N GLN B 200 -48.74 11.07 11.21
CA GLN B 200 -48.45 10.87 9.78
C GLN B 200 -47.35 9.84 9.60
N ALA B 201 -47.52 8.98 8.59
CA ALA B 201 -46.62 7.88 8.38
C ALA B 201 -45.19 8.37 8.04
N SER B 202 -44.93 8.75 6.79
CA SER B 202 -43.55 9.09 6.40
C SER B 202 -43.14 10.52 6.81
N ARG B 203 -42.45 11.25 5.93
CA ARG B 203 -41.69 12.41 6.34
C ARG B 203 -40.78 12.77 5.16
N ARG B 204 -40.67 14.07 4.87
CA ARG B 204 -40.08 14.51 3.61
C ARG B 204 -39.09 15.70 3.75
N GLU B 205 -39.34 16.60 4.70
CA GLU B 205 -38.44 17.71 4.98
C GLU B 205 -37.90 17.57 6.40
N ASP B 206 -36.91 18.39 6.76
CA ASP B 206 -36.17 18.18 8.00
C ASP B 206 -36.95 18.31 9.30
N ASP B 207 -37.45 19.49 9.60
CA ASP B 207 -38.27 19.62 10.79
C ASP B 207 -39.63 20.29 10.54
N ILE B 208 -40.19 20.12 9.35
CA ILE B 208 -41.53 20.66 9.04
C ILE B 208 -42.49 19.66 8.38
N ALA B 209 -43.78 19.97 8.47
CA ALA B 209 -44.87 19.33 7.70
C ALA B 209 -45.06 17.81 7.88
N LYS B 210 -44.98 17.30 9.09
CA LYS B 210 -45.38 15.94 9.37
C LYS B 210 -46.45 16.01 10.46
N VAL B 211 -47.70 15.69 10.12
CA VAL B 211 -48.84 15.88 11.07
C VAL B 211 -48.79 14.89 12.24
N THR B 212 -48.74 15.41 13.45
CA THR B 212 -48.71 14.58 14.64
C THR B 212 -49.57 15.24 15.73
N CYS B 213 -50.22 14.46 16.57
CA CYS B 213 -51.25 15.03 17.44
C CYS B 213 -51.61 14.35 18.78
N GLY B 214 -52.06 15.18 19.72
CA GLY B 214 -52.66 14.72 20.96
C GLY B 214 -54.08 15.20 21.15
N MET B 215 -54.94 14.32 21.64
CA MET B 215 -56.38 14.61 21.72
C MET B 215 -57.01 14.13 23.04
N ARG B 216 -57.62 15.07 23.78
CA ARG B 216 -58.21 14.82 25.09
C ARG B 216 -59.63 15.39 25.28
N VAL B 217 -60.52 14.58 25.82
CA VAL B 217 -61.86 15.03 26.19
C VAL B 217 -62.21 14.67 27.64
N LEU B 218 -62.86 15.59 28.36
CA LEU B 218 -63.38 15.32 29.71
C LEU B 218 -64.88 15.57 29.74
N PHE B 219 -65.64 14.60 30.22
CA PHE B 219 -67.10 14.72 30.28
C PHE B 219 -67.60 15.04 31.68
N GLN B 220 -68.81 15.60 31.80
CA GLN B 220 -69.49 15.71 33.10
C GLN B 220 -69.76 14.29 33.59
N PRO B 221 -69.77 14.07 34.92
CA PRO B 221 -69.88 12.71 35.53
C PRO B 221 -70.95 11.82 34.89
N GLY B 222 -70.54 10.66 34.38
CA GLY B 222 -71.48 9.67 33.85
C GLY B 222 -72.24 10.06 32.60
N SER B 223 -71.96 11.26 32.07
CA SER B 223 -72.66 11.81 30.89
C SER B 223 -71.81 11.84 29.64
N MET B 224 -72.36 12.46 28.58
CA MET B 224 -71.69 12.64 27.29
C MET B 224 -71.54 14.09 26.93
N GLN B 225 -71.43 14.93 27.95
CA GLN B 225 -71.43 16.37 27.74
C GLN B 225 -70.04 16.92 28.03
N VAL B 226 -69.48 17.57 27.01
CA VAL B 226 -68.10 18.07 27.06
C VAL B 226 -67.90 19.06 28.21
N LYS B 227 -66.84 18.86 28.98
CA LYS B 227 -66.39 19.82 29.99
C LYS B 227 -65.09 20.49 29.56
N GLU B 228 -64.11 19.68 29.15
CA GLU B 228 -62.89 20.23 28.54
C GLU B 228 -62.57 19.46 27.27
N LEU B 229 -61.96 20.16 26.31
CA LEU B 229 -61.52 19.57 25.04
C LEU B 229 -60.16 20.14 24.62
N ALA B 230 -59.29 19.29 24.10
CA ALA B 230 -57.92 19.70 23.73
C ALA B 230 -57.44 18.88 22.53
N LEU B 231 -56.99 19.62 21.52
CA LEU B 231 -56.55 19.08 20.28
C LEU B 231 -55.32 19.85 19.92
N CYS B 232 -54.16 19.22 20.05
CA CYS B 232 -52.90 19.91 19.78
C CYS B 232 -52.16 19.19 18.67
N TYR B 233 -51.51 19.96 17.79
CA TYR B 233 -50.93 19.43 16.57
C TYR B 233 -49.52 19.93 16.32
N GLY B 234 -48.68 19.03 15.81
CA GLY B 234 -47.36 19.35 15.23
C GLY B 234 -47.48 19.28 13.71
N GLY B 235 -46.47 19.79 13.02
CA GLY B 235 -46.43 19.72 11.54
C GLY B 235 -47.48 20.56 10.80
N MET B 236 -48.03 21.56 11.47
CA MET B 236 -49.00 22.44 10.85
C MET B 236 -48.60 23.91 10.96
N ALA B 237 -47.53 24.20 11.69
CA ALA B 237 -47.01 25.56 11.82
C ALA B 237 -45.50 25.50 12.03
N ASP B 238 -44.92 26.58 12.55
CA ASP B 238 -43.51 26.52 12.93
C ASP B 238 -43.32 26.08 14.40
N ARG B 239 -44.41 25.68 15.05
CA ARG B 239 -44.35 25.08 16.36
C ARG B 239 -45.60 24.25 16.68
N THR B 240 -45.58 23.56 17.83
CA THR B 240 -46.73 22.85 18.36
C THR B 240 -47.81 23.87 18.74
N ILE B 241 -49.02 23.66 18.24
CA ILE B 241 -50.11 24.60 18.41
C ILE B 241 -51.36 23.87 18.91
N SER B 242 -52.25 24.64 19.55
CA SER B 242 -53.55 24.12 20.04
C SER B 242 -54.72 24.78 19.30
N ALA B 243 -55.75 24.03 18.97
CA ALA B 243 -56.93 24.58 18.29
C ALA B 243 -57.96 25.13 19.28
N LEU B 244 -57.56 26.19 19.98
CA LEU B 244 -58.34 26.82 21.05
C LEU B 244 -59.72 27.35 20.63
N LYS B 245 -59.75 28.14 19.56
CA LYS B 245 -61.00 28.71 19.04
C LYS B 245 -62.03 27.62 18.74
N THR B 246 -61.61 26.57 18.02
CA THR B 246 -62.50 25.42 17.73
C THR B 246 -62.99 24.67 18.96
N THR B 247 -62.07 24.24 19.83
CA THR B 247 -62.46 23.49 21.04
C THR B 247 -63.26 24.29 22.09
N GLN B 248 -62.92 25.55 22.27
CA GLN B 248 -63.69 26.45 23.15
C GLN B 248 -65.21 26.45 22.79
N LYS B 249 -65.53 26.52 21.50
CA LYS B 249 -66.92 26.47 21.00
C LYS B 249 -67.73 25.21 21.28
N GLN B 250 -67.09 24.12 21.72
CA GLN B 250 -67.83 22.87 21.91
C GLN B 250 -68.20 22.64 23.35
N LEU B 251 -67.75 23.53 24.22
CA LEU B 251 -67.93 23.36 25.67
C LEU B 251 -69.42 23.38 26.04
N SER B 252 -69.88 22.29 26.67
CA SER B 252 -71.29 22.07 27.04
C SER B 252 -72.06 21.24 26.04
N LYS B 253 -71.53 21.10 24.81
CA LYS B 253 -72.23 20.38 23.75
C LYS B 253 -72.11 18.86 23.92
N PHE B 254 -73.02 18.12 23.30
CA PHE B 254 -73.06 16.66 23.39
C PHE B 254 -72.25 15.94 22.30
N TRP B 255 -71.82 14.70 22.59
CA TRP B 255 -70.95 13.97 21.66
C TRP B 255 -71.71 13.25 20.56
N ASN B 256 -72.04 13.98 19.49
CA ASN B 256 -72.86 13.43 18.38
C ASN B 256 -72.52 13.93 16.98
N GLU B 257 -73.22 13.42 15.98
CA GLU B 257 -73.01 13.76 14.57
C GLU B 257 -72.73 15.25 14.34
N LYS B 258 -73.49 16.10 15.01
CA LYS B 258 -73.35 17.55 14.89
C LYS B 258 -72.09 18.15 15.57
N LEU B 259 -71.59 17.48 16.60
CA LEU B 259 -70.32 17.89 17.17
C LEU B 259 -69.19 17.56 16.19
N LEU B 260 -69.24 16.34 15.66
CA LEU B 260 -68.34 15.90 14.60
C LEU B 260 -68.27 16.95 13.50
N GLN B 261 -69.42 17.45 13.05
CA GLN B 261 -69.33 18.42 11.98
C GLN B 261 -68.84 19.85 12.26
N ASP B 262 -69.04 20.32 13.49
CA ASP B 262 -68.53 21.64 13.85
C ASP B 262 -67.02 21.66 14.14
N VAL B 263 -66.51 20.58 14.72
CA VAL B 263 -65.06 20.49 15.00
C VAL B 263 -64.29 20.45 13.71
N CYS B 264 -64.78 19.67 12.74
CA CYS B 264 -64.23 19.62 11.37
C CYS B 264 -64.26 20.98 10.65
N ALA B 265 -65.42 21.63 10.60
CA ALA B 265 -65.54 22.99 10.09
C ALA B 265 -64.58 23.99 10.78
N GLY B 266 -64.52 23.92 12.11
CA GLY B 266 -63.57 24.70 12.92
C GLY B 266 -62.09 24.40 12.68
N LEU B 267 -61.75 23.12 12.53
CA LEU B 267 -60.38 22.72 12.18
C LEU B 267 -59.96 23.18 10.79
N ALA B 268 -60.73 22.85 9.77
CA ALA B 268 -60.51 23.27 8.39
C ALA B 268 -60.18 24.74 8.33
N GLU B 269 -60.83 25.50 9.21
CA GLU B 269 -60.79 26.96 9.27
C GLU B 269 -59.60 27.53 10.09
N GLU B 270 -59.49 27.09 11.34
CA GLU B 270 -58.43 27.55 12.24
C GLU B 270 -57.02 27.08 11.81
N LEU B 271 -56.88 25.88 11.25
CA LEU B 271 -55.54 25.37 10.90
C LEU B 271 -55.14 25.47 9.40
N SER B 272 -55.88 26.25 8.61
CA SER B 272 -55.66 26.26 7.15
C SER B 272 -54.28 26.80 6.76
N LEU B 273 -53.79 26.34 5.62
CA LEU B 273 -52.45 26.66 5.17
C LEU B 273 -52.49 27.32 3.79
N SER B 274 -51.72 28.40 3.63
CA SER B 274 -51.57 29.03 2.33
C SER B 274 -50.90 28.01 1.42
N PRO B 275 -51.19 28.09 0.10
CA PRO B 275 -50.74 27.14 -0.92
C PRO B 275 -49.23 27.06 -1.05
N ASP B 276 -48.55 28.10 -0.58
CA ASP B 276 -47.11 28.18 -0.60
C ASP B 276 -46.52 27.94 0.80
N ALA B 277 -47.24 27.24 1.67
CA ALA B 277 -46.75 27.01 3.03
C ALA B 277 -45.50 26.09 2.97
N PRO B 278 -44.47 26.35 3.82
CA PRO B 278 -43.26 25.50 3.77
C PRO B 278 -43.62 24.03 4.06
N GLY B 279 -43.00 23.11 3.33
CA GLY B 279 -43.29 21.69 3.49
C GLY B 279 -44.27 21.06 2.51
N GLY B 280 -45.08 21.90 1.86
CA GLY B 280 -46.04 21.45 0.84
C GLY B 280 -47.06 20.49 1.42
N MET B 281 -47.54 19.56 0.60
CA MET B 281 -48.55 18.56 0.99
C MET B 281 -49.84 19.16 1.57
N ILE B 282 -50.27 20.31 1.04
CA ILE B 282 -51.33 21.17 1.61
C ILE B 282 -52.69 20.52 1.85
N GLU B 283 -53.18 19.76 0.88
CA GLU B 283 -54.46 19.02 1.01
C GLU B 283 -54.41 17.77 1.94
N PHE B 284 -53.44 16.90 1.72
CA PHE B 284 -53.10 15.81 2.62
C PHE B 284 -53.07 16.25 4.10
N ARG B 285 -52.34 17.33 4.41
CA ARG B 285 -52.21 17.74 5.80
C ARG B 285 -53.57 18.11 6.39
N ARG B 286 -54.28 19.01 5.70
CA ARG B 286 -55.66 19.33 6.07
C ARG B 286 -56.52 18.08 6.27
N THR B 287 -56.49 17.17 5.30
CA THR B 287 -57.24 15.93 5.43
C THR B 287 -56.82 15.08 6.64
N LEU B 288 -55.55 15.13 7.03
CA LEU B 288 -55.13 14.32 8.17
C LEU B 288 -55.71 14.89 9.45
N THR B 289 -55.72 16.22 9.60
CA THR B 289 -56.20 16.84 10.84
C THR B 289 -57.66 16.48 11.06
N LEU B 290 -58.43 16.38 9.97
CA LEU B 290 -59.84 16.00 10.12
C LEU B 290 -60.00 14.50 10.31
N SER B 291 -59.26 13.71 9.55
CA SER B 291 -59.32 12.26 9.65
C SER B 291 -58.90 11.74 11.02
N PHE B 292 -57.79 12.27 11.58
CA PHE B 292 -57.34 11.88 12.94
C PHE B 292 -58.42 12.20 13.98
N PHE B 293 -59.12 13.34 13.82
CA PHE B 293 -60.20 13.65 14.73
C PHE B 293 -61.38 12.71 14.58
N PHE B 294 -61.71 12.35 13.34
CA PHE B 294 -62.76 11.39 13.10
C PHE B 294 -62.46 10.11 13.86
N LYS B 295 -61.22 9.64 13.81
CA LYS B 295 -60.84 8.43 14.53
C LYS B 295 -61.05 8.59 16.03
N PHE B 296 -60.53 9.68 16.58
CA PHE B 296 -60.75 10.02 17.95
C PHE B 296 -62.24 9.93 18.28
N TYR B 297 -63.06 10.66 17.52
CA TYR B 297 -64.51 10.71 17.72
C TYR B 297 -65.18 9.31 17.83
N LEU B 298 -64.89 8.41 16.89
CA LEU B 298 -65.32 7.02 17.01
C LEU B 298 -64.72 6.27 18.22
N THR B 299 -63.44 6.49 18.52
CA THR B 299 -62.77 5.75 19.60
C THR B 299 -63.43 6.06 20.95
N VAL B 300 -63.65 7.34 21.22
CA VAL B 300 -64.40 7.83 22.39
C VAL B 300 -65.79 7.18 22.49
N LEU B 301 -66.59 7.23 21.42
CA LEU B 301 -67.89 6.51 21.38
C LEU B 301 -67.83 5.01 21.77
N LYS B 302 -66.91 4.26 21.18
CA LYS B 302 -66.73 2.85 21.51
C LYS B 302 -66.41 2.67 23.01
N LYS B 303 -65.76 3.68 23.59
CA LYS B 303 -65.37 3.67 25.00
C LYS B 303 -66.49 4.17 25.93
N LEU B 304 -67.60 4.67 25.38
CA LEU B 304 -68.82 5.03 26.14
C LEU B 304 -69.92 4.03 25.77
N GLY B 305 -71.02 4.54 25.18
CA GLY B 305 -72.07 3.71 24.58
C GLY B 305 -71.57 3.04 23.31
N ASP C 1 -17.46 -30.80 -6.78
CA ASP C 1 -18.43 -30.25 -7.80
C ASP C 1 -19.67 -29.60 -7.18
N THR C 2 -19.69 -28.27 -7.11
CA THR C 2 -20.67 -27.61 -6.28
C THR C 2 -21.71 -26.87 -7.11
N VAL C 3 -21.61 -26.96 -8.44
CA VAL C 3 -22.50 -26.18 -9.29
C VAL C 3 -23.93 -26.67 -9.11
N GLY C 4 -24.81 -25.78 -8.66
CA GLY C 4 -26.19 -26.18 -8.41
C GLY C 4 -26.52 -26.37 -6.94
N ARG C 5 -25.50 -26.21 -6.07
CA ARG C 5 -25.68 -26.37 -4.63
C ARG C 5 -25.72 -25.00 -3.92
N PRO C 6 -26.50 -24.87 -2.82
CA PRO C 6 -26.62 -23.62 -2.04
C PRO C 6 -25.40 -23.25 -1.19
N LEU C 7 -24.26 -23.01 -1.84
CA LEU C 7 -23.00 -22.63 -1.19
C LEU C 7 -23.03 -21.20 -0.66
N PRO C 8 -22.80 -20.96 0.65
CA PRO C 8 -22.77 -19.54 1.13
C PRO C 8 -21.69 -18.68 0.48
N HIS C 9 -21.94 -17.37 0.40
CA HIS C 9 -21.03 -16.40 -0.21
C HIS C 9 -19.68 -16.57 0.49
N LEU C 10 -18.59 -16.64 -0.30
CA LEU C 10 -17.29 -17.03 0.25
C LEU C 10 -16.71 -16.09 1.32
N ALA C 11 -17.20 -14.86 1.37
CA ALA C 11 -16.69 -13.88 2.29
C ALA C 11 -17.67 -13.67 3.46
N ALA C 12 -18.78 -14.40 3.44
CA ALA C 12 -19.87 -14.17 4.41
C ALA C 12 -19.40 -14.18 5.88
N ALA C 13 -18.61 -15.17 6.26
CA ALA C 13 -18.11 -15.29 7.63
C ALA C 13 -17.29 -14.06 8.08
N MET C 14 -16.48 -13.51 7.18
CA MET C 14 -15.60 -12.40 7.51
C MET C 14 -16.33 -11.05 7.40
N GLN C 15 -17.42 -11.03 6.65
CA GLN C 15 -18.33 -9.89 6.69
C GLN C 15 -19.05 -9.87 8.07
N ALA C 16 -19.41 -11.05 8.56
CA ALA C 16 -20.07 -11.17 9.88
C ALA C 16 -19.16 -10.89 11.10
N SER C 17 -17.85 -11.02 10.91
CA SER C 17 -16.88 -10.74 11.99
C SER C 17 -16.21 -9.36 11.88
N GLY C 18 -16.46 -8.65 10.80
CA GLY C 18 -15.85 -7.32 10.59
C GLY C 18 -14.41 -7.38 10.15
N GLU C 19 -14.00 -8.49 9.55
CA GLU C 19 -12.62 -8.66 9.14
C GLU C 19 -12.44 -8.39 7.68
N ALA C 20 -13.53 -8.50 6.90
CA ALA C 20 -13.51 -8.12 5.49
C ALA C 20 -13.19 -6.61 5.31
N VAL C 21 -12.22 -6.32 4.42
CA VAL C 21 -11.72 -4.98 4.19
C VAL C 21 -12.49 -4.25 3.09
N TYR C 22 -13.15 -3.14 3.45
CA TYR C 22 -13.61 -2.17 2.43
C TYR C 22 -12.61 -1.01 2.29
N CYS C 23 -12.80 -0.17 1.28
CA CYS C 23 -11.83 0.83 0.95
C CYS C 23 -11.34 1.74 2.08
N ASP C 24 -12.24 2.36 2.85
CA ASP C 24 -11.80 3.20 3.99
C ASP C 24 -11.27 2.38 5.21
N ASP C 25 -11.32 1.05 5.12
CA ASP C 25 -10.79 0.18 6.18
C ASP C 25 -9.28 -0.07 5.99
N ILE C 26 -8.77 0.29 4.82
CA ILE C 26 -7.33 0.21 4.53
C ILE C 26 -6.56 1.20 5.43
N PRO C 27 -5.47 0.72 6.06
CA PRO C 27 -4.67 1.57 6.97
C PRO C 27 -4.10 2.76 6.25
N ARG C 28 -3.83 3.84 6.97
CA ARG C 28 -3.36 5.03 6.32
C ARG C 28 -1.87 5.08 6.39
N TYR C 29 -1.24 5.70 5.39
CA TYR C 29 0.19 6.03 5.47
C TYR C 29 0.42 7.10 6.53
N GLU C 30 1.62 7.17 7.09
CA GLU C 30 1.96 8.19 8.12
C GLU C 30 1.82 9.63 7.59
N ASN C 31 2.07 9.83 6.31
CA ASN C 31 1.85 11.16 5.66
C ASN C 31 0.52 11.32 4.89
N GLU C 32 -0.50 10.49 5.16
CA GLU C 32 -1.67 10.45 4.29
C GLU C 32 -2.61 11.61 4.56
N LEU C 33 -3.00 12.35 3.53
CA LEU C 33 -3.94 13.46 3.70
C LEU C 33 -5.41 13.12 3.37
N PHE C 34 -6.30 14.11 3.50
CA PHE C 34 -7.74 13.90 3.34
C PHE C 34 -8.31 15.01 2.48
N LEU C 35 -9.34 14.67 1.70
CA LEU C 35 -9.96 15.62 0.79
C LEU C 35 -11.49 15.74 1.03
N ARG C 36 -12.00 16.96 0.87
CA ARG C 36 -13.42 17.22 0.88
C ARG C 36 -13.81 18.14 -0.28
N LEU C 37 -14.80 17.72 -1.05
CA LEU C 37 -15.30 18.46 -2.20
C LEU C 37 -15.98 19.77 -1.77
N VAL C 38 -15.79 20.83 -2.56
CA VAL C 38 -16.56 22.05 -2.39
C VAL C 38 -17.50 22.14 -3.57
N THR C 39 -18.77 22.39 -3.24
CA THR C 39 -19.90 22.10 -4.13
C THR C 39 -20.79 23.34 -4.29
N SER C 40 -21.42 23.52 -5.46
CA SER C 40 -22.33 24.65 -5.73
C SER C 40 -23.57 24.72 -4.86
N THR C 41 -23.99 25.92 -4.47
CA THR C 41 -25.30 25.99 -3.83
C THR C 41 -26.37 26.62 -4.74
N ARG C 42 -26.04 26.80 -6.02
CA ARG C 42 -27.07 27.27 -6.95
C ARG C 42 -27.38 26.31 -8.06
N ALA C 43 -28.64 26.34 -8.50
CA ALA C 43 -29.06 25.61 -9.68
C ALA C 43 -28.28 25.99 -10.95
N HIS C 44 -28.15 27.29 -11.18
CA HIS C 44 -27.59 27.79 -12.42
C HIS C 44 -27.08 29.23 -12.23
N ALA C 45 -25.78 29.43 -12.42
CA ALA C 45 -25.15 30.73 -12.10
C ALA C 45 -23.73 30.88 -12.61
N LYS C 46 -23.32 32.14 -12.72
CA LYS C 46 -21.94 32.55 -12.94
C LYS C 46 -21.21 32.53 -11.57
N ILE C 47 -19.98 32.00 -11.53
CA ILE C 47 -19.18 32.07 -10.31
C ILE C 47 -18.43 33.39 -10.34
N LYS C 48 -18.73 34.26 -9.41
CA LYS C 48 -18.06 35.55 -9.46
C LYS C 48 -16.91 35.72 -8.48
N SER C 49 -16.82 34.89 -7.43
CA SER C 49 -15.59 34.81 -6.59
C SER C 49 -15.50 33.61 -5.64
N ILE C 50 -14.28 33.17 -5.33
CA ILE C 50 -14.09 32.07 -4.37
C ILE C 50 -13.08 32.53 -3.30
N ASP C 51 -13.49 32.58 -2.04
CA ASP C 51 -12.63 33.13 -1.00
C ASP C 51 -12.28 32.10 0.09
N VAL C 52 -10.97 31.93 0.28
CA VAL C 52 -10.45 30.81 1.07
C VAL C 52 -9.68 31.30 2.29
N SER C 53 -9.82 32.60 2.60
CA SER C 53 -9.14 33.23 3.75
C SER C 53 -9.51 32.69 5.15
N GLU C 54 -10.79 32.42 5.36
CA GLU C 54 -11.27 31.71 6.56
C GLU C 54 -10.84 30.22 6.61
N ALA C 55 -10.89 29.52 5.47
CA ALA C 55 -10.53 28.09 5.46
C ALA C 55 -9.05 27.92 5.82
N GLN C 56 -8.24 28.89 5.42
CA GLN C 56 -6.82 28.93 5.75
C GLN C 56 -6.52 29.04 7.24
N LYS C 57 -7.48 29.45 8.05
CA LYS C 57 -7.24 29.58 9.49
C LYS C 57 -7.41 28.27 10.20
N VAL C 58 -7.98 27.27 9.54
CA VAL C 58 -8.26 25.99 10.19
C VAL C 58 -6.98 25.16 10.40
N PRO C 59 -6.74 24.73 11.65
CA PRO C 59 -5.55 23.90 11.87
C PRO C 59 -5.57 22.69 10.93
N GLY C 60 -4.39 22.29 10.47
CA GLY C 60 -4.25 21.15 9.58
C GLY C 60 -4.56 21.48 8.14
N PHE C 61 -5.05 22.68 7.83
CA PHE C 61 -5.29 23.03 6.46
C PHE C 61 -4.04 22.86 5.60
N VAL C 62 -4.17 22.26 4.41
CA VAL C 62 -3.02 22.13 3.51
C VAL C 62 -3.20 23.01 2.28
N CYS C 63 -4.30 22.87 1.54
CA CYS C 63 -4.53 23.69 0.34
C CYS C 63 -5.95 23.54 -0.20
N PHE C 64 -6.38 24.54 -0.98
CA PHE C 64 -7.58 24.50 -1.82
C PHE C 64 -7.20 24.22 -3.27
N LEU C 65 -8.02 23.43 -3.95
CA LEU C 65 -7.75 23.01 -5.32
C LEU C 65 -8.91 23.41 -6.21
N SER C 66 -8.59 23.90 -7.40
CA SER C 66 -9.59 24.25 -8.38
C SER C 66 -9.08 24.02 -9.80
N ALA C 67 -9.92 24.32 -10.79
CA ALA C 67 -9.59 24.06 -12.22
C ALA C 67 -8.18 24.48 -12.63
N ASP C 68 -7.67 25.59 -12.11
CA ASP C 68 -6.29 26.05 -12.43
C ASP C 68 -5.12 25.15 -11.99
N ASP C 69 -5.34 24.24 -11.06
CA ASP C 69 -4.25 23.38 -10.61
C ASP C 69 -4.01 22.16 -11.52
N ILE C 70 -4.92 21.91 -12.48
CA ILE C 70 -4.94 20.70 -13.29
C ILE C 70 -3.83 20.71 -14.38
N PRO C 71 -2.92 19.73 -14.37
CA PRO C 71 -1.86 19.74 -15.39
C PRO C 71 -2.28 19.24 -16.76
N GLY C 72 -3.25 18.33 -16.81
CA GLY C 72 -3.68 17.70 -18.06
C GLY C 72 -4.89 18.29 -18.74
N SER C 73 -6.08 17.86 -18.37
CA SER C 73 -7.31 18.34 -19.00
C SER C 73 -8.36 18.42 -17.93
N ASN C 74 -9.22 19.44 -18.02
CA ASN C 74 -10.37 19.64 -17.16
C ASN C 74 -11.60 19.25 -17.95
N GLU C 75 -11.44 18.38 -18.93
CA GLU C 75 -12.58 17.89 -19.72
C GLU C 75 -12.75 16.42 -19.38
N THR C 76 -13.97 16.03 -19.04
CA THR C 76 -14.22 14.67 -18.60
C THR C 76 -15.67 14.25 -18.85
N GLY C 77 -16.01 13.07 -18.34
CA GLY C 77 -17.34 12.47 -18.54
C GLY C 77 -17.35 11.49 -19.69
N LEU C 78 -18.38 10.65 -19.75
CA LEU C 78 -18.52 9.64 -20.81
C LEU C 78 -18.59 10.26 -22.21
N PHE C 79 -19.26 11.41 -22.36
CA PHE C 79 -19.35 12.06 -23.70
C PHE C 79 -18.60 13.40 -23.72
N ASN C 80 -17.71 13.55 -22.74
CA ASN C 80 -16.81 14.71 -22.65
C ASN C 80 -17.51 16.06 -22.51
N ASP C 81 -18.69 16.04 -21.91
CA ASP C 81 -19.50 17.24 -21.71
C ASP C 81 -19.47 17.72 -20.23
N GLU C 82 -18.51 17.24 -19.44
CA GLU C 82 -18.43 17.58 -18.04
C GLU C 82 -17.06 18.20 -17.72
N THR C 83 -16.99 18.98 -16.64
CA THR C 83 -15.75 19.44 -16.09
C THR C 83 -15.47 18.61 -14.83
N VAL C 84 -14.18 18.46 -14.49
CA VAL C 84 -13.72 17.95 -13.20
C VAL C 84 -13.95 19.02 -12.12
N PHE C 85 -13.53 20.25 -12.39
CA PHE C 85 -13.87 21.38 -11.52
C PHE C 85 -14.49 22.47 -12.39
N ALA C 86 -15.66 22.96 -11.98
CA ALA C 86 -16.32 24.02 -12.74
C ALA C 86 -15.48 25.28 -12.79
N LYS C 87 -15.43 25.90 -13.97
CA LYS C 87 -14.65 27.09 -14.18
C LYS C 87 -15.40 28.41 -13.93
N ASP C 88 -16.30 28.82 -14.82
CA ASP C 88 -16.93 30.13 -14.70
C ASP C 88 -18.40 30.02 -14.29
N THR C 89 -18.97 28.87 -14.59
CA THR C 89 -20.41 28.73 -14.49
C THR C 89 -20.79 27.38 -13.86
N VAL C 90 -21.72 27.38 -12.89
CA VAL C 90 -22.25 26.13 -12.27
C VAL C 90 -23.64 25.75 -12.87
N THR C 91 -23.93 24.46 -12.98
CA THR C 91 -25.14 24.03 -13.70
C THR C 91 -26.04 23.08 -12.90
N CYS C 92 -25.76 22.95 -11.61
CA CYS C 92 -26.69 22.33 -10.65
C CYS C 92 -26.27 22.50 -9.20
N VAL C 93 -27.22 22.18 -8.33
CA VAL C 93 -26.97 22.33 -6.91
C VAL C 93 -25.76 21.54 -6.40
N GLY C 94 -25.55 20.28 -6.73
CA GLY C 94 -24.28 19.73 -6.17
C GLY C 94 -23.02 19.78 -7.03
N HIS C 95 -22.97 20.72 -7.98
CA HIS C 95 -21.89 20.82 -8.98
C HIS C 95 -20.53 21.06 -8.29
N ILE C 96 -19.51 20.28 -8.68
CA ILE C 96 -18.22 20.36 -8.02
C ILE C 96 -17.41 21.52 -8.56
N ILE C 97 -16.92 22.34 -7.65
CA ILE C 97 -16.21 23.57 -7.97
C ILE C 97 -14.73 23.48 -7.62
N GLY C 98 -14.40 22.73 -6.57
CA GLY C 98 -13.05 22.65 -6.10
C GLY C 98 -12.98 21.67 -4.97
N ALA C 99 -11.83 21.60 -4.30
CA ALA C 99 -11.72 20.74 -3.13
C ALA C 99 -10.69 21.26 -2.13
N VAL C 100 -10.92 20.95 -0.86
CA VAL C 100 -9.99 21.26 0.20
C VAL C 100 -9.22 20.00 0.63
N VAL C 101 -7.94 20.18 1.00
CA VAL C 101 -7.10 19.09 1.45
C VAL C 101 -6.57 19.49 2.80
N ALA C 102 -6.72 18.62 3.78
CA ALA C 102 -6.23 18.90 5.13
C ALA C 102 -5.68 17.61 5.77
N ASP C 103 -5.28 17.67 7.04
CA ASP C 103 -4.61 16.53 7.70
C ASP C 103 -5.53 15.54 8.43
N THR C 104 -6.82 15.86 8.59
CA THR C 104 -7.79 14.91 9.13
C THR C 104 -9.09 15.14 8.35
N PRO C 105 -9.99 14.12 8.28
CA PRO C 105 -11.28 14.40 7.63
C PRO C 105 -12.15 15.45 8.41
N GLU C 106 -12.01 15.47 9.74
CA GLU C 106 -12.63 16.48 10.61
C GLU C 106 -12.17 17.91 10.26
N HIS C 107 -10.86 18.09 10.10
CA HIS C 107 -10.35 19.36 9.61
C HIS C 107 -10.78 19.67 8.18
N ALA C 108 -10.91 18.66 7.35
CA ALA C 108 -11.33 18.92 5.96
C ALA C 108 -12.73 19.48 5.94
N GLU C 109 -13.61 18.84 6.73
CA GLU C 109 -15.02 19.17 6.83
C GLU C 109 -15.19 20.63 7.22
N ARG C 110 -14.41 21.00 8.21
CA ARG C 110 -14.51 22.28 8.86
C ARG C 110 -14.02 23.41 7.93
N ALA C 111 -12.94 23.15 7.19
CA ALA C 111 -12.43 24.12 6.24
C ALA C 111 -13.33 24.26 5.01
N ALA C 112 -13.83 23.13 4.49
CA ALA C 112 -14.77 23.18 3.34
C ALA C 112 -16.04 23.95 3.69
N HIS C 113 -16.63 23.69 4.87
CA HIS C 113 -17.84 24.40 5.18
C HIS C 113 -17.64 25.94 5.19
N VAL C 114 -16.41 26.38 5.36
CA VAL C 114 -16.16 27.80 5.52
C VAL C 114 -15.62 28.54 4.27
N VAL C 115 -15.57 27.85 3.12
CA VAL C 115 -15.22 28.46 1.82
C VAL C 115 -16.40 29.28 1.31
N LYS C 116 -16.14 30.54 0.94
CA LYS C 116 -17.19 31.47 0.53
C LYS C 116 -17.23 31.60 -0.98
N VAL C 117 -18.41 31.33 -1.54
CA VAL C 117 -18.66 31.49 -2.95
C VAL C 117 -19.65 32.64 -3.22
N THR C 118 -19.35 33.50 -4.20
CA THR C 118 -20.27 34.53 -4.64
C THR C 118 -20.76 34.19 -6.03
N TYR C 119 -22.05 34.37 -6.27
CA TYR C 119 -22.72 33.91 -7.48
C TYR C 119 -23.53 35.01 -8.14
N GLU C 120 -23.84 34.85 -9.41
CA GLU C 120 -24.87 35.66 -10.02
C GLU C 120 -25.80 34.73 -10.78
N ASP C 121 -27.05 34.68 -10.32
CA ASP C 121 -28.00 33.68 -10.79
C ASP C 121 -28.34 33.80 -12.25
N LEU C 122 -28.52 32.64 -12.88
CA LEU C 122 -29.04 32.58 -14.22
C LEU C 122 -30.38 31.83 -14.18
N PRO C 123 -31.29 32.09 -15.14
CA PRO C 123 -32.55 31.32 -15.22
C PRO C 123 -32.32 29.79 -15.42
N ALA C 124 -33.16 29.01 -14.73
CA ALA C 124 -32.94 27.59 -14.47
C ALA C 124 -34.04 26.71 -15.03
N ILE C 125 -33.68 25.49 -15.47
CA ILE C 125 -34.66 24.44 -15.86
C ILE C 125 -34.63 23.27 -14.88
N ILE C 126 -35.73 23.02 -14.18
CA ILE C 126 -35.76 21.93 -13.20
C ILE C 126 -36.62 20.73 -13.59
N THR C 127 -37.86 20.96 -14.04
CA THR C 127 -38.81 19.88 -14.22
C THR C 127 -38.82 19.40 -15.63
N ILE C 128 -39.40 18.24 -15.85
CA ILE C 128 -39.61 17.74 -17.19
C ILE C 128 -40.51 18.70 -18.01
N GLU C 129 -41.57 19.21 -17.36
CA GLU C 129 -42.48 20.20 -17.98
C GLU C 129 -41.72 21.46 -18.36
N ASP C 130 -40.80 21.95 -17.53
CA ASP C 130 -39.94 23.07 -17.95
C ASP C 130 -39.09 22.78 -19.17
N ALA C 131 -38.50 21.60 -19.23
CA ALA C 131 -37.66 21.21 -20.36
C ALA C 131 -38.45 21.15 -21.67
N ILE C 132 -39.65 20.56 -21.63
CA ILE C 132 -40.46 20.44 -22.84
C ILE C 132 -40.80 21.83 -23.38
N LYS C 133 -41.13 22.78 -22.50
CA LYS C 133 -41.63 24.08 -22.96
C LYS C 133 -40.51 24.98 -23.41
N ASN C 134 -39.30 24.76 -22.90
CA ASN C 134 -38.12 25.45 -23.39
C ASN C 134 -37.39 24.68 -24.47
N ASN C 135 -37.86 23.48 -24.77
CA ASN C 135 -37.17 22.63 -25.74
C ASN C 135 -35.69 22.26 -25.44
N SER C 136 -35.45 21.80 -24.21
CA SER C 136 -34.11 21.54 -23.70
C SER C 136 -33.77 20.02 -23.60
N PHE C 137 -33.14 19.49 -24.65
CA PHE C 137 -32.89 18.05 -24.83
C PHE C 137 -31.46 17.73 -25.25
N TYR C 138 -30.97 16.53 -24.92
CA TYR C 138 -29.73 16.02 -25.48
C TYR C 138 -30.04 15.17 -26.71
N GLY C 139 -29.41 15.51 -27.84
CA GLY C 139 -29.62 14.76 -29.06
C GLY C 139 -31.06 14.77 -29.49
N SER C 140 -31.40 13.87 -30.40
CA SER C 140 -32.67 13.94 -31.10
C SER C 140 -33.58 12.73 -30.80
N GLU C 141 -34.87 12.86 -31.09
CA GLU C 141 -35.86 11.81 -30.83
C GLU C 141 -35.47 10.35 -31.15
N LEU C 142 -35.68 9.42 -30.23
CA LEU C 142 -35.48 7.99 -30.48
C LEU C 142 -36.80 7.31 -30.79
N LYS C 143 -36.79 6.31 -31.67
CA LYS C 143 -38.04 5.69 -32.11
C LYS C 143 -37.97 4.18 -32.41
N ILE C 144 -39.07 3.47 -32.09
CA ILE C 144 -39.32 2.11 -32.59
C ILE C 144 -40.77 2.00 -33.08
N GLU C 145 -40.97 1.51 -34.30
CA GLU C 145 -42.31 1.48 -34.87
C GLU C 145 -42.62 0.26 -35.74
N LYS C 146 -43.73 -0.41 -35.44
CA LYS C 146 -44.14 -1.61 -36.17
C LYS C 146 -45.63 -1.58 -36.56
N GLY C 147 -45.92 -2.08 -37.76
CA GLY C 147 -47.30 -2.17 -38.29
C GLY C 147 -47.91 -0.85 -38.70
N ASP C 148 -49.23 -0.75 -38.64
CA ASP C 148 -49.94 0.42 -39.16
C ASP C 148 -50.82 1.06 -38.04
N LEU C 149 -50.45 2.25 -37.59
CA LEU C 149 -51.14 2.91 -36.45
C LEU C 149 -52.54 3.46 -36.75
N LYS C 150 -52.67 4.40 -37.71
CA LYS C 150 -53.91 4.56 -38.45
C LYS C 150 -54.30 3.14 -38.86
N LYS C 151 -55.54 2.74 -38.64
CA LYS C 151 -55.96 1.40 -39.07
C LYS C 151 -56.06 0.56 -37.83
N GLY C 152 -54.96 0.47 -37.10
CA GLY C 152 -55.04 -0.11 -35.77
C GLY C 152 -56.10 0.64 -34.98
N PHE C 153 -55.94 1.96 -34.89
CA PHE C 153 -56.91 2.81 -34.22
C PHE C 153 -58.29 2.83 -34.91
N SER C 154 -58.31 2.81 -36.23
CA SER C 154 -59.58 2.96 -36.93
C SER C 154 -60.44 1.71 -36.78
N GLU C 155 -59.87 0.59 -36.33
CA GLU C 155 -60.69 -0.60 -36.14
C GLU C 155 -60.87 -1.00 -34.68
N ALA C 156 -60.23 -0.26 -33.78
CA ALA C 156 -60.48 -0.40 -32.35
C ALA C 156 -61.92 -0.04 -31.94
N ASP C 157 -62.47 -0.79 -30.99
CA ASP C 157 -63.77 -0.46 -30.34
C ASP C 157 -63.68 0.69 -29.34
N ASN C 158 -62.54 0.78 -28.65
CA ASN C 158 -62.30 1.74 -27.57
C ASN C 158 -60.88 2.29 -27.60
N VAL C 159 -60.73 3.52 -27.12
CA VAL C 159 -59.45 4.22 -27.02
C VAL C 159 -59.39 4.80 -25.61
N VAL C 160 -58.21 4.86 -25.01
CA VAL C 160 -57.98 5.47 -23.70
C VAL C 160 -56.64 6.15 -23.83
N SER C 161 -56.51 7.35 -23.30
CA SER C 161 -55.24 8.04 -23.31
C SER C 161 -55.09 8.81 -22.02
N GLY C 162 -53.88 9.27 -21.71
CA GLY C 162 -53.60 9.89 -20.44
C GLY C 162 -52.12 10.19 -20.23
N GLU C 163 -51.75 10.43 -18.96
CA GLU C 163 -50.41 10.84 -18.59
C GLU C 163 -50.01 10.25 -17.24
N LEU C 164 -48.72 9.90 -17.13
CA LEU C 164 -48.24 9.11 -16.00
C LEU C 164 -46.85 9.60 -15.68
N TYR C 165 -46.55 9.73 -14.40
CA TYR C 165 -45.20 10.15 -13.96
C TYR C 165 -44.59 9.12 -13.03
N ILE C 166 -43.28 8.93 -13.12
CA ILE C 166 -42.63 8.06 -12.17
C ILE C 166 -41.38 8.71 -11.62
N GLY C 167 -41.38 8.93 -10.30
CA GLY C 167 -40.26 9.59 -9.55
C GLY C 167 -38.95 8.78 -9.63
N GLY C 168 -37.82 9.47 -9.42
CA GLY C 168 -36.48 8.87 -9.38
C GLY C 168 -36.27 8.01 -8.15
N GLN C 169 -35.00 7.72 -7.85
CA GLN C 169 -34.60 6.85 -6.75
C GLN C 169 -33.10 7.08 -6.44
N ASP C 170 -32.72 7.10 -5.16
CA ASP C 170 -31.31 7.19 -4.73
C ASP C 170 -30.80 5.79 -4.46
N HIS C 171 -29.54 5.50 -4.86
CA HIS C 171 -28.98 4.15 -4.74
C HIS C 171 -28.94 3.58 -3.29
N PHE C 172 -28.61 4.44 -2.33
CA PHE C 172 -28.43 4.07 -0.92
C PHE C 172 -27.65 2.72 -0.67
N TYR C 173 -26.56 2.51 -1.42
CA TYR C 173 -25.60 1.45 -1.10
C TYR C 173 -25.17 1.80 0.30
N LEU C 174 -25.09 0.84 1.20
CA LEU C 174 -24.66 1.17 2.55
C LEU C 174 -23.25 1.80 2.59
N GLU C 175 -22.33 1.38 1.73
CA GLU C 175 -21.06 2.13 1.63
C GLU C 175 -21.11 3.20 0.52
N THR C 176 -20.83 4.44 0.87
CA THR C 176 -20.75 5.54 -0.10
C THR C 176 -19.44 5.51 -0.96
N HIS C 177 -19.35 6.40 -1.95
CA HIS C 177 -18.14 6.56 -2.75
C HIS C 177 -16.88 6.80 -1.96
N CYS C 178 -15.77 6.35 -2.52
CA CYS C 178 -14.57 6.20 -1.75
C CYS C 178 -13.37 5.88 -2.65
N THR C 179 -12.30 6.68 -2.57
CA THR C 179 -11.03 6.44 -3.27
C THR C 179 -9.82 6.69 -2.36
N ILE C 180 -8.75 5.91 -2.54
CA ILE C 180 -7.42 6.26 -2.02
C ILE C 180 -6.49 6.31 -3.23
N ALA C 181 -5.64 7.33 -3.29
CA ALA C 181 -4.69 7.51 -4.40
C ALA C 181 -3.29 7.64 -3.84
N ILE C 182 -2.38 6.81 -4.34
CA ILE C 182 -0.98 6.79 -3.86
C ILE C 182 0.02 7.09 -4.97
N PRO C 183 0.62 8.30 -4.98
CA PRO C 183 1.61 8.72 -6.00
C PRO C 183 3.01 8.17 -5.71
N LYS C 184 3.66 7.56 -6.71
CA LYS C 184 5.00 6.99 -6.48
C LYS C 184 6.19 7.96 -6.57
N GLY C 185 6.05 9.08 -7.27
CA GLY C 185 7.18 10.01 -7.48
C GLY C 185 8.08 9.68 -8.68
N GLU C 186 7.76 8.61 -9.41
CA GLU C 186 8.47 8.19 -10.62
C GLU C 186 7.54 8.26 -11.85
N GLU C 187 7.92 9.04 -12.85
CA GLU C 187 7.33 8.88 -14.18
C GLU C 187 5.80 9.06 -14.23
N GLY C 188 5.22 9.74 -13.25
CA GLY C 188 3.78 9.89 -13.19
C GLY C 188 3.00 8.70 -12.65
N GLU C 189 3.66 7.61 -12.30
CA GLU C 189 3.03 6.42 -11.71
C GLU C 189 2.09 6.73 -10.53
N MET C 190 0.90 6.11 -10.54
CA MET C 190 -0.04 6.21 -9.41
C MET C 190 -0.87 4.90 -9.20
N GLU C 191 -1.07 4.51 -7.94
CA GLU C 191 -1.89 3.30 -7.63
C GLU C 191 -3.11 3.69 -6.81
N LEU C 192 -4.29 3.26 -7.22
CA LEU C 192 -5.52 3.69 -6.54
C LEU C 192 -6.36 2.53 -6.06
N PHE C 193 -6.89 2.66 -4.84
CA PHE C 193 -7.85 1.72 -4.30
C PHE C 193 -9.21 2.43 -4.31
N VAL C 194 -10.17 1.81 -5.01
CA VAL C 194 -11.46 2.45 -5.24
C VAL C 194 -12.71 1.57 -5.26
N SER C 195 -13.80 2.13 -4.71
CA SER C 195 -15.11 1.51 -4.65
C SER C 195 -15.85 1.82 -5.96
N THR C 196 -15.64 0.99 -6.96
CA THR C 196 -16.22 1.22 -8.30
C THR C 196 -16.51 -0.09 -9.05
N GLN C 197 -17.49 -0.03 -9.94
CA GLN C 197 -17.78 -1.14 -10.86
C GLN C 197 -17.04 -0.98 -12.20
N ASN C 198 -16.27 0.10 -12.36
CA ASN C 198 -15.68 0.41 -13.63
C ASN C 198 -14.23 0.85 -13.47
N ALA C 199 -13.37 -0.12 -13.16
CA ALA C 199 -11.95 0.13 -12.97
C ALA C 199 -11.32 0.72 -14.22
N MET C 200 -11.75 0.22 -15.39
CA MET C 200 -11.30 0.75 -16.67
C MET C 200 -11.49 2.26 -16.82
N LYS C 201 -12.71 2.79 -16.73
CA LYS C 201 -12.89 4.24 -16.94
C LYS C 201 -12.31 5.04 -15.82
N THR C 202 -12.18 4.42 -14.63
CA THR C 202 -11.48 5.13 -13.58
C THR C 202 -10.04 5.42 -14.03
N GLN C 203 -9.44 4.43 -14.65
CA GLN C 203 -8.05 4.49 -15.03
C GLN C 203 -7.84 5.48 -16.18
N SER C 204 -8.79 5.50 -17.11
CA SER C 204 -8.74 6.42 -18.24
C SER C 204 -8.93 7.85 -17.79
N PHE C 205 -9.90 8.11 -16.92
CA PHE C 205 -10.29 9.47 -16.57
C PHE C 205 -9.19 10.14 -15.71
N VAL C 206 -8.51 9.36 -14.86
CA VAL C 206 -7.40 9.90 -14.09
C VAL C 206 -6.24 10.26 -15.03
N ALA C 207 -5.94 9.36 -15.97
CA ALA C 207 -4.83 9.55 -16.88
C ALA C 207 -5.07 10.78 -17.76
N LYS C 208 -6.30 10.95 -18.21
CA LYS C 208 -6.65 12.08 -19.05
C LYS C 208 -6.45 13.37 -18.25
N MET C 209 -6.91 13.34 -16.99
CA MET C 209 -6.84 14.55 -16.21
C MET C 209 -5.36 14.91 -15.89
N LEU C 210 -4.58 13.94 -15.44
CA LEU C 210 -3.15 14.11 -15.28
C LEU C 210 -2.33 14.47 -16.55
N GLY C 211 -2.74 14.05 -17.76
CA GLY C 211 -1.91 14.25 -18.98
C GLY C 211 -0.79 13.20 -19.08
N VAL C 212 -1.16 11.95 -18.91
CA VAL C 212 -0.23 10.87 -18.67
C VAL C 212 -0.77 9.58 -19.36
N PRO C 213 0.13 8.75 -19.93
CA PRO C 213 -0.37 7.51 -20.59
C PRO C 213 -1.12 6.60 -19.62
N VAL C 214 -2.18 5.98 -20.12
CA VAL C 214 -2.99 5.03 -19.33
C VAL C 214 -2.12 3.95 -18.63
N ASN C 215 -0.95 3.64 -19.19
CA ASN C 215 -0.11 2.62 -18.60
C ASN C 215 0.57 3.02 -17.30
N ARG C 216 0.42 4.27 -16.87
CA ARG C 216 1.08 4.70 -15.64
C ARG C 216 0.17 4.47 -14.45
N ILE C 217 -1.10 4.20 -14.71
CA ILE C 217 -2.10 4.13 -13.64
C ILE C 217 -2.59 2.68 -13.34
N LEU C 218 -2.47 2.28 -12.07
CA LEU C 218 -2.99 1.02 -11.58
C LEU C 218 -4.20 1.27 -10.66
N VAL C 219 -5.35 0.63 -11.01
CA VAL C 219 -6.64 0.68 -10.25
C VAL C 219 -7.00 -0.72 -9.78
N ARG C 220 -7.19 -0.85 -8.48
CA ARG C 220 -7.44 -2.14 -7.78
C ARG C 220 -8.74 -2.04 -6.97
N VAL C 221 -9.54 -3.10 -6.99
CA VAL C 221 -10.88 -3.06 -6.40
C VAL C 221 -11.13 -4.42 -5.78
N LYS C 222 -11.20 -4.47 -4.44
CA LYS C 222 -11.38 -5.75 -3.77
C LYS C 222 -12.85 -6.12 -3.64
N ARG C 223 -13.65 -5.17 -3.21
CA ARG C 223 -15.08 -5.33 -3.04
C ARG C 223 -15.74 -3.97 -2.84
N MET C 224 -17.05 -3.94 -3.10
CA MET C 224 -17.89 -2.78 -2.86
C MET C 224 -18.93 -3.17 -1.82
N GLY C 225 -19.27 -2.26 -0.90
CA GLY C 225 -20.48 -2.42 -0.08
C GLY C 225 -21.77 -1.94 -0.79
N GLY C 226 -22.06 -2.56 -1.93
CA GLY C 226 -23.20 -2.18 -2.77
C GLY C 226 -22.77 -1.26 -3.90
N GLY C 227 -23.45 -1.38 -5.05
CA GLY C 227 -23.17 -0.61 -6.25
C GLY C 227 -24.48 -0.20 -6.91
N PHE C 228 -25.31 -1.20 -7.23
CA PHE C 228 -26.64 -1.03 -7.88
C PHE C 228 -26.65 -0.14 -9.15
N GLY C 229 -25.48 0.14 -9.72
CA GLY C 229 -25.37 0.98 -10.90
C GLY C 229 -24.83 2.38 -10.68
N GLY C 230 -24.84 2.84 -9.44
CA GLY C 230 -24.38 4.18 -9.12
C GLY C 230 -22.88 4.26 -9.02
N LYS C 231 -22.22 3.11 -9.17
CA LYS C 231 -20.77 3.06 -9.16
C LYS C 231 -20.17 2.64 -10.52
N GLU C 232 -21.01 2.70 -11.57
CA GLU C 232 -20.60 2.33 -12.94
C GLU C 232 -19.87 3.52 -13.59
N THR C 233 -20.20 4.74 -13.21
CA THR C 233 -19.49 5.88 -13.84
C THR C 233 -19.20 7.01 -12.88
N ARG C 234 -20.18 7.29 -12.01
CA ARG C 234 -20.23 8.50 -11.21
C ARG C 234 -19.23 8.49 -10.09
N SER C 235 -18.62 7.33 -9.83
CA SER C 235 -17.55 7.21 -8.84
C SER C 235 -16.30 7.98 -9.22
N THR C 236 -16.12 8.30 -10.51
CA THR C 236 -14.93 9.04 -11.00
C THR C 236 -14.90 10.51 -10.56
N LEU C 237 -16.08 11.06 -10.21
CA LEU C 237 -16.20 12.41 -9.58
C LEU C 237 -15.34 12.52 -8.33
N VAL C 238 -15.33 11.47 -7.51
CA VAL C 238 -14.51 11.46 -6.31
C VAL C 238 -13.11 10.93 -6.69
N SER C 239 -13.02 9.94 -7.57
CA SER C 239 -11.69 9.37 -7.95
C SER C 239 -10.69 10.39 -8.51
N VAL C 240 -11.19 11.27 -9.41
CA VAL C 240 -10.31 12.14 -10.17
C VAL C 240 -9.93 13.34 -9.29
N ALA C 241 -10.87 13.80 -8.50
CA ALA C 241 -10.59 14.84 -7.54
C ALA C 241 -9.45 14.38 -6.63
N VAL C 242 -9.56 13.18 -6.08
CA VAL C 242 -8.53 12.67 -5.16
C VAL C 242 -7.16 12.50 -5.88
N ALA C 243 -7.17 11.94 -7.09
CA ALA C 243 -5.93 11.75 -7.85
C ALA C 243 -5.17 13.07 -7.98
N LEU C 244 -5.86 14.17 -8.27
CA LEU C 244 -5.20 15.45 -8.45
C LEU C 244 -4.54 15.95 -7.14
N ALA C 245 -5.20 15.71 -6.00
CA ALA C 245 -4.61 16.08 -4.72
C ALA C 245 -3.32 15.29 -4.50
N ALA C 246 -3.26 14.03 -4.94
CA ALA C 246 -2.07 13.21 -4.74
C ALA C 246 -0.95 13.74 -5.61
N TYR C 247 -1.29 14.00 -6.87
CA TYR C 247 -0.36 14.57 -7.81
C TYR C 247 0.22 15.87 -7.25
N LYS C 248 -0.67 16.77 -6.85
CA LYS C 248 -0.20 18.10 -6.50
C LYS C 248 0.50 18.16 -5.15
N THR C 249 0.13 17.34 -4.18
CA THR C 249 0.85 17.43 -2.91
C THR C 249 2.06 16.48 -2.84
N GLY C 250 2.08 15.39 -3.62
CA GLY C 250 3.12 14.38 -3.50
C GLY C 250 2.90 13.45 -2.31
N HIS C 251 1.75 13.54 -1.64
CA HIS C 251 1.37 12.59 -0.56
C HIS C 251 0.25 11.63 -0.99
N PRO C 252 0.12 10.50 -0.29
CA PRO C 252 -1.14 9.76 -0.40
C PRO C 252 -2.33 10.59 0.07
N VAL C 253 -3.50 10.47 -0.58
CA VAL C 253 -4.74 11.23 -0.24
C VAL C 253 -5.96 10.32 -0.34
N ARG C 254 -6.94 10.47 0.55
CA ARG C 254 -8.20 9.70 0.46
C ARG C 254 -9.43 10.56 0.66
N CYS C 255 -10.59 10.01 0.28
CA CYS C 255 -11.88 10.62 0.57
C CYS C 255 -13.03 9.60 0.53
N MET C 256 -13.83 9.56 1.60
CA MET C 256 -15.11 8.85 1.66
C MET C 256 -16.19 9.93 1.86
N LEU C 257 -17.21 9.97 0.99
CA LEU C 257 -18.33 10.93 1.15
C LEU C 257 -19.18 10.57 2.37
N ASP C 258 -19.74 11.59 3.01
CA ASP C 258 -20.86 11.44 3.95
C ASP C 258 -22.14 11.26 3.11
N ARG C 259 -23.16 10.64 3.72
CA ARG C 259 -24.40 10.33 3.01
C ARG C 259 -24.99 11.56 2.30
N ASN C 260 -25.03 12.69 3.00
CA ASN C 260 -25.70 13.87 2.48
C ASN C 260 -24.98 14.44 1.27
N GLU C 261 -23.66 14.31 1.24
CA GLU C 261 -22.91 14.63 0.03
C GLU C 261 -23.21 13.65 -1.12
N ASP C 262 -23.35 12.37 -0.80
CA ASP C 262 -23.48 11.32 -1.82
C ASP C 262 -24.80 11.47 -2.56
N MET C 263 -25.89 11.64 -1.80
CA MET C 263 -27.22 11.82 -2.38
C MET C 263 -27.34 13.10 -3.19
N LEU C 264 -26.51 14.09 -2.91
CA LEU C 264 -26.66 15.37 -3.61
C LEU C 264 -25.87 15.39 -4.90
N ILE C 265 -24.79 14.61 -4.93
CA ILE C 265 -23.76 14.81 -5.96
C ILE C 265 -23.75 13.76 -7.07
N THR C 266 -23.97 12.50 -6.70
CA THR C 266 -23.59 11.37 -7.55
C THR C 266 -24.72 10.88 -8.45
N GLY C 267 -25.92 11.45 -8.35
CA GLY C 267 -27.00 11.11 -9.26
C GLY C 267 -27.79 9.87 -8.81
N GLY C 268 -29.01 9.74 -9.34
CA GLY C 268 -29.91 8.63 -9.02
C GLY C 268 -30.53 8.10 -10.31
N ARG C 269 -31.69 7.46 -10.16
CA ARG C 269 -32.39 6.89 -11.30
C ARG C 269 -33.18 7.95 -12.05
N HIS C 270 -33.40 7.74 -13.35
CA HIS C 270 -34.10 8.72 -14.17
C HIS C 270 -35.60 8.69 -13.88
N PRO C 271 -36.14 9.82 -13.39
CA PRO C 271 -37.58 10.07 -13.45
C PRO C 271 -38.07 10.03 -14.91
N PHE C 272 -39.30 9.54 -15.12
CA PHE C 272 -39.90 9.48 -16.43
C PHE C 272 -41.28 10.12 -16.42
N LEU C 273 -41.64 10.75 -17.54
CA LEU C 273 -42.99 11.23 -17.81
C LEU C 273 -43.46 10.53 -19.05
N ALA C 274 -44.70 10.02 -19.05
CA ALA C 274 -45.23 9.32 -20.21
C ALA C 274 -46.57 9.86 -20.67
N ARG C 275 -46.68 10.02 -22.00
CA ARG C 275 -47.96 10.35 -22.66
C ARG C 275 -48.36 9.19 -23.56
N TYR C 276 -49.55 8.65 -23.30
CA TYR C 276 -49.97 7.39 -23.93
C TYR C 276 -51.39 7.39 -24.53
N LYS C 277 -51.60 6.50 -25.50
CA LYS C 277 -52.89 6.25 -26.15
C LYS C 277 -52.93 4.75 -26.59
N VAL C 278 -53.90 3.98 -26.10
CA VAL C 278 -54.11 2.57 -26.47
C VAL C 278 -55.47 2.38 -27.06
N GLY C 279 -55.52 1.51 -28.08
CA GLY C 279 -56.72 1.16 -28.82
C GLY C 279 -56.93 -0.33 -28.69
N PHE C 280 -58.15 -0.70 -28.29
CA PHE C 280 -58.48 -2.08 -27.98
C PHE C 280 -59.93 -2.51 -28.31
N MET C 281 -60.13 -3.83 -28.30
CA MET C 281 -61.44 -4.46 -28.52
C MET C 281 -62.29 -4.55 -27.23
N LYS C 282 -63.57 -4.87 -27.41
CA LYS C 282 -64.51 -5.17 -26.32
C LYS C 282 -64.08 -6.34 -25.42
N THR C 283 -63.39 -7.31 -26.03
CA THR C 283 -62.81 -8.48 -25.38
C THR C 283 -61.59 -8.14 -24.50
N GLY C 284 -60.98 -6.98 -24.73
CA GLY C 284 -59.73 -6.63 -24.09
C GLY C 284 -58.48 -6.83 -24.94
N THR C 285 -58.60 -7.47 -26.09
CA THR C 285 -57.53 -7.60 -27.04
C THR C 285 -56.95 -6.23 -27.41
N ILE C 286 -55.62 -6.06 -27.30
CA ILE C 286 -54.94 -4.82 -27.75
C ILE C 286 -54.76 -4.78 -29.29
N VAL C 287 -54.78 -3.58 -29.86
CA VAL C 287 -54.83 -3.45 -31.31
C VAL C 287 -53.97 -2.30 -31.87
N ALA C 288 -53.66 -1.32 -31.00
CA ALA C 288 -52.76 -0.19 -31.30
C ALA C 288 -52.20 0.40 -30.01
N LEU C 289 -50.94 0.81 -30.02
CA LEU C 289 -50.38 1.55 -28.88
C LEU C 289 -49.38 2.63 -29.29
N GLU C 290 -49.45 3.76 -28.58
CA GLU C 290 -48.62 4.93 -28.87
C GLU C 290 -48.15 5.52 -27.55
N VAL C 291 -46.81 5.62 -27.42
CA VAL C 291 -46.16 6.17 -26.19
C VAL C 291 -44.95 7.09 -26.44
N ASP C 292 -45.01 8.31 -25.93
CA ASP C 292 -43.84 9.17 -25.94
C ASP C 292 -43.29 9.25 -24.52
N HIS C 293 -42.02 8.92 -24.36
CA HIS C 293 -41.36 8.93 -23.05
C HIS C 293 -40.39 10.13 -22.95
N TYR C 294 -40.38 10.77 -21.79
CA TYR C 294 -39.41 11.84 -21.48
C TYR C 294 -38.67 11.47 -20.19
N SER C 295 -37.34 11.45 -20.22
CA SER C 295 -36.60 11.19 -18.97
C SER C 295 -35.91 12.46 -18.53
N ASN C 296 -35.74 12.63 -17.22
CA ASN C 296 -35.03 13.75 -16.66
C ASN C 296 -33.58 13.39 -16.50
N ALA C 297 -32.73 13.89 -17.39
CA ALA C 297 -31.32 13.45 -17.50
C ALA C 297 -30.29 14.20 -16.62
N GLY C 298 -30.58 15.44 -16.24
CA GLY C 298 -29.65 16.23 -15.41
C GLY C 298 -28.63 16.96 -16.25
N ASN C 299 -27.48 17.34 -15.67
CA ASN C 299 -26.64 18.33 -16.35
C ASN C 299 -25.47 17.78 -17.16
N SER C 300 -25.51 16.48 -17.53
CA SER C 300 -24.60 15.87 -18.53
C SER C 300 -25.31 14.69 -19.18
N ARG C 301 -24.72 14.10 -20.21
CA ARG C 301 -25.32 12.95 -20.91
C ARG C 301 -25.21 11.64 -20.12
N ASP C 302 -23.97 11.30 -19.74
CA ASP C 302 -23.67 10.02 -19.06
C ASP C 302 -24.35 8.86 -19.83
N LEU C 303 -25.08 8.04 -19.11
CA LEU C 303 -25.65 6.79 -19.62
C LEU C 303 -27.11 6.93 -20.07
N SER C 304 -27.63 8.16 -20.01
CA SER C 304 -29.01 8.52 -20.41
C SER C 304 -29.51 7.99 -21.77
N HIS C 305 -28.69 7.99 -22.82
CA HIS C 305 -29.15 7.49 -24.14
C HIS C 305 -29.38 5.99 -24.07
N SER C 306 -28.43 5.24 -23.53
CA SER C 306 -28.59 3.78 -23.40
C SER C 306 -29.77 3.39 -22.51
N ILE C 307 -30.05 4.20 -21.48
CA ILE C 307 -31.18 3.97 -20.60
C ILE C 307 -32.50 4.12 -21.35
N MET C 308 -32.59 5.15 -22.18
CA MET C 308 -33.77 5.36 -23.01
C MET C 308 -33.91 4.23 -24.03
N GLU C 309 -32.80 3.71 -24.58
CA GLU C 309 -32.90 2.55 -25.51
C GLU C 309 -33.50 1.30 -24.80
N ARG C 310 -32.96 0.93 -23.64
CA ARG C 310 -33.52 -0.22 -22.91
C ARG C 310 -35.01 -0.05 -22.53
N ALA C 311 -35.44 1.17 -22.18
CA ALA C 311 -36.87 1.46 -21.98
C ALA C 311 -37.70 1.16 -23.24
N LEU C 312 -37.38 1.74 -24.39
CA LEU C 312 -38.18 1.48 -25.60
C LEU C 312 -38.22 -0.04 -25.91
N PHE C 313 -37.12 -0.74 -25.60
CA PHE C 313 -37.06 -2.19 -25.85
C PHE C 313 -37.98 -2.98 -24.89
N HIS C 314 -38.54 -2.29 -23.89
CA HIS C 314 -39.35 -2.98 -22.87
C HIS C 314 -40.81 -2.47 -22.74
N MET C 315 -41.20 -1.57 -23.63
CA MET C 315 -42.52 -0.97 -23.60
C MET C 315 -43.69 -1.99 -23.89
N ASP C 316 -43.33 -3.17 -24.39
CA ASP C 316 -44.29 -4.26 -24.60
C ASP C 316 -44.57 -5.17 -23.40
N ASN C 317 -43.75 -5.10 -22.35
CA ASN C 317 -43.67 -6.19 -21.35
C ASN C 317 -43.79 -7.65 -21.94
N CYS C 318 -44.89 -8.35 -21.60
CA CYS C 318 -45.14 -9.73 -22.14
C CYS C 318 -46.32 -9.80 -23.13
N TYR C 319 -46.67 -8.66 -23.71
CA TYR C 319 -47.88 -8.56 -24.54
C TYR C 319 -47.63 -8.36 -26.03
N LYS C 320 -48.28 -9.19 -26.85
CA LYS C 320 -48.25 -9.06 -28.32
C LYS C 320 -49.14 -7.89 -28.78
N ILE C 321 -48.57 -6.94 -29.53
CA ILE C 321 -49.26 -5.72 -29.97
C ILE C 321 -48.91 -5.47 -31.43
N PRO C 322 -49.86 -5.69 -32.35
CA PRO C 322 -49.53 -5.61 -33.81
C PRO C 322 -49.25 -4.23 -34.38
N ASN C 323 -49.69 -3.16 -33.72
CA ASN C 323 -49.41 -1.82 -34.24
C ASN C 323 -48.92 -0.94 -33.09
N ILE C 324 -47.71 -0.38 -33.25
CA ILE C 324 -46.97 0.19 -32.11
C ILE C 324 -45.90 1.22 -32.46
N ARG C 325 -45.89 2.33 -31.73
CA ARG C 325 -44.93 3.39 -31.95
C ARG C 325 -44.55 3.87 -30.53
N GLY C 326 -43.28 3.78 -30.19
CA GLY C 326 -42.78 4.29 -28.95
C GLY C 326 -41.69 5.28 -29.31
N THR C 327 -41.68 6.44 -28.69
CA THR C 327 -40.61 7.39 -28.89
C THR C 327 -40.08 7.81 -27.52
N GLY C 328 -38.95 8.50 -27.55
CA GLY C 328 -38.24 8.82 -26.33
C GLY C 328 -37.36 10.04 -26.49
N ARG C 329 -37.31 10.83 -25.43
CA ARG C 329 -36.58 12.10 -25.42
C ARG C 329 -35.81 12.28 -24.09
N LEU C 330 -34.60 12.84 -24.15
CA LEU C 330 -33.79 13.09 -22.95
C LEU C 330 -33.79 14.56 -22.57
N CYS C 331 -34.29 14.88 -21.38
CA CYS C 331 -34.42 16.25 -20.93
C CYS C 331 -33.14 16.74 -20.27
N LYS C 332 -32.68 17.90 -20.74
CA LYS C 332 -31.45 18.55 -20.31
C LYS C 332 -31.83 19.54 -19.21
N THR C 333 -31.43 19.27 -17.97
CA THR C 333 -31.85 20.08 -16.82
C THR C 333 -30.72 20.39 -15.86
N ASN C 334 -31.00 21.41 -15.05
CA ASN C 334 -30.08 21.89 -14.03
C ASN C 334 -30.19 21.05 -12.73
N LEU C 335 -30.02 19.73 -12.88
CA LEU C 335 -29.95 18.83 -11.76
C LEU C 335 -28.71 17.93 -11.92
N SER C 336 -28.19 17.40 -10.82
CA SER C 336 -27.16 16.40 -10.85
C SER C 336 -27.44 15.38 -11.95
N SER C 337 -26.41 14.95 -12.66
CA SER C 337 -26.52 13.96 -13.76
C SER C 337 -27.04 12.63 -13.26
N ASN C 338 -28.17 12.18 -13.82
CA ASN C 338 -28.69 10.85 -13.47
C ASN C 338 -28.03 9.79 -14.29
N THR C 339 -28.14 8.54 -13.87
CA THR C 339 -27.20 7.52 -14.30
C THR C 339 -27.80 6.10 -14.23
N ALA C 340 -26.96 5.06 -14.29
CA ALA C 340 -27.45 3.66 -14.11
C ALA C 340 -28.02 3.39 -12.72
N PHE C 341 -29.14 2.66 -12.71
CA PHE C 341 -29.76 2.11 -11.46
C PHE C 341 -30.46 0.82 -11.84
N ARG C 342 -30.18 -0.23 -11.07
CA ARG C 342 -30.66 -1.60 -11.30
C ARG C 342 -31.96 -1.69 -12.10
N GLY C 343 -31.87 -2.07 -13.39
CA GLY C 343 -33.04 -2.15 -14.28
C GLY C 343 -32.81 -1.29 -15.51
N PHE C 344 -32.28 -0.08 -15.33
CA PHE C 344 -31.68 0.68 -16.43
C PHE C 344 -32.74 1.10 -17.48
N GLY C 345 -33.75 1.86 -17.03
CA GLY C 345 -34.86 2.28 -17.89
C GLY C 345 -35.93 1.23 -18.03
N GLY C 346 -35.59 -0.05 -17.79
CA GLY C 346 -36.57 -1.15 -17.95
C GLY C 346 -37.78 -1.05 -17.03
N PRO C 347 -37.56 -0.95 -15.71
CA PRO C 347 -38.69 -0.77 -14.80
C PRO C 347 -39.58 0.43 -15.14
N GLN C 348 -39.02 1.50 -15.70
CA GLN C 348 -39.85 2.66 -16.03
C GLN C 348 -40.85 2.32 -17.15
N ALA C 349 -40.32 1.83 -18.27
CA ALA C 349 -41.16 1.43 -19.40
C ALA C 349 -42.12 0.31 -19.01
N LEU C 350 -41.67 -0.56 -18.11
CA LEU C 350 -42.51 -1.70 -17.71
C LEU C 350 -43.68 -1.23 -16.84
N PHE C 351 -43.42 -0.26 -15.96
CA PHE C 351 -44.47 0.39 -15.20
C PHE C 351 -45.53 1.13 -16.08
N ILE C 352 -45.08 1.90 -17.06
CA ILE C 352 -45.98 2.55 -18.01
C ILE C 352 -46.89 1.56 -18.74
N ALA C 353 -46.32 0.45 -19.19
CA ALA C 353 -47.12 -0.60 -19.84
C ALA C 353 -48.21 -1.23 -18.94
N GLU C 354 -47.87 -1.52 -17.68
CA GLU C 354 -48.87 -2.19 -16.84
C GLU C 354 -49.96 -1.26 -16.42
N ASN C 355 -49.66 0.03 -16.38
CA ASN C 355 -50.69 1.01 -16.11
C ASN C 355 -51.79 1.11 -17.18
N TRP C 356 -51.43 1.25 -18.46
CA TRP C 356 -52.50 1.28 -19.48
C TRP C 356 -53.25 -0.06 -19.48
N MET C 357 -52.51 -1.15 -19.28
CA MET C 357 -53.10 -2.49 -19.28
C MET C 357 -54.12 -2.60 -18.17
N SER C 358 -53.84 -2.05 -17.00
CA SER C 358 -54.84 -2.08 -15.93
C SER C 358 -56.05 -1.26 -16.34
N GLU C 359 -55.85 -0.17 -17.05
CA GLU C 359 -56.97 0.65 -17.51
C GLU C 359 -57.85 0.00 -18.59
N VAL C 360 -57.25 -0.88 -19.39
CA VAL C 360 -57.96 -1.64 -20.41
C VAL C 360 -58.95 -2.59 -19.72
N ALA C 361 -58.47 -3.33 -18.73
CA ALA C 361 -59.35 -4.21 -17.92
C ALA C 361 -60.54 -3.51 -17.25
N VAL C 362 -60.29 -2.35 -16.65
CA VAL C 362 -61.34 -1.64 -15.96
C VAL C 362 -62.36 -1.10 -16.98
N THR C 363 -61.87 -0.53 -18.09
CA THR C 363 -62.75 0.01 -19.12
C THR C 363 -63.68 -1.07 -19.68
N CYS C 364 -63.13 -2.23 -20.01
CA CYS C 364 -63.87 -3.38 -20.53
C CYS C 364 -64.74 -4.08 -19.49
N GLY C 365 -64.45 -3.83 -18.22
CA GLY C 365 -65.20 -4.44 -17.12
C GLY C 365 -64.92 -5.93 -16.98
N LEU C 366 -63.72 -6.36 -17.39
CA LEU C 366 -63.32 -7.77 -17.29
C LEU C 366 -62.30 -7.98 -16.18
N PRO C 367 -62.15 -9.22 -15.69
CA PRO C 367 -61.05 -9.39 -14.70
C PRO C 367 -59.63 -9.31 -15.28
N ALA C 368 -58.69 -8.86 -14.46
CA ALA C 368 -57.37 -8.45 -14.91
C ALA C 368 -56.50 -9.60 -15.40
N GLU C 369 -56.45 -10.69 -14.63
CA GLU C 369 -55.63 -11.85 -15.01
C GLU C 369 -56.03 -12.35 -16.37
N GLU C 370 -57.32 -12.22 -16.67
CA GLU C 370 -57.90 -12.70 -17.91
C GLU C 370 -57.45 -11.86 -19.12
N VAL C 371 -57.38 -10.54 -18.91
CA VAL C 371 -57.03 -9.57 -19.92
C VAL C 371 -55.53 -9.58 -20.18
N ARG C 372 -54.75 -9.74 -19.11
CA ARG C 372 -53.29 -9.94 -19.24
C ARG C 372 -52.96 -11.22 -20.00
N TRP C 373 -53.57 -12.32 -19.61
CA TRP C 373 -53.41 -13.60 -20.31
C TRP C 373 -53.82 -13.67 -21.82
N LYS C 374 -55.01 -13.17 -22.21
CA LYS C 374 -55.41 -13.11 -23.63
C LYS C 374 -54.33 -12.48 -24.49
N ASN C 375 -53.58 -11.53 -23.93
CA ASN C 375 -52.71 -10.62 -24.68
C ASN C 375 -51.23 -11.04 -24.71
N MET C 376 -50.89 -12.12 -24.02
CA MET C 376 -49.52 -12.65 -24.00
C MET C 376 -48.96 -13.17 -25.30
N TYR C 377 -47.67 -12.91 -25.52
CA TYR C 377 -46.94 -13.56 -26.58
C TYR C 377 -47.05 -15.08 -26.41
N LYS C 378 -46.86 -15.82 -27.51
CA LYS C 378 -46.84 -17.28 -27.45
C LYS C 378 -45.42 -17.63 -27.85
N GLU C 379 -44.96 -18.83 -27.47
CA GLU C 379 -43.68 -19.37 -27.96
C GLU C 379 -43.47 -19.12 -29.48
N GLY C 380 -42.36 -18.47 -29.83
CA GLY C 380 -41.98 -18.28 -31.21
C GLY C 380 -42.40 -16.97 -31.83
N ASP C 381 -43.15 -16.15 -31.12
CA ASP C 381 -43.50 -14.78 -31.56
C ASP C 381 -42.28 -13.85 -31.70
N LEU C 382 -42.43 -12.82 -32.53
CA LEU C 382 -41.51 -11.68 -32.58
C LEU C 382 -41.98 -10.54 -31.67
N THR C 383 -41.02 -9.75 -31.17
CA THR C 383 -41.29 -8.54 -30.40
C THR C 383 -41.51 -7.33 -31.33
N HIS C 384 -41.82 -6.17 -30.78
CA HIS C 384 -41.99 -4.97 -31.59
C HIS C 384 -40.70 -4.59 -32.29
N PHE C 385 -39.56 -5.11 -31.80
CA PHE C 385 -38.26 -4.90 -32.45
C PHE C 385 -37.76 -6.16 -33.22
N ASN C 386 -38.73 -6.98 -33.64
CA ASN C 386 -38.55 -8.17 -34.48
C ASN C 386 -37.55 -9.25 -33.98
N GLN C 387 -37.42 -9.40 -32.66
CA GLN C 387 -36.69 -10.55 -32.11
C GLN C 387 -37.58 -11.68 -31.66
N ARG C 388 -37.14 -12.87 -32.04
CA ARG C 388 -37.84 -14.11 -31.80
C ARG C 388 -37.78 -14.51 -30.32
N LEU C 389 -38.90 -14.93 -29.75
CA LEU C 389 -38.90 -15.34 -28.36
C LEU C 389 -38.77 -16.84 -28.29
N GLU C 390 -37.58 -17.34 -28.01
CA GLU C 390 -37.45 -18.80 -27.88
C GLU C 390 -37.32 -19.23 -26.42
N GLY C 391 -37.98 -20.33 -26.05
CA GLY C 391 -37.96 -20.77 -24.68
C GLY C 391 -38.67 -19.75 -23.78
N PHE C 392 -39.81 -19.25 -24.29
CA PHE C 392 -40.62 -18.22 -23.63
C PHE C 392 -41.45 -18.86 -22.52
N SER C 393 -41.03 -18.72 -21.26
CA SER C 393 -41.57 -19.56 -20.21
C SER C 393 -42.51 -18.84 -19.25
N VAL C 394 -42.94 -17.63 -19.62
CA VAL C 394 -43.92 -16.88 -18.82
C VAL C 394 -45.22 -17.66 -18.59
N PRO C 395 -45.80 -18.32 -19.63
CA PRO C 395 -47.00 -19.15 -19.37
C PRO C 395 -46.90 -20.16 -18.19
N ARG C 396 -45.87 -21.00 -18.18
CA ARG C 396 -45.50 -21.84 -16.99
C ARG C 396 -45.39 -21.09 -15.63
N CYS C 397 -44.62 -20.01 -15.62
CA CYS C 397 -44.47 -19.17 -14.43
C CYS C 397 -45.81 -18.69 -13.91
N TRP C 398 -46.63 -18.16 -14.84
CA TRP C 398 -47.97 -17.65 -14.57
C TRP C 398 -48.80 -18.73 -13.91
N ASP C 399 -48.85 -19.88 -14.56
CA ASP C 399 -49.66 -21.01 -14.13
C ASP C 399 -49.32 -21.56 -12.74
N GLU C 400 -48.04 -21.71 -12.45
CA GLU C 400 -47.60 -22.21 -11.16
C GLU C 400 -47.79 -21.18 -10.06
N CYS C 401 -47.62 -19.90 -10.41
CA CYS C 401 -47.88 -18.82 -9.46
C CYS C 401 -49.37 -18.75 -9.07
N LEU C 402 -50.28 -18.88 -10.04
CA LEU C 402 -51.72 -18.90 -9.74
C LEU C 402 -52.05 -20.00 -8.77
N LYS C 403 -51.43 -21.16 -8.95
CA LYS C 403 -51.81 -22.36 -8.19
C LYS C 403 -51.26 -22.35 -6.77
N SER C 404 -50.00 -21.99 -6.62
CA SER C 404 -49.36 -22.04 -5.31
C SER C 404 -49.63 -20.79 -4.44
N SER C 405 -50.09 -19.72 -5.06
CA SER C 405 -50.51 -18.52 -4.32
C SER C 405 -51.99 -18.60 -3.90
N GLN C 406 -52.70 -19.59 -4.47
CA GLN C 406 -54.15 -19.80 -4.36
C GLN C 406 -54.93 -18.55 -4.75
N TYR C 407 -54.55 -17.98 -5.89
CA TYR C 407 -55.06 -16.72 -6.40
C TYR C 407 -56.58 -16.58 -6.36
N TYR C 408 -57.30 -17.52 -6.97
CA TYR C 408 -58.77 -17.37 -7.06
C TYR C 408 -59.50 -17.55 -5.72
N ALA C 409 -59.11 -18.49 -4.90
CA ALA C 409 -59.63 -18.58 -3.52
C ALA C 409 -59.43 -17.26 -2.72
N ARG C 410 -58.19 -16.80 -2.69
CA ARG C 410 -57.84 -15.55 -2.02
C ARG C 410 -58.55 -14.32 -2.59
N LYS C 411 -58.88 -14.31 -3.89
CA LYS C 411 -59.70 -13.25 -4.46
C LYS C 411 -61.10 -13.12 -3.81
N SER C 412 -61.78 -14.24 -3.56
CA SER C 412 -63.07 -14.22 -2.84
C SER C 412 -62.93 -13.56 -1.49
N GLU C 413 -61.85 -13.89 -0.79
CA GLU C 413 -61.63 -13.36 0.53
C GLU C 413 -61.54 -11.87 0.53
N VAL C 414 -60.92 -11.34 -0.52
CA VAL C 414 -60.67 -9.91 -0.64
C VAL C 414 -61.98 -9.18 -0.82
N ASP C 415 -62.82 -9.61 -1.77
CA ASP C 415 -64.20 -9.10 -1.93
C ASP C 415 -65.03 -9.18 -0.64
N LYS C 416 -64.97 -10.33 0.03
CA LYS C 416 -65.64 -10.50 1.30
C LYS C 416 -65.16 -9.47 2.34
N PHE C 417 -63.84 -9.29 2.46
CA PHE C 417 -63.27 -8.30 3.35
C PHE C 417 -63.73 -6.87 3.02
N ASN C 418 -63.87 -6.56 1.73
CA ASN C 418 -64.33 -5.24 1.29
C ASN C 418 -65.82 -4.99 1.45
N LYS C 419 -66.62 -6.05 1.49
CA LYS C 419 -68.07 -5.94 1.77
C LYS C 419 -68.33 -5.66 3.24
N GLU C 420 -67.44 -6.11 4.12
CA GLU C 420 -67.64 -6.05 5.56
C GLU C 420 -66.91 -4.90 6.21
N ASN C 421 -66.04 -4.21 5.45
CA ASN C 421 -65.17 -3.16 6.01
C ASN C 421 -65.31 -1.82 5.33
N CYS C 422 -65.33 -0.79 6.15
CA CYS C 422 -65.73 0.52 5.70
C CYS C 422 -64.56 1.48 5.48
N TRP C 423 -63.65 1.56 6.44
CA TRP C 423 -62.55 2.50 6.38
C TRP C 423 -61.17 1.84 6.15
N LYS C 424 -61.19 0.57 5.74
CA LYS C 424 -60.00 -0.23 5.45
C LYS C 424 -60.40 -1.04 4.21
N LYS C 425 -59.47 -1.30 3.30
CA LYS C 425 -59.78 -2.11 2.11
C LYS C 425 -58.58 -2.93 1.75
N ARG C 426 -58.82 -4.02 1.04
CA ARG C 426 -57.76 -4.94 0.59
C ARG C 426 -57.70 -5.01 -0.95
N GLY C 427 -56.52 -5.29 -1.49
CA GLY C 427 -56.31 -5.41 -2.92
C GLY C 427 -55.37 -6.54 -3.20
N LEU C 428 -55.52 -7.13 -4.39
CA LEU C 428 -54.74 -8.30 -4.85
C LEU C 428 -54.48 -8.26 -6.37
N CYS C 429 -53.22 -8.38 -6.75
CA CYS C 429 -52.88 -8.25 -8.16
C CYS C 429 -51.84 -9.27 -8.63
N ILE C 430 -51.84 -9.62 -9.91
CA ILE C 430 -50.81 -10.55 -10.39
C ILE C 430 -50.14 -10.08 -11.71
N ILE C 431 -48.80 -10.06 -11.69
CA ILE C 431 -48.02 -9.35 -12.72
C ILE C 431 -46.85 -10.18 -13.31
N PRO C 432 -46.71 -10.21 -14.66
CA PRO C 432 -45.62 -10.87 -15.40
C PRO C 432 -44.42 -9.94 -15.72
N THR C 433 -43.30 -10.52 -16.12
CA THR C 433 -42.19 -9.69 -16.65
C THR C 433 -41.20 -10.45 -17.52
N LYS C 434 -40.58 -9.70 -18.43
CA LYS C 434 -39.47 -10.22 -19.23
C LYS C 434 -38.36 -9.18 -19.26
N PHE C 435 -37.11 -9.62 -19.39
CA PHE C 435 -35.99 -8.68 -19.33
C PHE C 435 -34.87 -9.11 -20.26
N GLY C 436 -34.53 -8.27 -21.24
CA GLY C 436 -33.50 -8.60 -22.21
C GLY C 436 -32.10 -8.66 -21.60
N ILE C 437 -31.31 -9.68 -21.98
CA ILE C 437 -29.97 -9.89 -21.41
C ILE C 437 -28.84 -9.62 -22.39
N SER C 438 -28.01 -8.63 -22.06
CA SER C 438 -26.91 -8.07 -22.89
C SER C 438 -26.81 -6.57 -22.74
N PHE C 439 -25.62 -5.99 -22.88
CA PHE C 439 -25.52 -4.52 -23.06
C PHE C 439 -26.13 -4.16 -24.42
N THR C 440 -26.95 -3.11 -24.48
CA THR C 440 -27.50 -2.67 -25.78
C THR C 440 -26.42 -2.07 -26.68
N VAL C 441 -25.25 -1.72 -26.12
CA VAL C 441 -24.04 -1.35 -26.88
C VAL C 441 -23.19 -2.63 -27.21
N PRO C 442 -23.18 -3.09 -28.49
CA PRO C 442 -22.55 -4.40 -28.78
C PRO C 442 -21.10 -4.63 -28.27
N PHE C 443 -20.23 -3.63 -28.31
CA PHE C 443 -18.81 -3.82 -27.95
C PHE C 443 -18.51 -4.06 -26.45
N LEU C 444 -19.48 -3.80 -25.57
CA LEU C 444 -19.26 -4.05 -24.15
C LEU C 444 -19.40 -5.56 -23.87
N ASN C 445 -20.00 -6.32 -24.78
CA ASN C 445 -20.20 -7.76 -24.51
C ASN C 445 -18.96 -8.57 -24.81
N GLN C 446 -17.96 -8.34 -23.97
CA GLN C 446 -16.65 -8.99 -24.05
C GLN C 446 -16.15 -9.16 -22.63
N ALA C 447 -15.28 -10.15 -22.40
CA ALA C 447 -14.76 -10.47 -21.08
C ALA C 447 -13.49 -11.32 -21.13
N GLY C 448 -12.60 -11.02 -20.18
CA GLY C 448 -11.29 -11.65 -20.06
C GLY C 448 -11.00 -12.24 -18.69
N ALA C 449 -10.22 -13.32 -18.66
CA ALA C 449 -9.73 -13.86 -17.40
C ALA C 449 -8.23 -14.16 -17.48
N LEU C 450 -7.60 -14.30 -16.32
CA LEU C 450 -6.20 -14.68 -16.24
C LEU C 450 -6.08 -15.68 -15.09
N ILE C 451 -5.59 -16.87 -15.40
CA ILE C 451 -5.42 -17.92 -14.38
C ILE C 451 -3.93 -18.37 -14.25
N HIS C 452 -3.41 -18.39 -12.99
CA HIS C 452 -2.14 -19.07 -12.67
C HIS C 452 -2.36 -20.32 -11.82
N VAL C 453 -1.62 -21.39 -12.10
CA VAL C 453 -1.51 -22.53 -11.20
C VAL C 453 -0.08 -22.60 -10.67
N TYR C 454 0.05 -22.53 -9.36
CA TYR C 454 1.35 -22.50 -8.70
C TYR C 454 1.85 -23.92 -8.46
N THR C 455 3.12 -24.06 -8.13
CA THR C 455 3.75 -25.39 -8.04
C THR C 455 3.22 -26.22 -6.89
N ASP C 456 2.54 -25.61 -5.91
CA ASP C 456 1.88 -26.43 -4.86
C ASP C 456 0.50 -26.92 -5.33
N GLY C 457 0.12 -26.51 -6.55
CA GLY C 457 -1.15 -26.91 -7.13
C GLY C 457 -2.32 -26.01 -6.79
N SER C 458 -2.11 -24.95 -5.98
CA SER C 458 -3.15 -23.96 -5.74
C SER C 458 -3.26 -23.06 -6.96
N VAL C 459 -4.46 -22.56 -7.19
CA VAL C 459 -4.82 -21.76 -8.35
C VAL C 459 -5.28 -20.33 -7.93
N LEU C 460 -4.76 -19.32 -8.65
CA LEU C 460 -5.21 -17.92 -8.53
C LEU C 460 -5.94 -17.57 -9.84
N VAL C 461 -7.24 -17.27 -9.70
CA VAL C 461 -8.13 -16.78 -10.76
C VAL C 461 -8.33 -15.31 -10.62
N SER C 462 -8.33 -14.62 -11.76
CA SER C 462 -8.61 -13.19 -11.83
C SER C 462 -9.46 -12.96 -13.07
N HIS C 463 -10.45 -12.06 -12.99
CA HIS C 463 -11.32 -11.72 -14.13
C HIS C 463 -11.74 -10.25 -14.10
N GLY C 464 -12.31 -9.74 -15.20
CA GLY C 464 -12.69 -8.31 -15.28
C GLY C 464 -13.82 -7.82 -14.37
N GLY C 465 -14.56 -8.76 -13.77
CA GLY C 465 -15.66 -8.44 -12.88
C GLY C 465 -15.31 -8.11 -11.44
N THR C 466 -16.13 -7.23 -10.86
CA THR C 466 -16.10 -6.84 -9.42
C THR C 466 -17.24 -7.47 -8.53
N GLU C 467 -16.88 -7.74 -7.28
CA GLU C 467 -17.83 -8.12 -6.22
C GLU C 467 -18.47 -6.86 -5.55
N MET C 468 -19.80 -6.91 -5.41
CA MET C 468 -20.55 -5.84 -4.76
C MET C 468 -21.67 -6.44 -3.92
N GLY C 469 -21.54 -7.72 -3.57
CA GLY C 469 -22.53 -8.47 -2.80
C GLY C 469 -23.35 -9.51 -3.56
N GLN C 470 -23.26 -9.51 -4.89
CA GLN C 470 -24.08 -10.38 -5.74
C GLN C 470 -23.54 -11.81 -5.77
N GLY C 471 -22.32 -12.03 -5.23
CA GLY C 471 -21.70 -13.36 -5.25
C GLY C 471 -20.98 -13.76 -6.54
N LEU C 472 -20.45 -12.80 -7.26
CA LEU C 472 -19.84 -13.11 -8.53
C LEU C 472 -18.64 -14.05 -8.35
N HIS C 473 -17.69 -13.65 -7.49
CA HIS C 473 -16.51 -14.49 -7.15
C HIS C 473 -16.86 -15.94 -6.66
N THR C 474 -17.76 -16.05 -5.69
CA THR C 474 -18.31 -17.33 -5.31
C THR C 474 -18.69 -18.13 -6.58
N LYS C 475 -19.46 -17.55 -7.51
CA LYS C 475 -19.87 -18.32 -8.68
C LYS C 475 -18.71 -18.69 -9.60
N MET C 476 -17.74 -17.79 -9.77
CA MET C 476 -16.58 -18.08 -10.62
C MET C 476 -15.72 -19.21 -10.06
N VAL C 477 -15.61 -19.23 -8.72
CA VAL C 477 -14.91 -20.29 -8.04
C VAL C 477 -15.64 -21.63 -8.24
N GLN C 478 -16.97 -21.65 -8.14
CA GLN C 478 -17.76 -22.89 -8.39
C GLN C 478 -17.57 -23.36 -9.81
N VAL C 479 -17.57 -22.44 -10.78
CA VAL C 479 -17.28 -22.74 -12.21
C VAL C 479 -15.90 -23.39 -12.46
N ALA C 480 -14.85 -22.70 -11.98
CA ALA C 480 -13.47 -23.16 -12.10
C ALA C 480 -13.28 -24.58 -11.54
N SER C 481 -13.82 -24.80 -10.34
CA SER C 481 -13.78 -26.08 -9.64
C SER C 481 -14.42 -27.25 -10.42
N LYS C 482 -15.61 -27.04 -10.98
CA LYS C 482 -16.21 -28.03 -11.85
C LYS C 482 -15.42 -28.23 -13.17
N ALA C 483 -15.03 -27.14 -13.85
CA ALA C 483 -14.20 -27.19 -15.07
C ALA C 483 -12.87 -27.92 -14.92
N LEU C 484 -12.13 -27.67 -13.84
CA LEU C 484 -10.82 -28.30 -13.60
C LEU C 484 -10.96 -29.69 -12.91
N LYS C 485 -12.10 -29.91 -12.26
CA LYS C 485 -12.35 -31.08 -11.35
C LYS C 485 -11.41 -31.13 -10.16
N ILE C 486 -11.40 -30.07 -9.38
CA ILE C 486 -10.65 -30.05 -8.14
C ILE C 486 -11.59 -29.37 -7.11
N PRO C 487 -11.42 -29.65 -5.80
CA PRO C 487 -12.31 -28.96 -4.83
C PRO C 487 -12.09 -27.46 -4.83
N ILE C 488 -13.14 -26.72 -4.44
CA ILE C 488 -13.12 -25.24 -4.33
C ILE C 488 -12.03 -24.71 -3.38
N SER C 489 -11.72 -25.44 -2.32
CA SER C 489 -10.70 -24.99 -1.37
C SER C 489 -9.30 -24.84 -2.02
N LYS C 490 -9.11 -25.38 -3.21
CA LYS C 490 -7.88 -25.17 -3.95
C LYS C 490 -7.83 -23.89 -4.81
N ILE C 491 -8.93 -23.17 -4.91
CA ILE C 491 -9.00 -22.01 -5.82
C ILE C 491 -9.20 -20.74 -5.02
N TYR C 492 -8.60 -19.63 -5.46
CA TYR C 492 -8.78 -18.34 -4.79
C TYR C 492 -8.83 -17.19 -5.80
N ILE C 493 -9.69 -16.21 -5.49
CA ILE C 493 -9.73 -14.94 -6.18
C ILE C 493 -9.54 -13.88 -5.09
N SER C 494 -8.65 -12.92 -5.38
CA SER C 494 -8.23 -11.87 -4.47
C SER C 494 -8.82 -10.47 -4.66
N GLU C 495 -8.96 -10.02 -5.90
CA GLU C 495 -9.34 -8.62 -6.22
C GLU C 495 -9.44 -8.46 -7.71
N THR C 496 -9.88 -7.29 -8.13
CA THR C 496 -9.99 -6.99 -9.52
C THR C 496 -9.00 -5.87 -9.78
N SER C 497 -8.15 -6.04 -10.79
CA SER C 497 -7.11 -5.04 -11.09
C SER C 497 -6.76 -4.87 -12.56
N THR C 498 -6.56 -3.61 -12.97
CA THR C 498 -6.30 -3.25 -14.37
C THR C 498 -4.96 -3.77 -14.91
N ASN C 499 -4.12 -4.28 -14.01
CA ASN C 499 -2.84 -4.84 -14.44
C ASN C 499 -2.86 -6.37 -14.63
N THR C 500 -4.01 -6.97 -14.37
CA THR C 500 -4.17 -8.38 -14.68
C THR C 500 -5.14 -8.61 -15.85
N VAL C 501 -6.28 -7.90 -15.84
CA VAL C 501 -7.22 -7.97 -16.97
C VAL C 501 -7.50 -6.54 -17.48
N PRO C 502 -6.97 -6.19 -18.67
CA PRO C 502 -7.11 -4.83 -19.17
C PRO C 502 -8.46 -4.61 -19.90
N ASN C 503 -8.83 -3.33 -20.06
CA ASN C 503 -9.92 -2.95 -20.95
C ASN C 503 -11.26 -3.63 -20.62
N SER C 504 -11.66 -3.73 -19.36
CA SER C 504 -12.89 -4.47 -19.08
C SER C 504 -14.18 -3.61 -19.08
N SER C 505 -15.30 -4.18 -19.51
CA SER C 505 -16.56 -3.49 -19.39
C SER C 505 -16.92 -3.31 -17.89
N PRO C 506 -17.76 -2.32 -17.57
CA PRO C 506 -18.17 -2.23 -16.18
C PRO C 506 -18.99 -3.48 -15.76
N THR C 507 -18.84 -3.95 -14.51
CA THR C 507 -19.67 -5.00 -14.01
C THR C 507 -21.13 -4.49 -13.97
N ALA C 508 -21.93 -4.89 -14.96
CA ALA C 508 -23.29 -4.41 -15.13
C ALA C 508 -24.15 -5.21 -16.13
N ALA C 509 -25.42 -4.80 -16.27
CA ALA C 509 -26.39 -5.41 -17.22
C ALA C 509 -26.75 -6.89 -16.90
N SER C 510 -26.33 -7.34 -15.70
CA SER C 510 -26.65 -8.66 -15.22
C SER C 510 -25.89 -9.80 -15.93
N VAL C 511 -24.97 -9.49 -16.85
CA VAL C 511 -24.35 -10.52 -17.70
C VAL C 511 -23.02 -11.00 -17.17
N SER C 512 -22.62 -10.55 -15.98
CA SER C 512 -21.23 -10.78 -15.52
C SER C 512 -20.94 -12.25 -15.32
N THR C 513 -21.92 -12.98 -14.78
CA THR C 513 -21.76 -14.42 -14.53
C THR C 513 -21.60 -15.12 -15.86
N ASP C 514 -22.40 -14.72 -16.86
CA ASP C 514 -22.42 -15.34 -18.18
C ASP C 514 -21.05 -15.15 -18.83
N ILE C 515 -20.56 -13.92 -18.79
CA ILE C 515 -19.47 -13.58 -19.67
C ILE C 515 -18.12 -13.87 -19.05
N TYR C 516 -17.96 -13.56 -17.76
CA TYR C 516 -16.76 -13.97 -17.05
C TYR C 516 -16.72 -15.47 -16.79
N GLY C 517 -17.88 -16.13 -16.58
CA GLY C 517 -17.96 -17.61 -16.45
C GLY C 517 -17.36 -18.30 -17.66
N GLN C 518 -17.72 -17.79 -18.82
CA GLN C 518 -17.28 -18.33 -20.07
C GLN C 518 -15.77 -18.18 -20.24
N ALA C 519 -15.26 -16.99 -19.91
CA ALA C 519 -13.84 -16.67 -20.03
C ALA C 519 -13.00 -17.49 -19.07
N VAL C 520 -13.43 -17.59 -17.81
CA VAL C 520 -12.81 -18.49 -16.82
C VAL C 520 -12.79 -19.95 -17.32
N TYR C 521 -13.96 -20.43 -17.80
CA TYR C 521 -14.08 -21.71 -18.48
C TYR C 521 -13.06 -21.94 -19.62
N GLU C 522 -12.82 -20.94 -20.47
CA GLU C 522 -11.80 -21.15 -21.53
C GLU C 522 -10.38 -21.27 -21.00
N ALA C 523 -10.06 -20.52 -19.95
CA ALA C 523 -8.74 -20.57 -19.38
C ALA C 523 -8.46 -21.96 -18.79
N CYS C 524 -9.52 -22.56 -18.21
CA CYS C 524 -9.43 -23.87 -17.55
C CYS C 524 -9.17 -24.97 -18.59
N GLN C 525 -9.84 -24.87 -19.75
CA GLN C 525 -9.67 -25.83 -20.84
C GLN C 525 -8.21 -25.86 -21.31
N THR C 526 -7.66 -24.67 -21.57
CA THR C 526 -6.24 -24.52 -21.91
C THR C 526 -5.32 -25.15 -20.87
N ILE C 527 -5.66 -25.00 -19.60
CA ILE C 527 -4.86 -25.62 -18.57
C ILE C 527 -4.99 -27.15 -18.64
N LEU C 528 -6.21 -27.65 -18.83
CA LEU C 528 -6.43 -29.09 -18.88
C LEU C 528 -5.72 -29.73 -20.08
N LYS C 529 -5.71 -29.05 -21.22
CA LYS C 529 -5.00 -29.54 -22.40
C LYS C 529 -3.47 -29.65 -22.20
N ARG C 530 -2.86 -28.67 -21.53
CA ARG C 530 -1.43 -28.70 -21.29
C ARG C 530 -1.08 -29.75 -20.26
N LEU C 531 -2.00 -30.03 -19.33
CA LEU C 531 -1.76 -31.03 -18.27
C LEU C 531 -2.06 -32.46 -18.73
N GLU C 532 -2.73 -32.59 -19.87
CA GLU C 532 -3.18 -33.91 -20.40
C GLU C 532 -2.08 -34.99 -20.59
N PRO C 533 -0.94 -34.63 -21.17
CA PRO C 533 0.07 -35.68 -21.29
C PRO C 533 0.57 -36.22 -19.93
N PHE C 534 0.56 -35.39 -18.88
CA PHE C 534 1.11 -35.80 -17.58
C PHE C 534 0.16 -36.77 -16.92
N LYS C 535 -1.13 -36.46 -17.06
CA LYS C 535 -2.22 -37.28 -16.55
C LYS C 535 -2.16 -38.67 -17.19
N LYS C 536 -1.82 -38.74 -18.47
CA LYS C 536 -1.56 -40.03 -19.12
C LYS C 536 -0.33 -40.83 -18.62
N LYS C 537 0.77 -40.13 -18.32
CA LYS C 537 1.96 -40.78 -17.75
C LYS C 537 1.67 -41.33 -16.35
N ASN C 538 0.87 -40.61 -15.54
CA ASN C 538 0.68 -40.95 -14.13
C ASN C 538 -0.83 -40.93 -13.83
N PRO C 539 -1.59 -41.81 -14.52
CA PRO C 539 -3.05 -41.80 -14.41
C PRO C 539 -3.59 -42.02 -12.98
N ASP C 540 -2.81 -42.64 -12.09
CA ASP C 540 -3.23 -42.79 -10.68
C ASP C 540 -2.61 -41.79 -9.66
N GLY C 541 -1.92 -40.77 -10.14
CA GLY C 541 -1.38 -39.71 -9.25
C GLY C 541 -2.43 -38.65 -8.88
N SER C 542 -2.00 -37.59 -8.20
CA SER C 542 -2.91 -36.52 -7.80
C SER C 542 -2.70 -35.26 -8.68
N TRP C 543 -3.60 -34.28 -8.51
CA TRP C 543 -3.46 -32.96 -9.12
C TRP C 543 -2.04 -32.42 -8.91
N GLU C 544 -1.60 -32.41 -7.66
CA GLU C 544 -0.28 -31.94 -7.27
C GLU C 544 0.89 -32.56 -8.06
N ASP C 545 0.80 -33.86 -8.33
CA ASP C 545 1.83 -34.57 -9.07
C ASP C 545 1.87 -34.11 -10.51
N TRP C 546 0.70 -34.03 -11.13
CA TRP C 546 0.63 -33.56 -12.52
C TRP C 546 1.11 -32.14 -12.71
N VAL C 547 0.78 -31.26 -11.74
CA VAL C 547 1.25 -29.86 -11.80
C VAL C 547 2.79 -29.79 -11.78
N MET C 548 3.39 -30.48 -10.79
CA MET C 548 4.84 -30.49 -10.61
C MET C 548 5.60 -31.12 -11.78
N ALA C 549 5.04 -32.16 -12.40
CA ALA C 549 5.70 -32.71 -13.59
C ALA C 549 5.54 -31.84 -14.86
N ALA C 550 4.42 -31.16 -15.01
CA ALA C 550 4.38 -30.17 -16.04
C ALA C 550 5.40 -29.07 -15.81
N TYR C 551 5.61 -28.64 -14.55
CA TYR C 551 6.55 -27.53 -14.24
C TYR C 551 7.97 -27.95 -14.57
N GLN C 552 8.32 -29.17 -14.16
CA GLN C 552 9.70 -29.65 -14.26
C GLN C 552 10.02 -30.01 -15.70
N ASP C 553 8.97 -30.10 -16.51
CA ASP C 553 9.15 -30.25 -17.93
C ASP C 553 8.86 -28.97 -18.78
N ARG C 554 8.85 -27.79 -18.14
CA ARG C 554 8.89 -26.48 -18.78
C ARG C 554 7.73 -26.27 -19.73
N VAL C 555 6.57 -26.73 -19.25
CA VAL C 555 5.26 -26.42 -19.81
C VAL C 555 4.56 -25.33 -18.95
N SER C 556 4.17 -24.22 -19.59
CA SER C 556 3.64 -23.05 -18.87
C SER C 556 2.30 -23.32 -18.16
N LEU C 557 2.19 -22.82 -16.94
CA LEU C 557 0.96 -22.95 -16.16
C LEU C 557 0.22 -21.60 -15.94
N SER C 558 0.23 -20.76 -16.96
CA SER C 558 -0.45 -19.47 -16.96
C SER C 558 -1.16 -19.28 -18.28
N THR C 559 -2.41 -18.82 -18.21
CA THR C 559 -3.03 -18.45 -19.45
C THR C 559 -4.16 -17.42 -19.33
N THR C 560 -4.36 -16.68 -20.42
CA THR C 560 -5.54 -15.83 -20.54
C THR C 560 -6.77 -16.69 -20.91
N GLY C 561 -7.92 -16.03 -21.03
CA GLY C 561 -9.18 -16.61 -21.54
C GLY C 561 -10.06 -15.40 -21.93
N PHE C 562 -10.92 -15.59 -22.93
CA PHE C 562 -11.66 -14.48 -23.50
C PHE C 562 -13.00 -14.97 -24.03
N TYR C 563 -14.04 -14.14 -23.96
CA TYR C 563 -15.31 -14.47 -24.55
C TYR C 563 -15.98 -13.22 -25.12
N ARG C 564 -16.65 -13.41 -26.27
CA ARG C 564 -17.30 -12.38 -27.09
C ARG C 564 -18.71 -12.89 -27.32
N THR C 565 -19.77 -12.23 -26.85
CA THR C 565 -21.16 -12.73 -27.13
C THR C 565 -21.53 -12.75 -28.63
N PRO C 566 -21.97 -13.89 -29.17
CA PRO C 566 -22.19 -14.02 -30.62
C PRO C 566 -23.54 -13.47 -31.11
N ASN C 567 -23.57 -13.04 -32.38
CA ASN C 567 -24.81 -12.69 -33.11
C ASN C 567 -25.63 -11.52 -32.55
N LEU C 568 -24.92 -10.51 -32.03
CA LEU C 568 -25.55 -9.30 -31.46
C LEU C 568 -25.40 -8.12 -32.40
N GLY C 569 -26.42 -7.27 -32.46
CA GLY C 569 -26.34 -6.03 -33.21
C GLY C 569 -27.68 -5.63 -33.80
N TYR C 570 -28.44 -4.89 -33.01
CA TYR C 570 -29.74 -4.40 -33.43
C TYR C 570 -29.58 -3.09 -34.18
N SER C 571 -30.41 -2.87 -35.20
CA SER C 571 -30.37 -1.63 -35.99
C SER C 571 -31.67 -0.82 -35.88
N PHE C 572 -31.54 0.46 -35.53
CA PHE C 572 -32.71 1.36 -35.45
C PHE C 572 -33.33 1.69 -36.83
N GLU C 573 -32.55 1.49 -37.90
CA GLU C 573 -33.06 1.52 -39.27
C GLU C 573 -33.17 0.06 -39.61
N THR C 574 -33.99 -0.31 -40.58
CA THR C 574 -34.23 -1.76 -40.81
C THR C 574 -35.06 -2.43 -39.68
N ASN C 575 -34.88 -1.99 -38.43
CA ASN C 575 -35.59 -2.56 -37.25
C ASN C 575 -35.32 -4.07 -37.08
N SER C 576 -34.04 -4.43 -37.09
CA SER C 576 -33.67 -5.84 -37.10
C SER C 576 -32.24 -6.06 -36.62
N GLY C 577 -31.89 -7.35 -36.50
CA GLY C 577 -30.74 -7.86 -35.79
C GLY C 577 -31.11 -8.01 -34.32
N ASN C 578 -30.54 -9.03 -33.65
CA ASN C 578 -30.68 -9.24 -32.21
C ASN C 578 -30.11 -8.14 -31.28
N ALA C 579 -30.94 -7.64 -30.38
CA ALA C 579 -30.44 -6.75 -29.34
C ALA C 579 -30.01 -7.53 -28.10
N PHE C 580 -30.68 -8.64 -27.82
CA PHE C 580 -30.36 -9.44 -26.64
C PHE C 580 -29.99 -10.90 -26.98
N HIS C 581 -29.30 -11.55 -26.05
CA HIS C 581 -28.85 -12.92 -26.26
C HIS C 581 -29.99 -13.87 -25.92
N TYR C 582 -30.75 -13.56 -24.89
CA TYR C 582 -31.96 -14.29 -24.47
C TYR C 582 -32.73 -13.45 -23.45
N PHE C 583 -33.86 -13.95 -22.95
CA PHE C 583 -34.69 -13.20 -22.01
C PHE C 583 -34.85 -13.95 -20.68
N THR C 584 -34.86 -13.21 -19.56
CA THR C 584 -35.16 -13.79 -18.24
C THR C 584 -36.60 -13.42 -17.89
N TYR C 585 -37.32 -14.36 -17.30
CA TYR C 585 -38.77 -14.20 -17.05
C TYR C 585 -39.17 -14.50 -15.61
N GLY C 586 -40.31 -13.96 -15.19
CA GLY C 586 -40.88 -14.21 -13.88
C GLY C 586 -42.29 -13.65 -13.69
N VAL C 587 -42.92 -14.04 -12.58
CA VAL C 587 -44.28 -13.63 -12.22
C VAL C 587 -44.41 -13.43 -10.71
N ALA C 588 -45.06 -12.34 -10.28
CA ALA C 588 -45.34 -12.10 -8.85
C ALA C 588 -46.78 -11.71 -8.57
N CYS C 589 -47.27 -12.21 -7.45
CA CYS C 589 -48.60 -11.93 -6.96
C CYS C 589 -48.45 -11.29 -5.57
N SER C 590 -49.10 -10.16 -5.32
CA SER C 590 -49.07 -9.53 -3.99
C SER C 590 -50.44 -9.08 -3.47
N GLU C 591 -50.59 -9.10 -2.15
CA GLU C 591 -51.79 -8.65 -1.43
C GLU C 591 -51.43 -7.61 -0.37
N VAL C 592 -52.20 -6.51 -0.34
CA VAL C 592 -52.01 -5.44 0.63
C VAL C 592 -53.29 -5.09 1.36
N GLU C 593 -53.16 -4.48 2.54
CA GLU C 593 -54.28 -3.82 3.18
C GLU C 593 -54.01 -2.32 3.39
N ILE C 594 -54.90 -1.45 2.88
CA ILE C 594 -54.80 0.01 3.11
C ILE C 594 -55.74 0.57 4.20
N ASP C 595 -55.26 1.58 4.91
CA ASP C 595 -56.07 2.37 5.85
C ASP C 595 -56.48 3.65 5.10
N CYS C 596 -57.72 3.65 4.65
CA CYS C 596 -58.35 4.73 3.90
C CYS C 596 -58.41 6.05 4.64
N LEU C 597 -58.29 6.02 5.97
CA LEU C 597 -58.31 7.26 6.74
C LEU C 597 -56.92 7.88 6.87
N THR C 598 -55.84 7.12 6.71
CA THR C 598 -54.50 7.68 6.96
C THR C 598 -53.59 7.69 5.73
N GLY C 599 -53.79 6.74 4.82
CA GLY C 599 -52.88 6.59 3.70
C GLY C 599 -51.91 5.44 3.86
N ASP C 600 -51.72 4.99 5.11
CA ASP C 600 -50.97 3.77 5.51
C ASP C 600 -51.39 2.43 4.92
N HIS C 601 -50.44 1.51 4.78
CA HIS C 601 -50.76 0.19 4.23
C HIS C 601 -49.86 -0.91 4.82
N LYS C 602 -50.40 -2.14 4.83
CA LYS C 602 -49.66 -3.35 5.20
C LYS C 602 -49.45 -4.18 3.95
N ASN C 603 -48.30 -4.85 3.87
CA ASN C 603 -48.03 -5.86 2.83
C ASN C 603 -48.27 -7.25 3.42
N LEU C 604 -49.36 -7.92 3.01
CA LEU C 604 -49.82 -9.13 3.71
C LEU C 604 -49.08 -10.36 3.20
N ARG C 605 -48.98 -10.47 1.87
CA ARG C 605 -48.42 -11.67 1.24
C ARG C 605 -47.97 -11.46 -0.19
N THR C 606 -46.79 -12.00 -0.53
CA THR C 606 -46.24 -12.00 -1.89
C THR C 606 -45.75 -13.42 -2.27
N ASP C 607 -46.12 -13.90 -3.47
CA ASP C 607 -45.57 -15.11 -4.08
C ASP C 607 -44.87 -14.76 -5.41
N ILE C 608 -43.67 -15.31 -5.59
CA ILE C 608 -42.87 -15.13 -6.82
C ILE C 608 -42.43 -16.47 -7.48
N VAL C 609 -42.64 -16.61 -8.79
CA VAL C 609 -42.01 -17.69 -9.57
C VAL C 609 -41.06 -17.12 -10.63
N MET C 610 -39.78 -17.41 -10.47
CA MET C 610 -38.75 -16.83 -11.29
C MET C 610 -38.08 -17.90 -12.14
N ASP C 611 -37.87 -17.58 -13.42
CA ASP C 611 -37.19 -18.51 -14.32
C ASP C 611 -35.73 -18.14 -14.47
N VAL C 612 -34.87 -18.92 -13.82
CA VAL C 612 -33.43 -18.64 -13.89
C VAL C 612 -32.67 -19.78 -14.55
N GLY C 613 -33.33 -20.50 -15.47
CA GLY C 613 -32.70 -21.69 -16.09
C GLY C 613 -32.19 -22.61 -14.98
N SER C 614 -31.10 -23.34 -15.19
CA SER C 614 -30.52 -24.16 -14.13
C SER C 614 -29.53 -23.37 -13.32
N SER C 615 -29.91 -23.00 -12.12
CA SER C 615 -29.16 -22.09 -11.27
C SER C 615 -27.75 -22.64 -10.96
N LEU C 616 -26.72 -21.79 -11.01
CA LEU C 616 -25.42 -22.20 -10.46
C LEU C 616 -25.39 -22.22 -8.91
N ASN C 617 -26.30 -21.49 -8.27
CA ASN C 617 -26.35 -21.42 -6.81
C ASN C 617 -27.74 -20.93 -6.34
N PRO C 618 -28.65 -21.86 -6.05
CA PRO C 618 -30.04 -21.47 -5.73
C PRO C 618 -30.10 -20.43 -4.62
N ALA C 619 -29.17 -20.53 -3.66
CA ALA C 619 -29.21 -19.66 -2.50
C ALA C 619 -28.84 -18.25 -2.90
N ILE C 620 -27.78 -18.10 -3.73
CA ILE C 620 -27.39 -16.78 -4.22
C ILE C 620 -28.56 -16.27 -5.09
N ASP C 621 -29.08 -17.14 -5.94
CA ASP C 621 -30.18 -16.72 -6.81
C ASP C 621 -31.49 -16.32 -6.12
N ILE C 622 -31.90 -17.07 -5.12
CA ILE C 622 -33.05 -16.67 -4.35
C ILE C 622 -32.76 -15.32 -3.64
N GLY C 623 -31.55 -15.16 -3.11
CA GLY C 623 -31.08 -13.91 -2.56
C GLY C 623 -31.24 -12.70 -3.50
N GLN C 624 -30.93 -12.91 -4.78
CA GLN C 624 -30.99 -11.83 -5.74
C GLN C 624 -32.45 -11.50 -6.11
N VAL C 625 -33.30 -12.53 -6.12
CA VAL C 625 -34.72 -12.31 -6.35
C VAL C 625 -35.39 -11.47 -5.23
N GLU C 626 -35.17 -11.83 -3.96
CA GLU C 626 -35.71 -11.07 -2.84
C GLU C 626 -35.16 -9.64 -2.74
N GLY C 627 -33.85 -9.47 -2.92
CA GLY C 627 -33.22 -8.16 -2.81
C GLY C 627 -33.73 -7.24 -3.89
N ALA C 628 -33.63 -7.68 -5.14
CA ALA C 628 -34.13 -6.91 -6.26
C ALA C 628 -35.62 -6.48 -6.09
N PHE C 629 -36.50 -7.43 -5.75
CA PHE C 629 -37.90 -7.16 -5.53
C PHE C 629 -38.15 -6.10 -4.41
N VAL C 630 -37.40 -6.18 -3.31
CA VAL C 630 -37.61 -5.27 -2.21
C VAL C 630 -37.16 -3.85 -2.61
N GLN C 631 -36.19 -3.78 -3.51
CA GLN C 631 -35.79 -2.46 -4.02
C GLN C 631 -36.84 -1.85 -4.95
N GLY C 632 -37.56 -2.70 -5.68
CA GLY C 632 -38.65 -2.27 -6.54
C GLY C 632 -39.84 -1.82 -5.71
N LEU C 633 -40.17 -2.58 -4.67
CA LEU C 633 -41.16 -2.16 -3.69
C LEU C 633 -40.84 -0.77 -3.07
N GLY C 634 -39.57 -0.49 -2.78
CA GLY C 634 -39.15 0.84 -2.40
C GLY C 634 -39.43 1.90 -3.48
N LEU C 635 -39.05 1.60 -4.73
CA LEU C 635 -39.24 2.54 -5.85
C LEU C 635 -40.71 2.95 -6.03
N PHE C 636 -41.61 1.96 -5.97
CA PHE C 636 -43.04 2.22 -6.24
C PHE C 636 -43.93 2.68 -5.07
N THR C 637 -43.43 2.62 -3.84
CA THR C 637 -44.26 2.89 -2.68
C THR C 637 -43.60 3.73 -1.58
N LEU C 638 -42.35 3.46 -1.25
CA LEU C 638 -41.77 4.09 -0.08
C LEU C 638 -40.90 5.30 -0.43
N GLU C 639 -40.09 5.20 -1.48
CA GLU C 639 -39.00 6.15 -1.70
C GLU C 639 -39.35 7.39 -2.54
N GLU C 640 -38.98 8.56 -2.04
CA GLU C 640 -39.35 9.80 -2.68
C GLU C 640 -38.33 10.93 -2.52
N LEU C 641 -37.82 11.40 -3.65
CA LEU C 641 -36.89 12.54 -3.65
C LEU C 641 -37.70 13.83 -3.79
N HIS C 642 -37.32 14.85 -3.04
CA HIS C 642 -38.11 16.06 -3.10
C HIS C 642 -37.20 17.32 -3.16
N TYR C 643 -37.48 18.20 -4.13
CA TYR C 643 -36.65 19.39 -4.34
C TYR C 643 -37.36 20.72 -3.93
N SER C 644 -36.57 21.76 -3.62
CA SER C 644 -37.10 23.12 -3.46
C SER C 644 -37.48 23.76 -4.85
N PRO C 645 -38.36 24.79 -4.85
CA PRO C 645 -38.66 25.48 -6.13
C PRO C 645 -37.42 25.93 -6.89
N GLU C 646 -36.34 26.24 -6.18
CA GLU C 646 -35.08 26.68 -6.79
C GLU C 646 -34.16 25.53 -7.23
N GLY C 647 -34.66 24.29 -7.16
CA GLY C 647 -33.89 23.13 -7.60
C GLY C 647 -32.89 22.58 -6.60
N SER C 648 -33.10 22.85 -5.31
CA SER C 648 -32.23 22.32 -4.23
C SER C 648 -32.80 21.07 -3.53
N LEU C 649 -32.00 20.02 -3.39
CA LEU C 649 -32.50 18.75 -2.81
C LEU C 649 -32.73 18.82 -1.28
N HIS C 650 -33.93 18.40 -0.85
CA HIS C 650 -34.35 18.43 0.54
C HIS C 650 -34.06 17.13 1.25
N THR C 651 -34.19 16.02 0.52
CA THR C 651 -34.11 14.67 1.09
C THR C 651 -32.67 14.09 1.00
N ARG C 652 -31.95 14.10 2.10
CA ARG C 652 -30.52 13.86 2.05
C ARG C 652 -30.01 12.93 3.17
N GLY C 653 -30.88 12.12 3.76
CA GLY C 653 -30.43 11.19 4.79
C GLY C 653 -31.53 10.22 5.05
N PRO C 654 -31.29 9.19 5.87
CA PRO C 654 -32.32 8.17 6.16
C PRO C 654 -33.57 8.68 6.93
N SER C 655 -33.55 9.91 7.44
CA SER C 655 -34.73 10.43 8.14
C SER C 655 -35.67 11.22 7.22
N THR C 656 -35.24 11.48 5.98
CA THR C 656 -36.11 12.14 5.04
C THR C 656 -36.32 11.28 3.82
N TYR C 657 -35.56 10.21 3.72
CA TYR C 657 -35.68 9.29 2.60
C TYR C 657 -35.79 7.90 3.18
N LYS C 658 -36.95 7.25 2.98
CA LYS C 658 -37.23 5.97 3.65
C LYS C 658 -37.06 4.87 2.65
N ILE C 659 -36.04 4.05 2.86
CA ILE C 659 -35.85 2.87 2.00
C ILE C 659 -36.49 1.80 2.84
N PRO C 660 -36.91 0.65 2.24
CA PRO C 660 -37.55 -0.40 3.06
C PRO C 660 -36.76 -0.82 4.27
N ALA C 661 -37.49 -1.12 5.35
CA ALA C 661 -36.93 -1.54 6.64
C ALA C 661 -37.37 -2.97 6.97
N PHE C 662 -36.89 -3.55 8.07
CA PHE C 662 -37.28 -4.92 8.45
C PHE C 662 -38.79 -5.08 8.43
N GLY C 663 -39.51 -4.11 8.96
CA GLY C 663 -40.97 -4.22 9.05
C GLY C 663 -41.70 -3.82 7.78
N SER C 664 -40.97 -3.45 6.72
CA SER C 664 -41.59 -3.10 5.45
C SER C 664 -41.97 -4.28 4.60
N ILE C 665 -41.38 -5.43 4.83
CA ILE C 665 -41.55 -6.54 3.89
C ILE C 665 -42.86 -7.34 4.12
N PRO C 666 -43.33 -8.05 3.08
CA PRO C 666 -44.60 -8.76 3.18
C PRO C 666 -44.53 -9.83 4.24
N THR C 667 -45.56 -9.89 5.10
CA THR C 667 -45.66 -10.84 6.21
C THR C 667 -45.45 -12.30 5.78
N GLU C 668 -46.00 -12.67 4.64
CA GLU C 668 -45.78 -13.98 4.02
C GLU C 668 -45.00 -13.77 2.68
N PHE C 669 -43.72 -14.11 2.65
CA PHE C 669 -42.86 -13.84 1.49
C PHE C 669 -42.39 -15.16 0.86
N ARG C 670 -42.88 -15.51 -0.34
CA ARG C 670 -42.52 -16.81 -0.94
C ARG C 670 -41.86 -16.76 -2.31
N VAL C 671 -40.68 -17.36 -2.44
CA VAL C 671 -39.97 -17.41 -3.73
C VAL C 671 -39.69 -18.85 -4.24
N SER C 672 -40.03 -19.14 -5.49
CA SER C 672 -39.66 -20.43 -6.13
C SER C 672 -38.90 -20.21 -7.42
N LEU C 673 -37.87 -21.01 -7.64
CA LEU C 673 -37.23 -21.05 -8.93
C LEU C 673 -37.94 -22.12 -9.78
N LEU C 674 -38.25 -21.78 -11.04
CA LEU C 674 -38.91 -22.73 -11.92
C LEU C 674 -37.96 -23.89 -12.21
N ARG C 675 -38.50 -25.10 -12.26
CA ARG C 675 -37.67 -26.29 -12.45
C ARG C 675 -37.64 -26.76 -13.90
N ASP C 676 -36.66 -27.61 -14.21
CA ASP C 676 -36.57 -28.26 -15.53
C ASP C 676 -36.70 -27.29 -16.74
N CYS C 677 -35.87 -26.25 -16.75
CA CYS C 677 -35.82 -25.32 -17.89
C CYS C 677 -34.39 -24.82 -18.14
N PRO C 678 -33.49 -25.74 -18.54
CA PRO C 678 -32.14 -25.32 -18.92
C PRO C 678 -32.10 -24.25 -20.05
N ASN C 679 -31.17 -23.31 -19.91
CA ASN C 679 -30.88 -22.32 -20.96
C ASN C 679 -29.67 -22.78 -21.76
N LYS C 680 -29.91 -23.19 -23.01
CA LYS C 680 -28.85 -23.52 -23.98
C LYS C 680 -27.73 -22.44 -24.15
N LYS C 681 -28.06 -21.17 -23.88
CA LYS C 681 -27.28 -20.02 -24.32
C LYS C 681 -26.21 -19.53 -23.34
N ALA C 682 -26.17 -20.04 -22.11
CA ALA C 682 -25.23 -19.49 -21.13
C ALA C 682 -24.55 -20.54 -20.28
N ILE C 683 -23.53 -20.13 -19.54
CA ILE C 683 -22.70 -21.06 -18.78
C ILE C 683 -23.48 -22.09 -17.94
N TYR C 684 -23.15 -23.37 -18.13
CA TYR C 684 -23.78 -24.51 -17.44
C TYR C 684 -25.33 -24.40 -17.37
N ALA C 685 -25.92 -23.90 -18.46
CA ALA C 685 -27.39 -23.78 -18.64
C ALA C 685 -28.13 -22.81 -17.70
N SER C 686 -27.40 -21.93 -16.99
CA SER C 686 -27.98 -20.90 -16.08
C SER C 686 -28.46 -19.67 -16.83
N LYS C 687 -29.00 -18.71 -16.07
CA LYS C 687 -29.51 -17.42 -16.59
C LYS C 687 -29.15 -16.26 -15.65
N ALA C 688 -29.01 -15.06 -16.24
CA ALA C 688 -28.84 -13.82 -15.48
C ALA C 688 -30.02 -13.54 -14.54
N VAL C 689 -29.69 -13.11 -13.32
CA VAL C 689 -30.67 -12.82 -12.26
C VAL C 689 -30.67 -11.38 -11.66
N GLY C 690 -29.55 -10.66 -11.68
CA GLY C 690 -29.48 -9.35 -11.02
C GLY C 690 -30.65 -8.36 -11.13
N GLU C 691 -31.01 -7.99 -12.36
CA GLU C 691 -32.01 -6.93 -12.60
C GLU C 691 -33.46 -7.41 -12.92
N PRO C 692 -33.61 -8.52 -13.66
CA PRO C 692 -34.98 -8.90 -14.04
C PRO C 692 -36.07 -8.95 -12.94
N PRO C 693 -35.76 -9.32 -11.66
CA PRO C 693 -36.87 -9.38 -10.68
C PRO C 693 -37.32 -8.01 -10.09
N LEU C 694 -36.50 -6.98 -10.23
CA LEU C 694 -36.81 -5.70 -9.63
C LEU C 694 -38.18 -5.20 -10.00
N PHE C 695 -38.55 -5.29 -11.28
CA PHE C 695 -39.90 -4.81 -11.69
C PHE C 695 -41.07 -5.49 -10.97
N LEU C 696 -40.89 -6.73 -10.52
CA LEU C 696 -42.00 -7.47 -9.90
C LEU C 696 -42.56 -6.76 -8.65
N GLY C 697 -41.73 -5.96 -7.99
CA GLY C 697 -42.19 -5.09 -6.89
C GLY C 697 -43.44 -4.24 -7.18
N ALA C 698 -43.71 -4.01 -8.47
CA ALA C 698 -44.87 -3.25 -8.92
C ALA C 698 -46.20 -3.99 -8.65
N SER C 699 -46.15 -5.31 -8.49
CA SER C 699 -47.33 -6.04 -8.02
C SER C 699 -47.86 -5.41 -6.71
N VAL C 700 -46.95 -4.91 -5.85
CA VAL C 700 -47.42 -4.18 -4.68
C VAL C 700 -48.15 -2.87 -5.06
N PHE C 701 -47.60 -2.14 -6.03
CA PHE C 701 -48.21 -0.90 -6.48
C PHE C 701 -49.64 -1.13 -7.02
N PHE C 702 -49.79 -2.16 -7.85
CA PHE C 702 -51.08 -2.47 -8.44
C PHE C 702 -52.07 -3.17 -7.47
N ALA C 703 -51.56 -3.81 -6.41
CA ALA C 703 -52.45 -4.30 -5.37
C ALA C 703 -53.04 -3.11 -4.60
N ILE C 704 -52.20 -2.10 -4.32
CA ILE C 704 -52.66 -0.83 -3.72
C ILE C 704 -53.73 -0.11 -4.58
N LYS C 705 -53.52 -0.01 -5.90
CA LYS C 705 -54.49 0.64 -6.80
C LYS C 705 -55.85 -0.09 -6.87
N ASP C 706 -55.79 -1.41 -6.88
CA ASP C 706 -56.96 -2.23 -6.71
C ASP C 706 -57.71 -1.91 -5.39
N ALA C 707 -56.97 -1.73 -4.30
CA ALA C 707 -57.58 -1.32 -3.04
C ALA C 707 -58.20 0.11 -3.07
N ILE C 708 -57.50 1.07 -3.67
CA ILE C 708 -58.05 2.43 -3.83
C ILE C 708 -59.41 2.39 -4.58
N ARG C 709 -59.54 1.47 -5.53
CA ARG C 709 -60.73 1.42 -6.36
C ARG C 709 -61.95 0.98 -5.55
N ALA C 710 -61.73 0.05 -4.62
CA ALA C 710 -62.78 -0.40 -3.72
C ALA C 710 -63.16 0.72 -2.77
N ALA C 711 -62.17 1.45 -2.24
CA ALA C 711 -62.43 2.60 -1.36
C ALA C 711 -63.22 3.63 -2.11
N ARG C 712 -62.89 3.79 -3.38
CA ARG C 712 -63.60 4.76 -4.22
C ARG C 712 -65.05 4.35 -4.51
N ALA C 713 -65.28 3.07 -4.73
CA ALA C 713 -66.62 2.51 -4.88
C ALA C 713 -67.44 2.66 -3.60
N GLN C 714 -66.79 2.53 -2.44
CA GLN C 714 -67.42 2.74 -1.16
C GLN C 714 -67.94 4.17 -0.99
N HIS C 715 -67.07 5.18 -1.10
CA HIS C 715 -67.32 6.55 -0.64
C HIS C 715 -67.44 7.64 -1.71
N THR C 716 -67.01 7.38 -2.94
CA THR C 716 -66.97 8.49 -3.93
C THR C 716 -68.03 8.61 -5.04
N ASN C 717 -68.17 7.60 -5.91
CA ASN C 717 -69.26 7.54 -6.92
C ASN C 717 -69.73 6.10 -7.29
N ASN C 718 -70.51 5.98 -8.36
CA ASN C 718 -71.10 4.69 -8.78
C ASN C 718 -70.65 4.15 -10.12
N ASN C 719 -69.61 4.80 -10.64
CA ASN C 719 -68.97 4.47 -11.91
C ASN C 719 -67.82 3.44 -11.72
N THR C 720 -68.15 2.16 -11.78
CA THR C 720 -67.15 1.11 -11.63
C THR C 720 -66.05 1.26 -12.67
N LYS C 721 -66.44 1.62 -13.90
CA LYS C 721 -65.55 1.76 -15.06
C LYS C 721 -64.74 3.08 -15.09
N GLU C 722 -64.53 3.67 -13.91
CA GLU C 722 -63.83 4.96 -13.76
C GLU C 722 -62.30 4.78 -13.72
N LEU C 723 -61.60 5.64 -14.44
CA LEU C 723 -60.16 5.73 -14.42
C LEU C 723 -59.67 6.96 -13.62
N PHE C 724 -58.80 6.77 -12.65
CA PHE C 724 -58.15 7.93 -12.00
C PHE C 724 -56.64 7.78 -12.15
N ARG C 725 -55.93 8.89 -12.10
CA ARG C 725 -54.47 8.89 -12.23
C ARG C 725 -53.71 8.66 -10.92
N LEU C 726 -52.95 7.57 -10.83
CA LEU C 726 -52.03 7.32 -9.71
C LEU C 726 -50.57 7.29 -10.17
N ASP C 727 -49.78 8.25 -9.71
CA ASP C 727 -48.35 8.30 -10.06
C ASP C 727 -47.51 7.50 -9.07
N SER C 728 -46.28 7.18 -9.50
CA SER C 728 -45.32 6.48 -8.65
C SER C 728 -44.38 7.52 -8.11
N PRO C 729 -43.97 7.41 -6.84
CA PRO C 729 -44.36 6.38 -5.85
C PRO C 729 -45.72 6.66 -5.18
N ALA C 730 -46.46 5.60 -4.92
CA ALA C 730 -47.68 5.67 -4.13
C ALA C 730 -47.36 5.85 -2.67
N THR C 731 -47.01 7.08 -2.29
CA THR C 731 -46.79 7.44 -0.87
C THR C 731 -48.13 7.54 -0.12
N PRO C 732 -48.09 7.56 1.23
CA PRO C 732 -49.34 7.81 1.97
C PRO C 732 -50.12 9.05 1.49
N GLU C 733 -49.44 10.12 1.11
CA GLU C 733 -50.08 11.33 0.62
C GLU C 733 -50.94 11.00 -0.61
N LYS C 734 -50.35 10.28 -1.56
CA LYS C 734 -51.06 9.93 -2.78
C LYS C 734 -52.20 8.89 -2.58
N ILE C 735 -52.03 7.96 -1.64
CA ILE C 735 -53.08 6.99 -1.31
C ILE C 735 -54.30 7.65 -0.67
N ARG C 736 -54.06 8.46 0.39
CA ARG C 736 -55.14 9.13 1.14
C ARG C 736 -55.95 10.07 0.27
N ASN C 737 -55.27 10.89 -0.51
CA ASN C 737 -55.93 11.88 -1.32
C ASN C 737 -56.83 11.26 -2.42
N ALA C 738 -56.40 10.11 -2.93
CA ALA C 738 -57.16 9.36 -3.94
C ALA C 738 -58.38 8.66 -3.35
N CYS C 739 -58.41 8.48 -2.03
CA CYS C 739 -59.61 7.98 -1.34
C CYS C 739 -60.54 9.16 -1.00
N VAL C 740 -61.08 9.78 -2.05
CA VAL C 740 -62.02 10.92 -1.97
C VAL C 740 -63.28 10.58 -1.13
N ASP C 741 -63.55 11.37 -0.08
CA ASP C 741 -64.60 11.01 0.87
C ASP C 741 -65.14 12.25 1.54
N LYS C 742 -65.94 12.10 2.61
CA LYS C 742 -66.52 13.23 3.32
C LYS C 742 -65.46 14.17 3.97
N PHE C 743 -64.23 13.70 4.10
CA PHE C 743 -63.16 14.49 4.71
C PHE C 743 -62.33 15.26 3.66
N THR C 744 -61.99 14.60 2.55
CA THR C 744 -61.17 15.24 1.51
C THR C 744 -61.95 16.37 0.86
N THR C 745 -63.27 16.20 0.80
CA THR C 745 -64.18 17.18 0.21
C THR C 745 -64.70 18.20 1.24
N LEU C 746 -64.52 17.93 2.53
CA LEU C 746 -65.11 18.81 3.54
C LEU C 746 -66.65 18.77 3.55
N CYS C 747 -67.25 17.84 2.81
CA CYS C 747 -68.68 17.57 2.99
C CYS C 747 -69.03 17.39 4.45
N VAL C 748 -68.21 16.65 5.20
CA VAL C 748 -68.40 16.47 6.66
C VAL C 748 -68.58 17.81 7.43
N THR C 749 -68.10 18.92 6.86
CA THR C 749 -68.19 20.24 7.50
C THR C 749 -69.51 21.01 7.24
N GLY C 750 -70.34 20.51 6.31
CA GLY C 750 -71.60 21.15 5.90
C GLY C 750 -71.59 21.60 4.43
N ALA C 751 -70.38 21.73 3.88
CA ALA C 751 -70.19 22.20 2.51
C ALA C 751 -70.62 21.18 1.43
N PRO C 752 -71.03 21.70 0.26
CA PRO C 752 -71.31 20.82 -0.86
C PRO C 752 -70.00 20.25 -1.46
N GLY C 753 -70.01 18.99 -1.91
CA GLY C 753 -68.80 18.37 -2.44
C GLY C 753 -69.13 17.24 -3.38
N ASN C 754 -68.12 16.47 -3.74
CA ASN C 754 -68.30 15.43 -4.75
C ASN C 754 -67.44 14.22 -4.49
N CYS C 755 -67.68 13.33 -3.53
CA CYS C 755 -68.86 12.49 -3.18
C CYS C 755 -70.29 12.88 -3.30
N THR D 1 12.70 23.55 29.82
CA THR D 1 14.03 23.21 30.41
C THR D 1 15.00 22.68 29.32
N ALA D 2 14.51 22.67 28.06
CA ALA D 2 15.25 22.17 26.89
C ALA D 2 15.18 23.14 25.71
N ASP D 3 16.32 23.45 25.11
CA ASP D 3 16.40 24.46 24.07
C ASP D 3 15.83 23.91 22.73
N GLU D 4 15.44 24.79 21.84
CA GLU D 4 15.04 24.41 20.52
C GLU D 4 16.26 24.31 19.62
N LEU D 5 16.29 23.31 18.73
CA LEU D 5 17.29 23.23 17.68
C LEU D 5 16.70 23.78 16.39
N VAL D 6 17.42 24.66 15.72
CA VAL D 6 16.89 25.32 14.53
C VAL D 6 17.95 25.18 13.44
N PHE D 7 17.61 24.50 12.34
CA PHE D 7 18.48 24.43 11.17
C PHE D 7 17.72 24.53 9.87
N PHE D 8 18.43 24.38 8.76
CA PHE D 8 17.82 24.54 7.42
C PHE D 8 18.13 23.34 6.55
N VAL D 9 17.10 22.85 5.87
CA VAL D 9 17.23 21.73 4.94
C VAL D 9 16.65 22.16 3.60
N ASN D 10 17.50 22.17 2.57
CA ASN D 10 17.12 22.63 1.22
C ASN D 10 16.44 24.02 1.23
N GLY D 11 16.98 24.94 2.03
CA GLY D 11 16.48 26.30 2.08
C GLY D 11 15.24 26.51 2.92
N LYS D 12 14.81 25.49 3.63
CA LYS D 12 13.57 25.56 4.39
C LYS D 12 13.82 25.35 5.90
N LYS D 13 13.14 26.12 6.75
CA LYS D 13 13.47 26.11 8.18
C LYS D 13 12.82 24.96 8.94
N VAL D 14 13.65 24.28 9.72
CA VAL D 14 13.29 23.18 10.63
C VAL D 14 13.53 23.55 12.11
N VAL D 15 12.46 23.57 12.89
CA VAL D 15 12.50 23.94 14.30
C VAL D 15 12.20 22.71 15.14
N GLU D 16 13.24 22.05 15.62
CA GLU D 16 13.09 20.83 16.40
C GLU D 16 12.98 21.19 17.86
N LYS D 17 11.86 20.85 18.46
CA LYS D 17 11.61 21.29 19.81
C LYS D 17 12.08 20.26 20.80
N ASN D 18 12.24 19.01 20.36
CA ASN D 18 12.60 17.94 21.28
C ASN D 18 13.74 17.07 20.75
N ALA D 19 14.82 17.70 20.30
CA ALA D 19 15.98 16.98 19.78
C ALA D 19 16.48 15.95 20.79
N ASP D 20 16.77 14.73 20.29
CA ASP D 20 17.47 13.71 21.06
C ASP D 20 18.94 13.65 20.59
N PRO D 21 19.92 13.77 21.53
CA PRO D 21 21.35 13.83 21.18
C PRO D 21 21.82 12.63 20.36
N GLU D 22 21.14 11.49 20.48
CA GLU D 22 21.52 10.26 19.70
C GLU D 22 21.06 10.24 18.21
N THR D 23 20.22 11.20 17.81
CA THR D 23 19.60 11.16 16.48
C THR D 23 20.58 11.57 15.38
N THR D 24 20.81 10.68 14.41
CA THR D 24 21.68 11.00 13.24
C THR D 24 20.94 11.86 12.22
N LEU D 25 21.68 12.59 11.40
CA LEU D 25 21.04 13.42 10.39
C LEU D 25 20.34 12.53 9.39
N LEU D 26 21.01 11.46 9.03
CA LEU D 26 20.48 10.47 8.08
C LEU D 26 19.11 10.00 8.52
N ALA D 27 18.99 9.59 9.77
CA ALA D 27 17.71 9.16 10.31
C ALA D 27 16.68 10.29 10.28
N TYR D 28 17.10 11.54 10.47
CA TYR D 28 16.17 12.66 10.54
C TYR D 28 15.58 12.98 9.16
N LEU D 29 16.42 12.98 8.13
CA LEU D 29 15.98 13.27 6.78
C LEU D 29 15.04 12.20 6.22
N ARG D 30 15.39 10.93 6.49
CA ARG D 30 14.59 9.81 5.94
C ARG D 30 13.28 9.66 6.68
N ARG D 31 13.35 9.66 8.02
CA ARG D 31 12.25 9.16 8.86
C ARG D 31 11.42 10.25 9.54
N LYS D 32 11.97 11.46 9.66
CA LYS D 32 11.21 12.57 10.24
C LYS D 32 10.70 13.50 9.13
N LEU D 33 11.50 13.77 8.11
CA LEU D 33 11.17 14.79 7.12
C LEU D 33 10.74 14.16 5.79
N GLY D 34 10.95 12.85 5.65
CA GLY D 34 10.47 12.12 4.47
C GLY D 34 11.25 12.35 3.17
N LEU D 35 12.50 12.75 3.27
CA LEU D 35 13.36 12.89 2.09
C LEU D 35 14.28 11.68 1.94
N ARG D 36 13.89 10.74 1.09
CA ARG D 36 14.65 9.51 0.97
C ARG D 36 15.73 9.51 -0.12
N GLY D 37 16.09 10.66 -0.66
CA GLY D 37 17.22 10.70 -1.60
C GLY D 37 18.53 10.15 -1.04
N THR D 38 18.84 10.58 0.19
CA THR D 38 20.06 10.25 0.94
C THR D 38 19.90 8.82 1.51
N LYS D 39 20.94 7.96 1.32
CA LYS D 39 20.85 6.49 1.52
C LYS D 39 21.72 5.92 2.64
N LEU D 40 21.34 4.75 3.18
CA LEU D 40 22.13 4.06 4.21
C LEU D 40 22.87 2.96 3.52
N GLY D 41 24.20 3.02 3.50
CA GLY D 41 25.04 1.98 2.92
C GLY D 41 25.87 1.21 3.96
N CYS D 42 26.30 1.86 5.07
CA CYS D 42 27.16 1.16 6.03
C CYS D 42 27.06 1.59 7.47
N GLY D 43 26.73 2.87 7.70
CA GLY D 43 26.58 3.41 9.03
C GLY D 43 27.89 3.71 9.75
N GLU D 44 29.03 3.54 9.08
CA GLU D 44 30.35 3.67 9.74
C GLU D 44 31.34 4.52 8.94
N GLY D 45 30.84 5.37 8.05
CA GLY D 45 31.62 6.43 7.44
C GLY D 45 32.44 6.10 6.20
N GLY D 46 32.33 4.87 5.68
CA GLY D 46 33.21 4.41 4.60
C GLY D 46 32.66 4.34 3.17
N CYS D 47 31.35 4.52 2.96
CA CYS D 47 30.79 4.25 1.66
C CYS D 47 30.30 5.49 0.96
N GLY D 48 29.91 6.51 1.72
CA GLY D 48 29.44 7.79 1.16
C GLY D 48 28.01 7.81 0.61
N ALA D 49 27.32 6.68 0.57
CA ALA D 49 25.94 6.65 0.12
C ALA D 49 25.09 7.72 0.83
N CYS D 50 25.63 8.30 1.88
CA CYS D 50 24.85 9.20 2.70
C CYS D 50 25.37 10.65 2.63
N THR D 51 26.19 10.96 1.63
CA THR D 51 26.83 12.25 1.54
C THR D 51 25.84 13.40 1.36
N VAL D 52 25.98 14.47 2.17
CA VAL D 52 25.24 15.74 1.98
C VAL D 52 26.18 16.96 1.96
N MET D 53 25.66 18.11 1.56
CA MET D 53 26.48 19.30 1.67
C MET D 53 26.03 20.12 2.84
N LEU D 54 27.02 20.59 3.59
CA LEU D 54 26.76 21.45 4.70
C LEU D 54 27.21 22.88 4.40
N SER D 55 26.39 23.86 4.77
CA SER D 55 26.79 25.29 4.65
C SER D 55 26.66 26.08 5.95
N LYS D 56 27.71 26.83 6.29
CA LYS D 56 27.60 27.76 7.43
C LYS D 56 28.43 29.03 7.26
N TYR D 57 27.99 30.08 7.94
CA TYR D 57 28.74 31.32 8.01
C TYR D 57 29.76 31.18 9.13
N ASP D 58 31.03 31.34 8.79
CA ASP D 58 32.10 31.14 9.74
C ASP D 58 32.36 32.41 10.55
N ARG D 59 31.74 32.52 11.74
CA ARG D 59 31.93 33.65 12.72
C ARG D 59 33.39 34.10 12.77
N LEU D 60 34.35 33.14 12.76
CA LEU D 60 35.78 33.49 12.66
C LEU D 60 36.05 33.97 11.24
N GLN D 61 36.28 33.06 10.28
CA GLN D 61 36.76 33.43 8.91
C GLN D 61 36.09 34.63 8.23
N ASP D 62 34.84 34.92 8.59
CA ASP D 62 33.97 35.93 7.91
C ASP D 62 33.20 35.42 6.67
N LYS D 63 33.57 34.27 6.15
CA LYS D 63 32.91 33.75 4.94
C LYS D 63 31.79 32.73 5.23
N ILE D 64 30.99 32.52 4.18
CA ILE D 64 30.18 31.30 4.00
C ILE D 64 31.07 30.18 3.46
N ILE D 65 31.11 29.03 4.16
CA ILE D 65 31.80 27.82 3.68
C ILE D 65 30.85 26.70 3.32
N HIS D 66 31.18 25.99 2.24
CA HIS D 66 30.46 24.79 1.83
C HIS D 66 31.42 23.60 1.89
N PHE D 67 31.04 22.57 2.66
CA PHE D 67 31.80 21.31 2.72
C PHE D 67 30.88 20.07 2.75
N SER D 68 31.38 18.93 2.24
CA SER D 68 30.63 17.65 2.24
C SER D 68 30.77 16.92 3.55
N ALA D 69 29.86 15.98 3.82
CA ALA D 69 29.77 15.31 5.15
C ALA D 69 28.88 14.05 5.11
N ASN D 70 29.20 13.08 5.96
CA ASN D 70 28.45 11.83 6.07
C ASN D 70 27.26 11.99 7.05
N ALA D 71 26.05 12.02 6.48
CA ALA D 71 24.82 12.13 7.28
C ALA D 71 24.64 11.02 8.34
N CYS D 72 25.26 9.86 8.12
CA CYS D 72 25.13 8.72 9.06
C CYS D 72 25.86 8.91 10.39
N LEU D 73 26.88 9.77 10.41
CA LEU D 73 27.62 10.11 11.61
C LEU D 73 27.38 11.54 12.19
N ALA D 74 26.72 12.40 11.43
CA ALA D 74 26.47 13.75 11.92
C ALA D 74 25.30 13.79 12.90
N PRO D 75 25.59 14.08 14.17
CA PRO D 75 24.47 14.27 15.13
C PRO D 75 23.69 15.55 14.81
N ILE D 76 22.36 15.51 14.80
CA ILE D 76 21.56 16.72 14.49
C ILE D 76 21.89 17.86 15.46
N CYS D 77 22.35 17.49 16.65
CA CYS D 77 22.74 18.45 17.70
C CYS D 77 24.01 19.29 17.42
N THR D 78 24.80 18.88 16.45
CA THR D 78 25.93 19.73 16.01
C THR D 78 25.48 20.73 14.95
N LEU D 79 24.19 20.80 14.63
CA LEU D 79 23.77 21.54 13.43
C LEU D 79 22.97 22.83 13.64
N HIS D 80 22.96 23.35 14.86
CA HIS D 80 22.23 24.59 15.13
C HIS D 80 22.80 25.67 14.26
N HIS D 81 21.90 26.30 13.48
CA HIS D 81 22.23 27.32 12.46
C HIS D 81 23.16 26.79 11.36
N VAL D 82 23.10 25.49 11.04
CA VAL D 82 23.77 25.00 9.82
C VAL D 82 22.69 24.83 8.73
N ALA D 83 23.08 24.98 7.45
CA ALA D 83 22.22 24.69 6.28
C ALA D 83 22.60 23.37 5.61
N VAL D 84 21.61 22.50 5.40
CA VAL D 84 21.80 21.18 4.72
C VAL D 84 21.26 21.27 3.30
N THR D 85 22.02 20.75 2.35
CA THR D 85 21.56 20.48 0.96
C THR D 85 21.62 18.98 0.64
N THR D 86 20.49 18.41 0.20
CA THR D 86 20.43 16.99 -0.17
C THR D 86 20.28 16.92 -1.68
N VAL D 87 20.25 15.69 -2.23
CA VAL D 87 20.15 15.48 -3.66
C VAL D 87 18.86 16.12 -4.21
N GLU D 88 17.76 16.03 -3.45
CA GLU D 88 16.50 16.61 -3.93
C GLU D 88 16.48 18.13 -3.91
N GLY D 89 17.46 18.74 -3.24
CA GLY D 89 17.69 20.19 -3.25
C GLY D 89 18.30 20.85 -4.49
N ILE D 90 18.93 20.07 -5.38
CA ILE D 90 19.69 20.70 -6.48
C ILE D 90 19.07 20.56 -7.87
N GLY D 91 17.97 19.82 -7.97
CA GLY D 91 17.33 19.51 -9.25
C GLY D 91 16.45 18.26 -9.16
N SER D 92 15.55 18.10 -10.13
CA SER D 92 14.51 17.07 -10.11
C SER D 92 14.00 16.78 -11.57
N THR D 93 13.61 15.54 -11.85
CA THR D 93 12.97 15.26 -13.16
C THR D 93 11.61 15.96 -13.29
N LYS D 94 11.02 16.41 -12.19
CA LYS D 94 9.76 17.16 -12.24
C LYS D 94 9.91 18.62 -12.68
N THR D 95 11.08 19.22 -12.44
CA THR D 95 11.37 20.61 -12.76
C THR D 95 12.55 20.69 -13.76
N ARG D 96 13.79 20.72 -13.28
CA ARG D 96 14.94 20.50 -14.15
C ARG D 96 16.16 19.91 -13.40
N LEU D 97 16.87 18.98 -14.05
CA LEU D 97 18.07 18.38 -13.46
C LEU D 97 19.23 19.38 -13.32
N HIS D 98 20.02 19.28 -12.26
CA HIS D 98 21.29 19.99 -12.22
C HIS D 98 22.28 19.33 -13.20
N PRO D 99 23.20 20.11 -13.81
CA PRO D 99 24.20 19.48 -14.72
C PRO D 99 24.94 18.24 -14.13
N VAL D 100 25.23 18.24 -12.83
CA VAL D 100 25.90 17.10 -12.23
C VAL D 100 25.05 15.84 -12.47
N GLN D 101 23.76 15.92 -12.16
CA GLN D 101 22.79 14.85 -12.39
C GLN D 101 22.65 14.43 -13.85
N GLU D 102 22.40 15.39 -14.73
CA GLU D 102 22.36 15.14 -16.16
C GLU D 102 23.58 14.36 -16.63
N ARG D 103 24.78 14.84 -16.30
CA ARG D 103 26.00 14.29 -16.93
C ARG D 103 26.24 12.84 -16.52
N ILE D 104 26.09 12.54 -15.22
CA ILE D 104 26.30 11.16 -14.73
C ILE D 104 25.29 10.20 -15.36
N ALA D 105 24.03 10.63 -15.49
CA ALA D 105 23.00 9.80 -16.10
C ALA D 105 23.34 9.43 -17.55
N LYS D 106 23.51 10.48 -18.35
CA LYS D 106 23.71 10.33 -19.79
C LYS D 106 25.07 9.72 -20.24
N SER D 107 26.06 9.72 -19.32
CA SER D 107 27.38 9.06 -19.50
C SER D 107 27.46 7.60 -19.06
N HIS D 108 26.32 7.00 -18.69
CA HIS D 108 26.23 5.60 -18.16
C HIS D 108 26.99 5.37 -16.86
N GLY D 109 27.08 6.43 -16.07
CA GLY D 109 27.73 6.40 -14.77
C GLY D 109 26.83 5.95 -13.62
N SER D 110 25.63 5.48 -13.96
CA SER D 110 24.71 4.91 -12.98
C SER D 110 24.05 3.60 -13.47
N GLN D 111 24.17 2.56 -12.66
CA GLN D 111 23.64 1.26 -13.03
C GLN D 111 22.54 0.88 -12.05
N CYS D 112 22.89 0.25 -10.93
CA CYS D 112 21.84 -0.01 -9.93
C CYS D 112 21.34 1.27 -9.28
N GLY D 113 22.17 2.31 -9.25
CA GLY D 113 21.72 3.62 -8.84
C GLY D 113 21.74 3.99 -7.37
N PHE D 114 22.16 3.07 -6.48
CA PHE D 114 22.09 3.32 -5.03
C PHE D 114 23.14 4.28 -4.48
N CYS D 115 24.33 4.28 -5.09
CA CYS D 115 25.44 5.19 -4.75
C CYS D 115 25.41 6.51 -5.51
N THR D 116 24.55 6.66 -6.53
CA THR D 116 24.49 7.90 -7.34
C THR D 116 24.17 9.20 -6.58
N PRO D 117 23.12 9.20 -5.71
CA PRO D 117 22.90 10.44 -4.91
C PRO D 117 24.16 10.93 -4.20
N GLY D 118 24.92 10.01 -3.59
CA GLY D 118 26.13 10.38 -2.83
C GLY D 118 27.25 10.88 -3.72
N ILE D 119 27.48 10.22 -4.85
CA ILE D 119 28.50 10.72 -5.78
C ILE D 119 28.09 12.13 -6.34
N VAL D 120 26.81 12.30 -6.66
CA VAL D 120 26.31 13.58 -7.15
C VAL D 120 26.60 14.69 -6.12
N MET D 121 26.41 14.41 -4.84
CA MET D 121 26.61 15.47 -3.81
C MET D 121 28.09 15.78 -3.53
N SER D 122 28.96 14.79 -3.76
CA SER D 122 30.42 15.02 -3.72
C SER D 122 30.92 15.88 -4.87
N MET D 123 30.37 15.70 -6.06
CA MET D 123 30.80 16.50 -7.21
C MET D 123 30.28 17.92 -7.08
N TYR D 124 29.05 18.05 -6.61
CA TYR D 124 28.40 19.31 -6.46
C TYR D 124 29.10 20.15 -5.37
N THR D 125 29.59 19.51 -4.32
CA THR D 125 30.30 20.26 -3.30
C THR D 125 31.60 20.83 -3.88
N LEU D 126 32.35 19.97 -4.57
CA LEU D 126 33.53 20.41 -5.28
C LEU D 126 33.21 21.60 -6.19
N LEU D 127 32.16 21.52 -6.99
CA LEU D 127 31.86 22.69 -7.86
C LEU D 127 31.53 24.03 -7.12
N ARG D 128 30.81 23.95 -6.02
CA ARG D 128 30.49 25.16 -5.25
C ARG D 128 31.71 25.85 -4.57
N ASN D 129 32.81 25.11 -4.41
CA ASN D 129 34.02 25.65 -3.79
C ASN D 129 34.93 26.10 -4.91
N GLN D 130 34.86 25.42 -6.05
CA GLN D 130 35.77 25.64 -7.16
C GLN D 130 35.11 25.37 -8.50
N PRO D 131 34.46 26.41 -9.10
CA PRO D 131 33.65 26.35 -10.34
C PRO D 131 34.39 25.81 -11.55
N GLU D 132 35.70 25.98 -11.61
CA GLU D 132 36.48 25.34 -12.67
C GLU D 132 37.67 24.52 -12.13
N PRO D 133 37.43 23.25 -11.77
CA PRO D 133 38.45 22.44 -11.11
C PRO D 133 39.37 21.71 -12.10
N THR D 134 40.48 21.14 -11.60
CA THR D 134 41.34 20.34 -12.47
C THR D 134 40.88 18.88 -12.48
N VAL D 135 41.35 18.11 -13.46
CA VAL D 135 41.09 16.69 -13.49
C VAL D 135 41.47 16.08 -12.15
N GLU D 136 42.59 16.55 -11.58
CA GLU D 136 43.18 15.97 -10.35
C GLU D 136 42.29 16.18 -9.16
N GLU D 137 41.75 17.41 -9.04
CA GLU D 137 40.81 17.74 -7.97
C GLU D 137 39.54 16.87 -8.07
N ILE D 138 39.13 16.58 -9.31
CA ILE D 138 37.96 15.76 -9.58
C ILE D 138 38.15 14.34 -9.04
N GLU D 139 39.19 13.63 -9.48
CA GLU D 139 39.40 12.24 -9.01
C GLU D 139 39.38 12.16 -7.46
N ASP D 140 40.00 13.14 -6.84
CA ASP D 140 40.16 13.22 -5.38
C ASP D 140 38.92 13.46 -4.55
N ALA D 141 37.92 14.07 -5.18
CA ALA D 141 36.70 14.40 -4.46
C ALA D 141 35.89 13.15 -4.16
N PHE D 142 36.40 11.97 -4.53
CA PHE D 142 35.61 10.75 -4.45
C PHE D 142 36.20 9.63 -3.60
N GLN D 143 37.25 9.92 -2.84
CA GLN D 143 37.91 8.91 -2.04
C GLN D 143 36.98 8.22 -1.02
N GLY D 144 35.92 8.93 -0.61
CA GLY D 144 34.94 8.41 0.35
C GLY D 144 33.63 7.95 -0.28
N ASN D 145 33.67 7.68 -1.57
CA ASN D 145 32.50 7.21 -2.29
C ASN D 145 32.75 5.84 -2.99
N LEU D 146 32.01 4.81 -2.61
CA LEU D 146 32.14 3.49 -3.22
C LEU D 146 31.01 3.17 -4.17
N CYS D 147 31.35 2.47 -5.27
CA CYS D 147 30.38 1.96 -6.27
C CYS D 147 30.77 0.55 -6.68
N ARG D 148 29.81 -0.36 -6.64
CA ARG D 148 30.01 -1.78 -6.87
C ARG D 148 29.58 -2.25 -8.29
N CYS D 149 28.90 -1.40 -9.05
CA CYS D 149 28.42 -1.78 -10.36
C CYS D 149 29.35 -1.37 -11.51
N THR D 150 29.82 -0.13 -11.51
CA THR D 150 30.30 0.49 -12.76
C THR D 150 31.79 0.27 -13.09
N GLY D 151 32.61 -0.06 -12.11
CA GLY D 151 34.06 0.08 -12.25
C GLY D 151 34.61 1.49 -12.47
N TYR D 152 33.83 2.53 -12.16
CA TYR D 152 34.31 3.95 -12.10
C TYR D 152 34.69 4.74 -13.38
N ARG D 153 35.35 4.11 -14.38
CA ARG D 153 35.66 4.76 -15.70
C ARG D 153 34.56 5.71 -16.22
N PRO D 154 33.29 5.23 -16.32
CA PRO D 154 32.29 6.11 -16.95
C PRO D 154 31.91 7.32 -16.07
N ILE D 155 32.07 7.21 -14.76
CA ILE D 155 31.78 8.34 -13.88
C ILE D 155 32.85 9.42 -14.00
N LEU D 156 34.13 9.01 -14.02
CA LEU D 156 35.21 10.01 -14.20
C LEU D 156 35.15 10.63 -15.58
N GLN D 157 34.96 9.79 -16.60
CA GLN D 157 34.88 10.29 -17.97
C GLN D 157 33.77 11.35 -18.14
N GLY D 158 32.61 11.09 -17.53
CA GLY D 158 31.52 12.02 -17.57
C GLY D 158 31.79 13.31 -16.80
N PHE D 159 32.37 13.24 -15.61
CA PHE D 159 32.65 14.47 -14.85
C PHE D 159 33.89 15.26 -15.36
N ARG D 160 34.84 14.59 -16.00
CA ARG D 160 36.05 15.26 -16.48
C ARG D 160 35.68 16.39 -17.46
N THR D 161 34.47 16.29 -18.00
CA THR D 161 33.89 17.32 -18.85
C THR D 161 33.80 18.74 -18.21
N PHE D 162 33.97 18.84 -16.89
CA PHE D 162 33.89 20.11 -16.09
C PHE D 162 35.26 20.80 -15.83
N ALA D 163 36.34 20.22 -16.37
CA ALA D 163 37.72 20.62 -16.05
C ALA D 163 38.42 21.55 -17.05
N LYS D 164 39.67 21.88 -16.66
CA LYS D 164 40.71 22.75 -17.29
C LYS D 164 40.90 24.06 -16.53
N PRO E 1 24.78 34.65 21.01
CA PRO E 1 25.36 33.30 20.83
C PRO E 1 25.60 32.52 22.16
N LYS E 2 24.56 31.88 22.73
CA LYS E 2 24.63 31.30 24.10
C LYS E 2 24.63 29.75 24.20
N GLN E 3 24.78 29.22 25.41
CA GLN E 3 24.89 27.78 25.63
C GLN E 3 23.52 27.12 25.50
N LEU E 4 23.45 26.03 24.72
CA LEU E 4 22.18 25.29 24.51
C LEU E 4 22.15 23.90 25.19
N ARG E 5 20.95 23.49 25.66
CA ARG E 5 20.76 22.17 26.30
C ARG E 5 19.75 21.27 25.54
N PHE E 6 20.15 20.03 25.26
CA PHE E 6 19.24 19.01 24.63
C PHE E 6 19.14 17.77 25.53
N GLU E 7 17.89 17.31 25.75
CA GLU E 7 17.55 16.17 26.64
C GLU E 7 16.98 14.98 25.86
N GLY E 8 17.56 13.80 26.03
CA GLY E 8 17.13 12.62 25.26
C GLY E 8 16.60 11.49 26.12
N GLU E 9 16.41 10.32 25.54
CA GLU E 9 15.97 9.19 26.35
C GLU E 9 17.05 8.76 27.30
N ARG E 10 18.31 8.87 26.88
CA ARG E 10 19.41 8.39 27.66
C ARG E 10 20.53 9.42 27.89
N VAL E 11 20.51 10.48 27.07
CA VAL E 11 21.64 11.41 26.95
C VAL E 11 21.21 12.86 27.12
N THR E 12 22.08 13.63 27.79
CA THR E 12 22.00 15.10 27.89
C THR E 12 23.22 15.63 27.12
N TRP E 13 22.98 16.65 26.30
CA TRP E 13 24.02 17.23 25.46
C TRP E 13 24.05 18.72 25.76
N ILE E 14 25.24 19.23 26.07
CA ILE E 14 25.45 20.65 26.28
C ILE E 14 26.36 21.16 25.17
N GLN E 15 25.87 22.13 24.41
CA GLN E 15 26.68 22.85 23.44
C GLN E 15 27.27 24.06 24.20
N ALA E 16 28.58 23.97 24.51
CA ALA E 16 29.31 25.09 25.12
C ALA E 16 29.72 26.19 24.14
N SER E 17 29.32 27.43 24.45
CA SER E 17 29.63 28.62 23.62
C SER E 17 30.98 29.31 23.94
N THR E 18 31.62 28.90 25.03
CA THR E 18 32.71 29.66 25.61
C THR E 18 33.69 28.75 26.33
N LEU E 19 35.00 29.05 26.20
CA LEU E 19 36.05 28.32 26.92
C LEU E 19 35.72 28.12 28.41
N LYS E 20 35.21 29.20 29.03
CA LYS E 20 34.85 29.21 30.43
C LYS E 20 33.79 28.15 30.65
N GLU E 21 32.69 28.25 29.89
CA GLU E 21 31.56 27.35 30.03
C GLU E 21 32.01 25.88 30.01
N LEU E 22 32.90 25.56 29.08
CA LEU E 22 33.51 24.22 28.95
C LEU E 22 34.28 23.71 30.19
N LEU E 23 35.15 24.55 30.73
CA LEU E 23 36.03 24.15 31.83
C LEU E 23 35.24 24.01 33.11
N ASP E 24 34.25 24.89 33.30
CA ASP E 24 33.27 24.76 34.39
C ASP E 24 32.56 23.39 34.29
N LEU E 25 32.04 23.07 33.11
CA LEU E 25 31.32 21.81 32.86
C LEU E 25 32.17 20.56 33.04
N LYS E 26 33.39 20.59 32.54
CA LYS E 26 34.29 19.47 32.72
C LYS E 26 34.71 19.33 34.19
N ALA E 27 34.62 20.40 34.94
CA ALA E 27 34.90 20.33 36.35
C ALA E 27 33.72 19.67 37.09
N GLN E 28 32.51 20.19 36.87
CA GLN E 28 31.28 19.66 37.51
C GLN E 28 30.99 18.22 37.09
N HIS E 29 31.43 17.84 35.88
CA HIS E 29 31.16 16.51 35.33
C HIS E 29 32.43 15.87 34.68
N PRO E 30 33.36 15.33 35.51
CA PRO E 30 34.63 14.81 34.96
C PRO E 30 34.47 13.61 34.01
N GLU E 31 33.39 12.84 34.22
CA GLU E 31 33.09 11.64 33.42
C GLU E 31 32.49 11.95 32.03
N ALA E 32 32.04 13.19 31.81
CA ALA E 32 31.43 13.65 30.54
C ALA E 32 32.33 13.45 29.33
N LYS E 33 31.74 13.39 28.15
CA LYS E 33 32.45 13.12 26.89
C LYS E 33 32.44 14.30 25.95
N LEU E 34 33.57 14.61 25.36
CA LEU E 34 33.67 15.77 24.45
C LEU E 34 33.36 15.29 23.04
N VAL E 35 32.47 15.94 22.30
CA VAL E 35 32.20 15.47 20.94
C VAL E 35 32.37 16.62 19.99
N VAL E 36 33.21 16.42 18.97
CA VAL E 36 33.38 17.44 17.94
C VAL E 36 32.81 16.90 16.63
N GLY E 37 33.53 16.00 15.96
CA GLY E 37 33.08 15.40 14.67
C GLY E 37 32.18 14.16 14.77
N ASN E 38 32.19 13.50 15.94
CA ASN E 38 31.44 12.23 16.21
C ASN E 38 31.94 11.01 15.42
N THR E 39 33.07 11.12 14.73
CA THR E 39 33.55 10.03 13.89
C THR E 39 34.25 8.91 14.67
N GLU E 40 34.39 9.12 15.98
CA GLU E 40 34.82 8.05 16.86
C GLU E 40 33.71 7.65 17.87
N ILE E 41 33.09 8.65 18.49
CA ILE E 41 32.10 8.42 19.57
C ILE E 41 30.89 7.69 19.02
N GLY E 42 30.45 8.14 17.83
CA GLY E 42 29.34 7.54 17.11
C GLY E 42 29.55 6.05 16.85
N ILE E 43 30.78 5.67 16.47
CA ILE E 43 31.18 4.28 16.24
C ILE E 43 31.16 3.48 17.51
N GLU E 44 31.51 4.08 18.65
CA GLU E 44 31.54 3.34 19.90
C GLU E 44 30.15 3.10 20.44
N MET E 45 29.24 4.03 20.20
CA MET E 45 27.86 3.84 20.63
C MET E 45 27.07 2.83 19.79
N LYS E 46 27.30 2.80 18.47
CA LYS E 46 26.64 1.84 17.60
C LYS E 46 27.24 0.43 17.67
N PHE E 47 28.56 0.31 17.57
CA PHE E 47 29.21 -1.01 17.42
C PHE E 47 29.89 -1.58 18.68
N LYS E 48 30.78 -0.83 19.31
CA LYS E 48 31.52 -1.30 20.49
C LYS E 48 30.67 -1.23 21.78
N ASN E 49 29.51 -0.57 21.67
CA ASN E 49 28.38 -0.69 22.60
C ASN E 49 28.20 0.27 23.79
N GLN E 50 29.09 1.24 23.90
CA GLN E 50 29.15 2.16 25.01
C GLN E 50 27.87 3.00 25.16
N LEU E 51 27.61 3.54 26.34
CA LEU E 51 26.63 4.60 26.50
C LEU E 51 27.27 5.67 27.37
N PHE E 52 27.25 6.94 26.92
CA PHE E 52 27.77 8.06 27.70
C PHE E 52 26.65 9.04 28.02
N PRO E 53 26.12 8.98 29.24
CA PRO E 53 24.90 9.76 29.52
C PRO E 53 25.08 11.29 29.43
N MET E 54 26.32 11.76 29.36
CA MET E 54 26.59 13.20 29.36
C MET E 54 27.63 13.57 28.31
N ILE E 55 27.22 14.36 27.33
CA ILE E 55 28.11 14.79 26.25
C ILE E 55 28.22 16.32 26.19
N ILE E 56 29.43 16.82 25.93
CA ILE E 56 29.66 18.25 25.78
C ILE E 56 30.27 18.52 24.43
N CYS E 57 29.73 19.51 23.71
CA CYS E 57 30.22 19.86 22.40
C CYS E 57 30.94 21.24 22.34
N PRO E 58 32.27 21.21 22.19
CA PRO E 58 33.09 22.42 22.23
C PRO E 58 33.34 23.12 20.90
N ALA E 59 32.75 22.60 19.81
CA ALA E 59 33.05 23.14 18.46
C ALA E 59 32.93 24.68 18.26
N TRP E 60 31.96 25.30 18.92
CA TRP E 60 31.69 26.72 18.73
C TRP E 60 32.81 27.64 19.28
N ILE E 61 33.55 27.14 20.28
CA ILE E 61 34.57 27.92 20.98
C ILE E 61 35.74 28.40 20.06
N PRO E 62 36.01 29.73 19.99
CA PRO E 62 37.22 30.23 19.29
C PRO E 62 38.38 30.06 20.28
N GLU E 63 39.61 29.72 19.84
CA GLU E 63 40.56 28.99 20.72
C GLU E 63 39.98 27.62 20.49
N LEU E 64 40.77 26.61 20.20
CA LEU E 64 40.13 25.35 19.71
C LEU E 64 39.76 25.47 18.26
N ASN E 65 39.53 26.69 17.74
CA ASN E 65 39.41 26.85 16.27
C ASN E 65 40.52 27.70 15.64
N ALA E 66 41.32 28.34 16.51
CA ALA E 66 42.36 29.30 16.13
C ALA E 66 43.56 28.70 15.39
N VAL E 67 44.06 29.42 14.38
CA VAL E 67 45.25 29.01 13.62
C VAL E 67 46.35 30.08 13.66
N GLU E 68 47.40 29.84 14.43
CA GLU E 68 48.45 30.85 14.75
C GLU E 68 49.86 30.51 14.23
N HIS E 69 50.58 31.51 13.73
CA HIS E 69 51.89 31.28 13.10
C HIS E 69 53.03 31.89 13.93
N GLY E 70 53.55 31.16 14.91
CA GLY E 70 54.63 31.67 15.78
C GLY E 70 56.03 31.52 15.21
N PRO E 71 57.06 31.88 16.00
CA PRO E 71 58.44 31.61 15.57
C PRO E 71 58.85 30.14 15.63
N GLU E 72 58.25 29.34 16.53
CA GLU E 72 58.63 27.92 16.71
C GLU E 72 57.95 26.96 15.73
N GLY E 73 56.72 27.29 15.33
CA GLY E 73 55.95 26.47 14.40
C GLY E 73 54.54 27.00 14.22
N ILE E 74 53.63 26.12 13.77
CA ILE E 74 52.24 26.49 13.56
C ILE E 74 51.30 25.83 14.58
N SER E 75 50.45 26.65 15.17
CA SER E 75 49.53 26.18 16.21
C SER E 75 48.07 26.03 15.70
N PHE E 76 47.45 24.88 16.00
CA PHE E 76 46.07 24.58 15.57
C PHE E 76 45.21 24.35 16.79
N GLY E 77 44.07 25.04 16.87
CA GLY E 77 43.00 24.68 17.82
C GLY E 77 42.60 23.19 17.71
N ALA E 78 42.23 22.62 18.85
CA ALA E 78 42.03 21.18 18.97
C ALA E 78 40.83 20.70 18.17
N ALA E 79 39.86 21.59 17.97
CA ALA E 79 38.67 21.27 17.19
C ALA E 79 38.78 21.52 15.65
N CYS E 80 39.95 22.02 15.19
CA CYS E 80 40.18 22.26 13.77
C CYS E 80 40.05 20.96 13.01
N ALA E 81 39.30 21.01 11.91
CA ALA E 81 39.05 19.82 11.12
C ALA E 81 40.33 19.43 10.40
N LEU E 82 40.51 18.14 10.15
CA LEU E 82 41.66 17.65 9.38
C LEU E 82 41.90 18.33 8.02
N SER E 83 40.83 18.68 7.30
CA SER E 83 41.02 19.41 6.03
C SER E 83 41.53 20.86 6.21
N SER E 84 41.24 21.50 7.35
CA SER E 84 41.83 22.84 7.65
C SER E 84 43.33 22.74 7.87
N VAL E 85 43.73 21.75 8.67
CA VAL E 85 45.12 21.45 8.94
C VAL E 85 45.81 21.15 7.62
N GLU E 86 45.21 20.27 6.81
CA GLU E 86 45.77 19.93 5.50
C GLU E 86 45.95 21.23 4.67
N LYS E 87 44.88 22.03 4.57
CA LYS E 87 44.89 23.23 3.73
C LYS E 87 45.97 24.22 4.15
N THR E 88 46.06 24.46 5.45
CA THR E 88 47.07 25.35 6.02
C THR E 88 48.49 24.84 5.76
N LEU E 89 48.70 23.54 5.88
CA LEU E 89 50.01 22.97 5.70
C LEU E 89 50.45 22.98 4.22
N LEU E 90 49.55 22.63 3.29
CA LEU E 90 49.86 22.76 1.86
C LEU E 90 50.37 24.17 1.54
N GLU E 91 49.75 25.18 2.15
CA GLU E 91 50.08 26.61 1.95
C GLU E 91 51.44 27.03 2.52
N ALA E 92 51.71 26.64 3.76
CA ALA E 92 53.04 26.90 4.32
C ALA E 92 54.13 26.27 3.46
N VAL E 93 53.90 25.04 2.97
CA VAL E 93 54.85 24.26 2.15
C VAL E 93 55.12 24.89 0.79
N ALA E 94 54.13 25.57 0.20
CA ALA E 94 54.34 26.18 -1.15
C ALA E 94 54.99 27.53 -1.06
N LYS E 95 55.38 27.95 0.15
CA LYS E 95 55.71 29.33 0.44
C LYS E 95 57.00 29.54 1.23
N LEU E 96 57.33 28.59 2.12
CA LEU E 96 58.56 28.60 2.92
C LEU E 96 59.63 27.70 2.24
N PRO E 97 60.92 27.93 2.53
CA PRO E 97 61.92 27.05 1.90
C PRO E 97 61.83 25.60 2.39
N THR E 98 62.34 24.66 1.57
CA THR E 98 62.30 23.22 1.86
C THR E 98 62.83 22.88 3.25
N GLN E 99 63.97 23.45 3.63
CA GLN E 99 64.63 23.02 4.86
C GLN E 99 63.81 23.31 6.14
N LYS E 100 62.70 24.01 6.01
CA LYS E 100 61.89 24.37 7.18
C LYS E 100 60.59 23.56 7.32
N THR E 101 60.26 22.77 6.30
CA THR E 101 58.95 22.12 6.19
C THR E 101 58.93 20.55 6.23
N GLU E 102 59.97 19.95 6.78
CA GLU E 102 60.12 18.47 6.77
C GLU E 102 59.04 17.76 7.62
N VAL E 103 58.73 18.31 8.78
CA VAL E 103 57.66 17.75 9.59
C VAL E 103 56.31 17.95 8.90
N PHE E 104 56.13 19.12 8.29
CA PHE E 104 54.86 19.46 7.63
C PHE E 104 54.57 18.50 6.52
N ARG E 105 55.60 18.14 5.74
CA ARG E 105 55.44 17.23 4.61
C ARG E 105 55.15 15.80 5.05
N GLY E 106 55.64 15.44 6.24
CA GLY E 106 55.31 14.17 6.88
C GLY E 106 53.82 14.08 7.20
N VAL E 107 53.30 15.10 7.88
CA VAL E 107 51.88 15.15 8.25
C VAL E 107 51.00 15.05 7.02
N LEU E 108 51.36 15.79 5.97
CA LEU E 108 50.61 15.79 4.70
C LEU E 108 50.59 14.41 4.03
N GLU E 109 51.69 13.67 4.14
CA GLU E 109 51.77 12.29 3.65
C GLU E 109 50.79 11.38 4.39
N GLN E 110 50.77 11.44 5.72
CA GLN E 110 49.90 10.54 6.46
C GLN E 110 48.48 10.85 6.10
N LEU E 111 48.23 12.13 5.76
CA LEU E 111 46.91 12.61 5.38
C LEU E 111 46.50 12.38 3.91
N ARG E 112 47.40 11.82 3.09
CA ARG E 112 47.07 11.54 1.67
C ARG E 112 45.90 10.58 1.49
N TRP E 113 46.10 9.29 1.69
CA TRP E 113 45.02 8.34 1.47
C TRP E 113 44.46 7.96 2.83
N PHE E 114 43.97 8.97 3.55
CA PHE E 114 43.41 8.86 4.89
C PHE E 114 41.93 9.23 4.73
N ALA E 115 41.05 8.24 4.56
CA ALA E 115 39.58 8.52 4.38
C ALA E 115 39.21 9.54 3.25
N GLY E 116 37.94 9.90 3.10
CA GLY E 116 37.54 10.80 2.00
C GLY E 116 37.33 12.22 2.48
N LYS E 117 36.92 13.13 1.59
CA LYS E 117 36.69 14.53 2.03
C LYS E 117 35.63 14.62 3.12
N GLN E 118 34.57 13.79 3.05
CA GLN E 118 33.45 13.88 3.96
C GLN E 118 33.93 13.76 5.41
N VAL E 119 34.73 12.73 5.67
CA VAL E 119 35.34 12.48 7.00
C VAL E 119 36.38 13.56 7.38
N LYS E 120 37.25 13.94 6.45
CA LYS E 120 38.30 14.94 6.71
C LYS E 120 37.75 16.34 6.97
N SER E 121 36.50 16.59 6.57
CA SER E 121 35.81 17.86 6.88
C SER E 121 35.22 17.98 8.29
N VAL E 122 35.06 16.88 9.00
CA VAL E 122 34.49 16.95 10.33
C VAL E 122 35.39 16.34 11.40
N ALA E 123 36.26 15.39 11.03
CA ALA E 123 37.25 14.85 11.99
C ALA E 123 38.13 15.95 12.59
N SER E 124 38.12 16.08 13.91
CA SER E 124 39.02 17.05 14.56
C SER E 124 40.44 16.53 14.88
N LEU E 125 41.43 17.44 14.84
CA LEU E 125 42.82 17.10 15.20
C LEU E 125 42.90 16.49 16.61
N GLY E 126 42.34 17.20 17.58
CA GLY E 126 42.32 16.79 18.98
C GLY E 126 41.64 15.44 19.17
N GLY E 127 40.61 15.20 18.35
CA GLY E 127 39.91 13.91 18.35
C GLY E 127 40.82 12.73 18.01
N ASN E 128 41.62 12.84 16.93
CA ASN E 128 42.56 11.78 16.53
C ASN E 128 43.58 11.53 17.60
N ILE E 129 44.00 12.59 18.27
CA ILE E 129 45.07 12.50 19.26
C ILE E 129 44.56 11.85 20.55
N ILE E 130 43.48 12.37 21.10
CA ILE E 130 43.01 11.87 22.37
C ILE E 130 42.35 10.48 22.27
N THR E 131 41.80 10.13 21.10
CA THR E 131 41.25 8.80 20.93
C THR E 131 42.32 7.75 21.24
N ALA E 132 43.55 8.06 20.84
CA ALA E 132 44.75 7.19 21.08
C ALA E 132 44.63 5.76 20.50
N SER E 133 44.17 5.63 19.27
CA SER E 133 44.18 4.31 18.58
C SER E 133 45.59 3.82 18.40
N PRO E 134 45.84 2.52 18.67
CA PRO E 134 47.16 1.95 18.38
C PRO E 134 47.54 2.17 16.93
N ILE E 135 46.55 2.37 16.07
CA ILE E 135 46.85 2.52 14.64
C ILE E 135 46.70 3.96 14.11
N SER E 136 46.54 4.93 15.01
CA SER E 136 46.50 6.31 14.58
C SER E 136 47.72 6.71 13.71
N ASP E 137 47.47 7.20 12.49
CA ASP E 137 48.56 7.64 11.57
C ASP E 137 49.21 8.99 11.96
N LEU E 138 48.62 9.71 12.90
CA LEU E 138 49.09 11.05 13.22
C LEU E 138 49.96 11.07 14.49
N ASN E 139 49.52 10.38 15.53
CA ASN E 139 50.33 10.28 16.74
C ASN E 139 51.83 9.87 16.54
N PRO E 140 52.14 8.85 15.71
CA PRO E 140 53.57 8.54 15.53
C PRO E 140 54.41 9.70 14.96
N VAL E 141 53.82 10.48 14.07
CA VAL E 141 54.49 11.62 13.48
C VAL E 141 54.69 12.72 14.53
N PHE E 142 53.63 12.96 15.29
CA PHE E 142 53.64 13.96 16.36
C PHE E 142 54.66 13.66 17.45
N MET E 143 54.72 12.38 17.83
CA MET E 143 55.68 11.91 18.81
C MET E 143 57.15 12.10 18.35
N ALA E 144 57.47 11.66 17.13
CA ALA E 144 58.84 11.70 16.62
C ALA E 144 59.32 13.10 16.43
N SER E 145 58.41 14.06 16.39
CA SER E 145 58.79 15.47 16.19
C SER E 145 58.66 16.31 17.48
N GLY E 146 58.18 15.70 18.56
CA GLY E 146 57.91 16.45 19.79
C GLY E 146 56.98 17.65 19.59
N THR E 147 56.01 17.48 18.71
CA THR E 147 54.92 18.42 18.58
C THR E 147 54.34 18.77 19.97
N LYS E 148 54.13 20.06 20.23
CA LYS E 148 53.78 20.52 21.56
C LYS E 148 52.28 20.67 21.78
N LEU E 149 51.84 20.17 22.94
CA LEU E 149 50.41 20.10 23.26
C LEU E 149 50.10 21.05 24.40
N THR E 150 49.10 21.90 24.20
CA THR E 150 48.66 22.76 25.30
C THR E 150 47.40 22.21 25.96
N ILE E 151 47.57 21.81 27.23
CA ILE E 151 46.51 21.16 28.03
C ILE E 151 46.08 22.09 29.15
N VAL E 152 44.79 22.14 29.41
CA VAL E 152 44.18 23.20 30.22
C VAL E 152 43.02 22.66 31.07
N SER E 153 42.84 23.23 32.26
CA SER E 153 41.62 23.03 33.08
C SER E 153 41.27 24.28 33.87
N ARG E 154 40.10 24.31 34.49
CA ARG E 154 39.83 25.38 35.44
C ARG E 154 41.04 25.49 36.40
N GLY E 155 41.79 26.58 36.31
CA GLY E 155 43.00 26.68 37.10
C GLY E 155 44.29 26.33 36.37
N THR E 156 44.53 25.03 36.11
CA THR E 156 45.80 24.57 35.50
C THR E 156 45.95 25.01 34.03
N ARG E 157 47.20 25.01 33.54
CA ARG E 157 47.57 25.25 32.13
C ARG E 157 49.04 24.87 31.92
N ARG E 158 49.33 23.99 30.98
CA ARG E 158 50.70 23.50 30.80
C ARG E 158 50.98 23.14 29.32
N THR E 159 52.25 23.18 28.92
CA THR E 159 52.64 22.81 27.55
C THR E 159 53.72 21.73 27.52
N VAL E 160 53.38 20.50 27.15
CA VAL E 160 54.39 19.44 27.09
C VAL E 160 54.67 19.02 25.65
N PRO E 161 55.96 18.80 25.30
CA PRO E 161 56.23 18.07 24.07
C PRO E 161 55.72 16.64 24.21
N MET E 162 55.21 16.09 23.12
CA MET E 162 54.74 14.71 23.10
C MET E 162 55.96 13.81 23.05
N ASP E 163 56.02 12.87 23.99
CA ASP E 163 57.01 11.78 23.93
C ASP E 163 56.35 10.48 24.38
N HIS E 164 57.15 9.42 24.45
CA HIS E 164 56.66 8.09 24.73
C HIS E 164 55.79 8.00 26.00
N THR E 165 55.99 8.91 26.96
CA THR E 165 55.22 8.83 28.19
C THR E 165 53.77 9.31 28.06
N PHE E 166 53.45 9.99 26.96
CA PHE E 166 52.09 10.51 26.77
C PHE E 166 51.00 9.43 26.60
N PHE E 167 51.38 8.22 26.15
CA PHE E 167 50.44 7.10 26.09
C PHE E 167 50.79 5.97 27.06
N PRO E 168 50.21 5.99 28.28
CA PRO E 168 50.64 5.03 29.34
C PRO E 168 50.16 3.60 29.13
N SER E 169 48.87 3.42 28.76
CA SER E 169 48.32 2.10 28.43
C SER E 169 47.27 2.13 27.29
N TYR E 170 46.86 0.95 26.83
CA TYR E 170 45.83 0.83 25.81
C TYR E 170 44.78 1.95 25.91
N ARG E 171 44.73 2.78 24.87
CA ARG E 171 43.72 3.85 24.69
C ARG E 171 43.57 4.93 25.77
N LYS E 172 44.64 5.22 26.50
CA LYS E 172 44.61 6.29 27.51
C LYS E 172 45.77 7.25 27.26
N THR E 173 45.60 8.51 27.67
CA THR E 173 46.62 9.53 27.49
C THR E 173 46.97 10.16 28.83
N LEU E 174 48.10 10.83 28.94
CA LEU E 174 48.43 11.42 30.22
C LEU E 174 47.75 12.78 30.47
N LEU E 175 46.42 12.78 30.51
CA LEU E 175 45.67 13.95 30.97
C LEU E 175 44.93 13.57 32.25
N GLY E 176 44.73 14.54 33.13
CA GLY E 176 43.87 14.38 34.31
C GLY E 176 42.40 14.32 33.93
N PRO E 177 41.54 13.88 34.88
CA PRO E 177 40.11 13.75 34.55
C PRO E 177 39.39 15.06 34.22
N GLU E 178 39.90 16.17 34.73
CA GLU E 178 39.28 17.46 34.49
C GLU E 178 39.87 18.22 33.32
N GLU E 179 40.73 17.58 32.52
CA GLU E 179 41.55 18.33 31.56
C GLU E 179 41.03 18.25 30.12
N ILE E 180 41.35 19.25 29.31
CA ILE E 180 41.04 19.18 27.89
C ILE E 180 42.26 19.56 27.08
N LEU E 181 42.37 19.03 25.87
CA LEU E 181 43.39 19.50 24.96
C LEU E 181 42.92 20.78 24.24
N LEU E 182 43.73 21.84 24.34
CA LEU E 182 43.37 23.19 23.85
C LEU E 182 44.00 23.53 22.51
N SER E 183 45.32 23.28 22.37
CA SER E 183 45.96 23.48 21.07
C SER E 183 47.28 22.73 20.88
N ILE E 184 47.70 22.61 19.62
CA ILE E 184 48.74 21.69 19.15
C ILE E 184 49.71 22.45 18.23
N GLU E 185 51.00 22.51 18.57
CA GLU E 185 51.98 23.25 17.74
C GLU E 185 52.91 22.34 16.97
N ILE E 186 52.76 22.36 15.66
CA ILE E 186 53.59 21.52 14.83
C ILE E 186 54.82 22.38 14.50
N PRO E 187 56.03 21.88 14.84
CA PRO E 187 57.28 22.63 14.66
C PRO E 187 57.76 22.77 13.20
N TYR E 188 58.50 23.86 12.92
CA TYR E 188 59.40 23.93 11.76
C TYR E 188 60.60 22.99 11.97
N SER E 189 61.16 22.46 10.90
CA SER E 189 62.40 21.71 11.01
C SER E 189 63.61 22.68 11.03
N ARG E 190 64.67 22.32 11.74
CA ARG E 190 65.87 23.16 11.81
C ARG E 190 66.84 22.81 10.68
N GLU E 191 68.01 23.45 10.67
CA GLU E 191 69.12 23.06 9.77
C GLU E 191 69.64 21.67 10.16
N ASP E 192 70.02 20.86 9.17
CA ASP E 192 70.52 19.48 9.44
C ASP E 192 69.47 18.50 10.05
N GLU E 193 68.18 18.85 9.89
CA GLU E 193 67.08 18.05 10.43
C GLU E 193 66.22 17.52 9.27
N PHE E 194 65.99 16.20 9.28
CA PHE E 194 65.27 15.52 8.20
C PHE E 194 64.14 14.61 8.72
N PHE E 195 63.08 14.45 7.92
CA PHE E 195 61.87 13.77 8.39
C PHE E 195 61.16 12.97 7.31
N SER E 196 60.64 11.79 7.68
CA SER E 196 59.81 10.97 6.78
C SER E 196 58.66 10.29 7.52
N ALA E 197 57.61 9.94 6.78
CA ALA E 197 56.49 9.19 7.36
C ALA E 197 55.95 8.12 6.43
N PHE E 198 55.56 6.99 6.99
CA PHE E 198 55.08 5.86 6.17
C PHE E 198 53.94 5.14 6.84
N LYS E 199 53.15 4.43 6.03
CA LYS E 199 52.04 3.60 6.50
C LYS E 199 51.73 2.41 5.58
N GLN E 200 51.48 1.27 6.22
CA GLN E 200 51.06 0.02 5.61
C GLN E 200 49.78 0.23 4.84
N ALA E 201 49.72 -0.38 3.66
CA ALA E 201 48.63 -0.12 2.73
C ALA E 201 47.26 -0.46 3.32
N SER E 202 46.89 -1.74 3.27
CA SER E 202 45.52 -2.10 3.66
C SER E 202 45.34 -2.11 5.19
N ARG E 203 44.69 -3.17 5.71
CA ARG E 203 44.15 -3.16 7.06
C ARG E 203 43.03 -4.21 7.19
N ARG E 204 42.99 -4.89 8.34
CA ARG E 204 42.27 -6.17 8.47
C ARG E 204 41.47 -6.31 9.81
N GLU E 205 42.02 -5.79 10.91
CA GLU E 205 41.35 -5.83 12.23
C GLU E 205 41.06 -4.38 12.64
N ASP E 206 40.28 -4.20 13.70
CA ASP E 206 39.73 -2.88 13.99
C ASP E 206 40.75 -1.81 14.37
N ASP E 207 41.44 -1.99 15.47
CA ASP E 207 42.35 -0.96 15.85
C ASP E 207 43.69 -1.57 16.27
N ILE E 208 44.07 -2.64 15.58
CA ILE E 208 45.38 -3.25 15.78
C ILE E 208 46.08 -3.62 14.49
N ALA E 209 47.41 -3.72 14.55
CA ALA E 209 48.26 -4.35 13.52
C ALA E 209 48.27 -3.69 12.14
N LYS E 210 48.44 -2.38 12.10
CA LYS E 210 48.66 -1.72 10.82
C LYS E 210 49.90 -0.87 11.02
N VAL E 211 51.03 -1.27 10.45
CA VAL E 211 52.27 -0.51 10.67
C VAL E 211 52.25 0.93 10.10
N THR E 212 52.43 1.90 10.99
CA THR E 212 52.46 3.30 10.60
C THR E 212 53.55 4.02 11.40
N CYS E 213 54.31 4.92 10.75
CA CYS E 213 55.49 5.48 11.45
C CYS E 213 55.94 6.92 11.15
N GLY E 214 56.64 7.49 12.15
CA GLY E 214 57.33 8.79 12.03
C GLY E 214 58.80 8.67 12.34
N MET E 215 59.64 9.27 11.50
CA MET E 215 61.08 9.13 11.60
C MET E 215 61.83 10.49 11.52
N ARG E 216 62.72 10.75 12.48
CA ARG E 216 63.45 12.03 12.55
C ARG E 216 64.93 11.88 12.89
N VAL E 217 65.79 12.57 12.15
CA VAL E 217 67.22 12.62 12.46
C VAL E 217 67.74 14.07 12.50
N LEU E 218 68.60 14.39 13.50
CA LEU E 218 69.27 15.69 13.59
C LEU E 218 70.78 15.49 13.57
N PHE E 219 71.45 16.21 12.68
CA PHE E 219 72.92 16.11 12.56
C PHE E 219 73.68 17.29 13.21
N GLN E 220 74.94 17.05 13.59
CA GLN E 220 75.85 18.14 13.97
C GLN E 220 76.03 19.04 12.75
N PRO E 221 76.20 20.37 12.97
CA PRO E 221 76.21 21.40 11.89
C PRO E 221 77.05 21.03 10.67
N GLY E 222 76.43 21.01 9.49
CA GLY E 222 77.14 20.67 8.25
C GLY E 222 77.75 19.28 8.14
N SER E 223 77.53 18.41 9.14
CA SER E 223 78.13 17.06 9.14
C SER E 223 77.12 15.91 8.88
N MET E 224 77.56 14.66 9.08
CA MET E 224 76.72 13.47 8.91
C MET E 224 76.70 12.63 10.17
N GLN E 225 76.93 13.29 11.31
CA GLN E 225 77.03 12.63 12.60
C GLN E 225 75.76 12.86 13.42
N VAL E 226 75.13 11.78 13.82
CA VAL E 226 73.84 11.84 14.50
C VAL E 226 73.92 12.59 15.83
N LYS E 227 72.97 13.49 16.08
CA LYS E 227 72.85 14.15 17.37
C LYS E 227 71.56 13.68 18.06
N GLU E 228 70.45 13.71 17.32
CA GLU E 228 69.24 13.06 17.82
C GLU E 228 68.64 12.15 16.74
N LEU E 229 67.95 11.10 17.19
CA LEU E 229 67.26 10.10 16.34
C LEU E 229 65.94 9.68 16.96
N ALA E 230 64.89 9.63 16.15
CA ALA E 230 63.56 9.23 16.67
C ALA E 230 62.83 8.40 15.62
N LEU E 231 62.36 7.24 16.08
CA LEU E 231 61.64 6.30 15.25
C LEU E 231 60.43 5.87 16.09
N CYS E 232 59.24 6.36 15.72
CA CYS E 232 58.01 5.99 16.45
C CYS E 232 57.01 5.25 15.57
N TYR E 233 56.46 4.15 16.10
CA TYR E 233 55.60 3.25 15.33
C TYR E 233 54.23 2.99 15.97
N GLY E 234 53.19 2.96 15.11
CA GLY E 234 51.86 2.41 15.39
C GLY E 234 51.71 0.99 14.86
N GLY E 235 50.66 0.30 15.27
CA GLY E 235 50.41 -1.07 14.82
C GLY E 235 51.45 -2.12 15.22
N MET E 236 52.22 -1.85 16.27
CA MET E 236 53.19 -2.82 16.75
C MET E 236 52.91 -3.24 18.19
N ALA E 237 51.97 -2.61 18.85
CA ALA E 237 51.74 -2.84 20.27
C ALA E 237 50.34 -2.35 20.49
N ASP E 238 49.93 -2.20 21.74
CA ASP E 238 48.58 -1.71 22.02
C ASP E 238 48.57 -0.18 22.17
N ARG E 239 49.69 0.45 21.79
CA ARG E 239 49.82 1.92 21.70
C ARG E 239 51.01 2.38 20.84
N THR E 240 51.05 3.68 20.54
CA THR E 240 52.16 4.29 19.82
C THR E 240 53.38 4.15 20.70
N ILE E 241 54.47 3.60 20.16
CA ILE E 241 55.70 3.38 20.91
C ILE E 241 56.88 3.97 20.16
N SER E 242 57.97 4.26 20.89
CA SER E 242 59.25 4.67 20.29
C SER E 242 60.33 3.64 20.53
N ALA E 243 61.23 3.49 19.56
CA ALA E 243 62.34 2.56 19.67
C ALA E 243 63.56 3.18 20.36
N LEU E 244 63.37 3.56 21.64
CA LEU E 244 64.39 4.28 22.44
C LEU E 244 65.73 3.58 22.54
N LYS E 245 65.71 2.30 22.92
CA LYS E 245 66.92 1.52 23.14
C LYS E 245 67.79 1.48 21.87
N THR E 246 67.18 1.17 20.73
CA THR E 246 67.86 1.18 19.42
C THR E 246 68.46 2.55 19.02
N THR E 247 67.63 3.59 19.03
CA THR E 247 68.11 4.94 18.64
C THR E 247 69.17 5.51 19.59
N GLN E 248 68.97 5.33 20.89
CA GLN E 248 69.98 5.77 21.85
C GLN E 248 71.40 5.33 21.44
N LYS E 249 71.56 4.03 21.12
CA LYS E 249 72.84 3.46 20.64
C LYS E 249 73.50 4.13 19.41
N GLN E 250 72.75 4.91 18.64
CA GLN E 250 73.33 5.45 17.41
C GLN E 250 73.86 6.85 17.58
N LEU E 251 73.66 7.41 18.76
CA LEU E 251 74.10 8.79 19.03
C LEU E 251 75.64 8.93 18.95
N SER E 252 76.08 9.86 18.10
CA SER E 252 77.49 10.10 17.74
C SER E 252 77.95 9.37 16.51
N LYS E 253 77.23 8.31 16.12
CA LYS E 253 77.66 7.50 14.95
C LYS E 253 77.44 8.22 13.61
N PHE E 254 78.06 7.71 12.56
CA PHE E 254 77.94 8.32 11.22
C PHE E 254 76.88 7.61 10.37
N TRP E 255 76.37 8.31 9.36
CA TRP E 255 75.30 7.80 8.50
C TRP E 255 75.82 6.91 7.37
N ASN E 256 76.00 5.64 7.65
CA ASN E 256 76.58 4.72 6.65
C ASN E 256 76.05 3.29 6.71
N GLU E 257 76.51 2.45 5.78
CA GLU E 257 76.16 1.02 5.72
C GLU E 257 76.03 0.33 7.09
N LYS E 258 76.97 0.62 8.00
CA LYS E 258 77.05 -0.01 9.33
C LYS E 258 75.98 0.53 10.27
N LEU E 259 75.58 1.80 10.08
CA LEU E 259 74.47 2.35 10.84
C LEU E 259 73.20 1.65 10.41
N LEU E 260 73.04 1.50 9.09
CA LEU E 260 71.92 0.74 8.54
C LEU E 260 71.80 -0.64 9.20
N GLN E 261 72.91 -1.35 9.32
CA GLN E 261 72.89 -2.69 9.93
C GLN E 261 72.41 -2.72 11.37
N ASP E 262 72.93 -1.80 12.19
CA ASP E 262 72.69 -1.83 13.64
C ASP E 262 71.26 -1.42 14.04
N VAL E 263 70.68 -0.46 13.32
CA VAL E 263 69.31 -0.08 13.57
C VAL E 263 68.37 -1.22 13.20
N CYS E 264 68.62 -1.90 12.08
CA CYS E 264 67.82 -3.09 11.71
C CYS E 264 67.92 -4.25 12.72
N ALA E 265 69.16 -4.57 13.14
CA ALA E 265 69.36 -5.51 14.23
C ALA E 265 68.62 -5.02 15.48
N GLY E 266 68.83 -3.75 15.85
CA GLY E 266 68.12 -3.10 16.97
C GLY E 266 66.60 -3.11 16.88
N LEU E 267 66.05 -2.83 15.71
CA LEU E 267 64.59 -2.91 15.49
C LEU E 267 63.98 -4.35 15.57
N ALA E 268 64.56 -5.25 14.78
CA ALA E 268 64.19 -6.68 14.80
C ALA E 268 64.04 -7.19 16.22
N GLU E 269 64.94 -6.72 17.05
CA GLU E 269 65.13 -7.14 18.42
C GLU E 269 64.21 -6.39 19.44
N GLU E 270 64.19 -5.04 19.39
CA GLU E 270 63.34 -4.23 20.29
C GLU E 270 61.84 -4.41 20.01
N LEU E 271 61.44 -4.44 18.74
CA LEU E 271 60.00 -4.47 18.42
C LEU E 271 59.38 -5.88 18.17
N SER E 272 60.11 -6.95 18.44
CA SER E 272 59.65 -8.28 18.01
C SER E 272 58.32 -8.68 18.61
N LEU E 273 57.56 -9.51 17.89
CA LEU E 273 56.25 -9.95 18.34
C LEU E 273 56.20 -11.47 18.56
N SER E 274 55.54 -11.87 19.65
CA SER E 274 55.23 -13.31 19.87
C SER E 274 54.30 -13.83 18.76
N PRO E 275 54.41 -15.13 18.39
CA PRO E 275 53.71 -15.71 17.21
C PRO E 275 52.19 -15.62 17.33
N ASP E 276 51.73 -15.40 18.55
CA ASP E 276 50.33 -15.30 18.85
C ASP E 276 49.96 -13.84 19.23
N ALA E 277 50.71 -12.86 18.70
CA ALA E 277 50.37 -11.45 18.95
C ALA E 277 49.06 -11.11 18.27
N PRO E 278 48.20 -10.32 18.94
CA PRO E 278 46.92 -9.98 18.33
C PRO E 278 47.12 -9.25 16.98
N GLY E 279 46.28 -9.59 16.00
CA GLY E 279 46.36 -9.02 14.67
C GLY E 279 47.10 -9.85 13.61
N GLY E 280 47.95 -10.79 14.06
CA GLY E 280 48.70 -11.68 13.17
C GLY E 280 49.66 -10.93 12.27
N MET E 281 49.89 -11.47 11.06
CA MET E 281 50.77 -10.90 10.06
C MET E 281 52.19 -10.65 10.59
N ILE E 282 52.65 -11.56 11.46
CA ILE E 282 53.89 -11.41 12.23
C ILE E 282 55.17 -11.08 11.46
N GLU E 283 55.38 -11.74 10.32
CA GLU E 283 56.59 -11.55 9.53
C GLU E 283 56.53 -10.27 8.68
N PHE E 284 55.40 -10.09 7.99
CA PHE E 284 55.07 -8.86 7.28
C PHE E 284 55.32 -7.60 8.15
N ARG E 285 54.79 -7.58 9.37
CA ARG E 285 54.96 -6.38 10.18
C ARG E 285 56.44 -6.11 10.48
N ARG E 286 57.14 -7.11 11.02
CA ARG E 286 58.57 -7.03 11.24
C ARG E 286 59.29 -6.51 9.97
N THR E 287 59.01 -7.13 8.81
CA THR E 287 59.64 -6.70 7.55
C THR E 287 59.40 -5.24 7.21
N LEU E 288 58.19 -4.76 7.50
CA LEU E 288 57.83 -3.38 7.26
C LEU E 288 58.65 -2.39 8.09
N THR E 289 58.85 -2.70 9.37
CA THR E 289 59.57 -1.80 10.27
C THR E 289 60.98 -1.62 9.81
N LEU E 290 61.58 -2.68 9.27
CA LEU E 290 62.93 -2.57 8.69
C LEU E 290 62.91 -1.84 7.35
N SER E 291 61.93 -2.20 6.51
CA SER E 291 61.83 -1.66 5.17
C SER E 291 61.53 -0.17 5.19
N PHE E 292 60.61 0.26 6.04
CA PHE E 292 60.33 1.69 6.19
C PHE E 292 61.59 2.49 6.57
N PHE E 293 62.42 1.89 7.44
CA PHE E 293 63.69 2.55 7.81
C PHE E 293 64.64 2.56 6.62
N PHE E 294 64.74 1.44 5.91
CA PHE E 294 65.63 1.42 4.76
C PHE E 294 65.32 2.58 3.85
N LYS E 295 64.04 2.89 3.68
CA LYS E 295 63.61 3.97 2.79
C LYS E 295 64.06 5.31 3.38
N PHE E 296 63.83 5.48 4.67
CA PHE E 296 64.24 6.69 5.39
C PHE E 296 65.78 6.89 5.25
N TYR E 297 66.55 5.86 5.61
CA TYR E 297 68.00 5.82 5.41
C TYR E 297 68.44 6.36 4.02
N LEU E 298 67.86 5.87 2.93
CA LEU E 298 68.16 6.36 1.57
C LEU E 298 67.71 7.81 1.31
N THR E 299 66.56 8.18 1.86
CA THR E 299 65.96 9.48 1.60
C THR E 299 66.83 10.58 2.22
N VAL E 300 67.33 10.30 3.42
CA VAL E 300 68.29 11.17 4.10
C VAL E 300 69.56 11.38 3.24
N LEU E 301 70.20 10.27 2.85
CA LEU E 301 71.37 10.33 1.93
C LEU E 301 71.16 11.20 0.70
N LYS E 302 70.08 10.95 -0.04
CA LYS E 302 69.74 11.77 -1.22
C LYS E 302 69.65 13.27 -0.84
N LYS E 303 69.24 13.54 0.40
CA LYS E 303 69.06 14.91 0.90
C LYS E 303 70.37 15.52 1.48
N LEU E 304 71.42 14.70 1.60
CA LEU E 304 72.77 15.17 1.94
C LEU E 304 73.70 15.08 0.71
N GLY E 305 74.72 14.22 0.84
CA GLY E 305 75.58 13.76 -0.27
C GLY E 305 74.82 12.91 -1.26
N ASP F 1 13.24 2.38 -33.56
CA ASP F 1 14.09 1.13 -33.48
C ASP F 1 15.46 1.39 -32.87
N THR F 2 15.64 1.00 -31.60
CA THR F 2 16.84 1.35 -30.87
C THR F 2 17.80 0.17 -30.63
N VAL F 3 17.47 -1.02 -31.13
CA VAL F 3 18.29 -2.19 -30.86
C VAL F 3 19.68 -2.03 -31.49
N GLY F 4 20.74 -2.08 -30.68
CA GLY F 4 22.09 -1.78 -31.17
C GLY F 4 22.60 -0.38 -30.85
N ARG F 5 21.75 0.47 -30.29
CA ARG F 5 22.12 1.88 -29.97
C ARG F 5 22.41 2.07 -28.49
N PRO F 6 23.38 2.93 -28.16
CA PRO F 6 23.78 3.19 -26.74
C PRO F 6 22.76 3.93 -25.84
N LEU F 7 21.54 3.46 -25.75
CA LEU F 7 20.50 4.08 -24.95
C LEU F 7 20.76 4.00 -23.45
N PRO F 8 20.75 5.15 -22.72
CA PRO F 8 21.06 5.09 -21.28
C PRO F 8 20.01 4.32 -20.52
N HIS F 9 20.38 3.76 -19.36
CA HIS F 9 19.46 3.00 -18.48
C HIS F 9 18.18 3.86 -18.22
N LEU F 10 17.00 3.26 -18.37
CA LEU F 10 15.75 4.01 -18.40
C LEU F 10 15.44 4.77 -17.11
N ALA F 11 15.96 4.29 -15.98
CA ALA F 11 15.78 4.92 -14.66
C ALA F 11 16.95 5.85 -14.21
N ALA F 12 18.04 5.87 -14.98
CA ALA F 12 19.28 6.60 -14.61
C ALA F 12 19.07 8.04 -14.14
N ALA F 13 18.23 8.81 -14.84
CA ALA F 13 17.92 10.18 -14.48
C ALA F 13 17.28 10.27 -13.10
N MET F 14 16.39 9.34 -12.79
CA MET F 14 15.71 9.34 -11.50
C MET F 14 16.59 8.77 -10.38
N GLN F 15 17.53 7.90 -10.75
CA GLN F 15 18.56 7.47 -9.83
C GLN F 15 19.50 8.63 -9.43
N ALA F 16 19.84 9.50 -10.39
CA ALA F 16 20.69 10.66 -10.10
C ALA F 16 20.00 11.82 -9.36
N SER F 17 18.67 11.82 -9.32
CA SER F 17 17.94 12.84 -8.60
C SER F 17 17.36 12.37 -7.27
N GLY F 18 17.55 11.08 -6.94
CA GLY F 18 17.07 10.54 -5.68
C GLY F 18 15.60 10.23 -5.71
N GLU F 19 15.01 10.17 -6.89
CA GLU F 19 13.55 9.95 -6.99
C GLU F 19 13.13 8.51 -7.21
N ALA F 20 14.03 7.69 -7.76
CA ALA F 20 13.78 6.26 -7.83
C ALA F 20 13.62 5.62 -6.43
N VAL F 21 12.63 4.72 -6.33
CA VAL F 21 12.26 4.15 -5.05
C VAL F 21 12.92 2.79 -4.89
N TYR F 22 13.70 2.62 -3.82
CA TYR F 22 14.07 1.27 -3.31
C TYR F 22 13.17 0.82 -2.14
N CYS F 23 13.32 -0.45 -1.73
CA CYS F 23 12.41 -1.05 -0.75
C CYS F 23 12.18 -0.22 0.53
N ASP F 24 13.25 0.22 1.20
CA ASP F 24 13.10 1.01 2.45
C ASP F 24 12.71 2.45 2.18
N ASP F 25 12.61 2.83 0.91
CA ASP F 25 12.22 4.20 0.59
C ASP F 25 10.71 4.33 0.54
N ILE F 26 10.01 3.19 0.63
CA ILE F 26 8.55 3.17 0.54
C ILE F 26 8.02 3.72 1.88
N PRO F 27 7.01 4.60 1.83
CA PRO F 27 6.50 5.21 3.10
C PRO F 27 5.96 4.15 4.03
N ARG F 28 5.92 4.45 5.32
CA ARG F 28 5.39 3.52 6.31
C ARG F 28 3.92 3.78 6.57
N TYR F 29 3.20 2.71 6.90
CA TYR F 29 1.88 2.84 7.47
C TYR F 29 1.95 3.45 8.87
N GLU F 30 0.87 4.05 9.31
CA GLU F 30 0.85 4.67 10.64
C GLU F 30 1.17 3.64 11.74
N ASN F 31 0.75 2.39 11.54
CA ASN F 31 0.89 1.33 12.55
C ASN F 31 2.04 0.38 12.24
N GLU F 32 2.95 0.81 11.38
CA GLU F 32 4.00 -0.07 10.88
C GLU F 32 5.12 -0.34 11.91
N LEU F 33 5.43 -1.61 12.15
CA LEU F 33 6.45 -1.96 13.13
C LEU F 33 7.81 -2.35 12.49
N PHE F 34 8.84 -2.58 13.31
CA PHE F 34 10.22 -2.87 12.83
C PHE F 34 10.82 -4.11 13.45
N LEU F 35 11.51 -4.90 12.61
CA LEU F 35 12.14 -6.14 13.08
C LEU F 35 13.67 -6.15 13.12
N ARG F 36 14.24 -6.76 14.16
CA ARG F 36 15.67 -7.02 14.17
C ARG F 36 15.94 -8.45 14.60
N LEU F 37 16.69 -9.16 13.76
CA LEU F 37 17.15 -10.52 14.02
C LEU F 37 18.01 -10.65 15.30
N VAL F 38 17.85 -11.77 16.01
CA VAL F 38 18.75 -12.14 17.08
C VAL F 38 19.49 -13.38 16.61
N THR F 39 20.82 -13.29 16.71
CA THR F 39 21.75 -14.15 16.00
C THR F 39 22.76 -14.81 16.93
N SER F 40 23.26 -15.98 16.56
CA SER F 40 24.15 -16.76 17.45
C SER F 40 25.51 -16.11 17.64
N THR F 41 26.10 -16.18 18.81
CA THR F 41 27.50 -15.79 18.87
C THR F 41 28.42 -16.99 18.96
N ARG F 42 27.93 -18.18 18.62
CA ARG F 42 28.77 -19.37 18.72
C ARG F 42 28.80 -20.13 17.43
N ALA F 43 29.95 -20.70 17.11
CA ALA F 43 30.07 -21.58 15.96
C ALA F 43 29.17 -22.83 16.04
N HIS F 44 29.10 -23.46 17.22
CA HIS F 44 28.46 -24.78 17.38
C HIS F 44 28.16 -25.00 18.85
N ALA F 45 26.88 -25.02 19.19
CA ALA F 45 26.45 -25.11 20.59
C ALA F 45 25.00 -25.53 20.77
N LYS F 46 24.72 -26.14 21.94
CA LYS F 46 23.39 -26.27 22.51
C LYS F 46 22.90 -24.90 23.06
N ILE F 47 21.68 -24.49 22.73
CA ILE F 47 21.08 -23.29 23.37
C ILE F 47 20.53 -23.71 24.74
N LYS F 48 21.05 -23.18 25.86
CA LYS F 48 20.46 -23.67 27.12
C LYS F 48 19.37 -22.77 27.72
N SER F 49 19.37 -21.48 27.37
CA SER F 49 18.31 -20.55 27.77
C SER F 49 18.28 -19.22 26.96
N ILE F 50 17.10 -18.59 26.85
CA ILE F 50 16.93 -17.29 26.20
C ILE F 50 16.17 -16.28 27.12
N ASP F 51 16.82 -15.17 27.50
CA ASP F 51 16.25 -14.30 28.52
C ASP F 51 15.96 -12.92 27.96
N VAL F 52 14.69 -12.54 28.07
CA VAL F 52 14.19 -11.35 27.40
C VAL F 52 13.74 -10.25 28.36
N SER F 53 13.96 -10.46 29.66
CA SER F 53 13.53 -9.50 30.69
C SER F 53 14.14 -8.07 30.52
N GLU F 54 15.43 -7.98 30.18
CA GLU F 54 16.06 -6.69 29.86
C GLU F 54 15.49 -6.02 28.59
N ALA F 55 15.30 -6.81 27.53
CA ALA F 55 14.72 -6.33 26.26
C ALA F 55 13.30 -5.77 26.44
N GLN F 56 12.56 -6.35 27.37
CA GLN F 56 11.25 -5.85 27.74
C GLN F 56 11.23 -4.45 28.38
N LYS F 57 12.34 -3.97 28.92
CA LYS F 57 12.37 -2.63 29.57
C LYS F 57 12.57 -1.51 28.52
N VAL F 58 12.94 -1.87 27.29
CA VAL F 58 13.18 -0.87 26.24
C VAL F 58 11.87 -0.21 25.72
N PRO F 59 11.80 1.12 25.67
CA PRO F 59 10.55 1.75 25.20
C PRO F 59 10.23 1.37 23.76
N GLY F 60 8.95 1.27 23.44
CA GLY F 60 8.55 0.80 22.12
C GLY F 60 8.61 -0.71 21.90
N PHE F 61 9.20 -1.46 22.83
CA PHE F 61 9.21 -2.93 22.69
C PHE F 61 7.83 -3.54 22.44
N VAL F 62 7.75 -4.43 21.44
CA VAL F 62 6.48 -5.12 21.20
C VAL F 62 6.52 -6.59 21.60
N CYS F 63 7.50 -7.35 21.10
CA CYS F 63 7.56 -8.78 21.43
C CYS F 63 8.84 -9.41 20.87
N PHE F 64 9.23 -10.52 21.48
CA PHE F 64 10.29 -11.41 20.97
C PHE F 64 9.63 -12.56 20.21
N LEU F 65 10.25 -13.03 19.12
CA LEU F 65 9.72 -14.16 18.35
C LEU F 65 10.74 -15.25 18.23
N SER F 66 10.29 -16.49 18.31
CA SER F 66 11.15 -17.68 18.24
C SER F 66 10.36 -18.85 17.64
N ALA F 67 11.08 -19.96 17.44
CA ALA F 67 10.54 -21.14 16.79
C ALA F 67 9.12 -21.61 17.26
N ASP F 68 8.82 -21.38 18.53
CA ASP F 68 7.49 -21.67 19.08
C ASP F 68 6.30 -20.87 18.47
N ASP F 69 6.57 -19.68 17.90
CA ASP F 69 5.51 -18.81 17.44
C ASP F 69 5.01 -19.17 16.03
N ILE F 70 5.63 -20.18 15.42
CA ILE F 70 5.41 -20.50 14.01
C ILE F 70 4.19 -21.42 13.81
N PRO F 71 3.19 -20.96 13.01
CA PRO F 71 1.98 -21.78 12.89
C PRO F 71 2.13 -22.92 11.86
N GLY F 72 3.05 -22.77 10.90
CA GLY F 72 3.12 -23.68 9.78
C GLY F 72 4.22 -24.71 9.91
N SER F 73 5.44 -24.30 9.59
CA SER F 73 6.55 -25.22 9.53
C SER F 73 7.82 -24.44 9.75
N ASN F 74 8.70 -24.95 10.61
CA ASN F 74 9.99 -24.37 10.88
C ASN F 74 11.06 -25.08 10.05
N GLU F 75 10.65 -25.67 8.93
CA GLU F 75 11.57 -26.36 8.04
C GLU F 75 11.63 -25.60 6.73
N THR F 76 12.85 -25.28 6.30
CA THR F 76 12.99 -24.37 5.19
C THR F 76 14.29 -24.62 4.44
N GLY F 77 14.53 -23.79 3.43
CA GLY F 77 15.75 -23.81 2.65
C GLY F 77 15.53 -24.58 1.38
N LEU F 78 16.44 -24.44 0.42
CA LEU F 78 16.32 -25.07 -0.89
C LEU F 78 16.26 -26.63 -0.88
N PHE F 79 16.97 -27.26 0.06
CA PHE F 79 16.88 -28.72 0.19
C PHE F 79 16.25 -29.13 1.51
N ASN F 80 15.54 -28.18 2.14
CA ASN F 80 14.88 -28.43 3.43
C ASN F 80 15.74 -28.90 4.56
N ASP F 81 16.98 -28.40 4.61
CA ASP F 81 17.92 -28.69 5.69
C ASP F 81 18.19 -27.48 6.60
N GLU F 82 17.33 -26.48 6.54
CA GLU F 82 17.45 -25.27 7.37
C GLU F 82 16.25 -25.05 8.27
N THR F 83 16.50 -24.35 9.38
CA THR F 83 15.42 -23.87 10.23
C THR F 83 15.20 -22.40 9.87
N VAL F 84 13.96 -21.93 10.02
CA VAL F 84 13.64 -20.49 10.05
C VAL F 84 14.22 -19.87 11.32
N PHE F 85 13.91 -20.47 12.48
CA PHE F 85 14.49 -20.11 13.77
C PHE F 85 15.11 -21.36 14.43
N ALA F 86 16.35 -21.29 14.90
CA ALA F 86 17.00 -22.43 15.51
C ALA F 86 16.26 -22.81 16.79
N LYS F 87 16.16 -24.11 17.03
CA LYS F 87 15.46 -24.66 18.19
C LYS F 87 16.36 -24.97 19.41
N ASP F 88 17.15 -26.05 19.33
CA ASP F 88 17.94 -26.45 20.49
C ASP F 88 19.44 -26.24 20.28
N THR F 89 19.85 -26.16 19.02
CA THR F 89 21.25 -26.23 18.67
C THR F 89 21.64 -25.21 17.56
N VAL F 90 22.65 -24.37 17.81
CA VAL F 90 23.12 -23.43 16.77
C VAL F 90 24.30 -24.03 15.99
N THR F 91 24.43 -23.71 14.71
CA THR F 91 25.46 -24.33 13.86
C THR F 91 26.40 -23.36 13.08
N CYS F 92 26.30 -22.06 13.38
CA CYS F 92 27.36 -21.10 13.01
C CYS F 92 27.20 -19.76 13.68
N VAL F 93 28.23 -18.94 13.56
CA VAL F 93 28.23 -17.66 14.22
C VAL F 93 27.02 -16.74 13.89
N GLY F 94 26.61 -16.63 12.64
CA GLY F 94 25.42 -15.76 12.44
C GLY F 94 24.02 -16.44 12.42
N HIS F 95 23.94 -17.65 12.99
CA HIS F 95 22.75 -18.50 12.85
C HIS F 95 21.56 -17.77 13.50
N ILE F 96 20.36 -17.87 12.89
CA ILE F 96 19.20 -17.11 13.36
C ILE F 96 18.39 -17.89 14.38
N ILE F 97 18.21 -17.24 15.53
CA ILE F 97 17.59 -17.85 16.69
C ILE F 97 16.18 -17.32 16.95
N GLY F 98 15.93 -16.07 16.57
CA GLY F 98 14.69 -15.40 16.92
C GLY F 98 14.66 -14.00 16.36
N ALA F 99 13.66 -13.21 16.76
CA ALA F 99 13.61 -11.81 16.34
C ALA F 99 12.86 -10.97 17.34
N VAL F 100 13.18 -9.67 17.33
CA VAL F 100 12.59 -8.67 18.21
C VAL F 100 11.82 -7.69 17.32
N VAL F 101 10.66 -7.27 17.80
CA VAL F 101 9.79 -6.38 17.08
C VAL F 101 9.57 -5.17 18.00
N ALA F 102 9.73 -3.96 17.46
CA ALA F 102 9.56 -2.73 18.23
C ALA F 102 8.98 -1.61 17.38
N ASP F 103 8.80 -0.42 17.96
CA ASP F 103 8.10 0.62 17.24
C ASP F 103 8.97 1.53 16.38
N THR F 104 10.29 1.46 16.56
CA THR F 104 11.27 2.17 15.71
C THR F 104 12.45 1.21 15.50
N PRO F 105 13.23 1.37 14.37
CA PRO F 105 14.40 0.50 14.16
C PRO F 105 15.51 0.74 15.19
N GLU F 106 15.57 1.98 15.71
CA GLU F 106 16.43 2.35 16.86
C GLU F 106 16.08 1.54 18.10
N HIS F 107 14.78 1.46 18.41
CA HIS F 107 14.32 0.67 19.54
C HIS F 107 14.57 -0.81 19.29
N ALA F 108 14.44 -1.24 18.04
CA ALA F 108 14.64 -2.66 17.74
C ALA F 108 16.09 -3.06 17.99
N GLU F 109 17.02 -2.25 17.49
CA GLU F 109 18.47 -2.43 17.67
C GLU F 109 18.88 -2.52 19.13
N ARG F 110 18.30 -1.64 19.95
CA ARG F 110 18.62 -1.53 21.35
C ARG F 110 18.11 -2.73 22.15
N ALA F 111 16.93 -3.23 21.79
CA ALA F 111 16.32 -4.39 22.45
C ALA F 111 16.98 -5.72 22.06
N ALA F 112 17.33 -5.86 20.79
CA ALA F 112 18.04 -7.04 20.31
C ALA F 112 19.43 -7.20 20.95
N HIS F 113 20.20 -6.12 20.98
CA HIS F 113 21.52 -6.17 21.61
C HIS F 113 21.47 -6.71 23.07
N VAL F 114 20.33 -6.53 23.74
CA VAL F 114 20.20 -6.82 25.17
C VAL F 114 19.55 -8.19 25.53
N VAL F 115 19.16 -8.97 24.52
CA VAL F 115 18.69 -10.35 24.71
C VAL F 115 19.85 -11.28 25.13
N LYS F 116 19.69 -12.00 26.25
CA LYS F 116 20.78 -12.86 26.77
C LYS F 116 20.54 -14.27 26.36
N VAL F 117 21.56 -14.86 25.73
CA VAL F 117 21.55 -16.29 25.39
C VAL F 117 22.63 -17.06 26.17
N THR F 118 22.27 -18.23 26.70
CA THR F 118 23.24 -19.10 27.37
C THR F 118 23.54 -20.30 26.49
N TYR F 119 24.81 -20.65 26.34
CA TYR F 119 25.20 -21.74 25.43
C TYR F 119 25.98 -22.82 26.16
N GLU F 120 25.98 -24.02 25.60
CA GLU F 120 26.99 -24.98 25.98
C GLU F 120 27.70 -25.40 24.68
N ASP F 121 29.00 -25.08 24.57
CA ASP F 121 29.77 -25.32 23.35
C ASP F 121 29.89 -26.75 22.92
N LEU F 122 29.87 -26.96 21.61
CA LEU F 122 30.16 -28.25 21.01
C LEU F 122 31.36 -28.08 20.08
N PRO F 123 32.20 -29.13 19.95
CA PRO F 123 33.35 -29.07 19.04
C PRO F 123 32.93 -28.71 17.60
N ALA F 124 33.76 -27.94 16.94
CA ALA F 124 33.41 -27.25 15.70
C ALA F 124 34.32 -27.60 14.48
N ILE F 125 33.76 -27.54 13.27
CA ILE F 125 34.55 -27.61 12.04
C ILE F 125 34.47 -26.28 11.24
N ILE F 126 35.62 -25.64 11.06
CA ILE F 126 35.72 -24.36 10.36
C ILE F 126 36.44 -24.46 9.00
N THR F 127 37.62 -25.08 8.97
CA THR F 127 38.41 -25.01 7.75
C THR F 127 38.08 -26.14 6.81
N ILE F 128 38.52 -25.99 5.56
CA ILE F 128 38.48 -27.08 4.59
C ILE F 128 39.32 -28.28 5.08
N GLU F 129 40.51 -27.98 5.61
CA GLU F 129 41.41 -29.00 6.19
C GLU F 129 40.65 -29.73 7.29
N ASP F 130 39.94 -29.00 8.14
CA ASP F 130 39.18 -29.65 9.21
C ASP F 130 38.12 -30.58 8.64
N ALA F 131 37.44 -30.16 7.58
CA ALA F 131 36.39 -30.95 6.98
C ALA F 131 36.90 -32.24 6.31
N ILE F 132 38.01 -32.16 5.57
CA ILE F 132 38.60 -33.36 5.01
C ILE F 132 38.97 -34.41 6.11
N LYS F 133 39.71 -34.02 7.14
CA LYS F 133 40.17 -34.98 8.14
C LYS F 133 39.01 -35.53 8.98
N ASN F 134 37.95 -34.75 9.17
CA ASN F 134 36.75 -35.28 9.84
C ASN F 134 35.74 -35.83 8.85
N ASN F 135 36.08 -35.87 7.58
CA ASN F 135 35.18 -36.43 6.56
C ASN F 135 33.73 -35.84 6.46
N SER F 136 33.63 -34.52 6.52
CA SER F 136 32.37 -33.77 6.72
C SER F 136 31.84 -33.16 5.41
N PHE F 137 31.09 -33.94 4.64
CA PHE F 137 30.66 -33.56 3.30
C PHE F 137 29.14 -33.67 3.14
N TYR F 138 28.56 -32.87 2.22
CA TYR F 138 27.19 -33.05 1.78
C TYR F 138 27.20 -33.96 0.54
N GLY F 139 26.32 -34.95 0.52
CA GLY F 139 26.27 -35.85 -0.63
C GLY F 139 27.60 -36.51 -0.97
N SER F 140 27.72 -37.04 -2.17
CA SER F 140 28.93 -37.79 -2.53
C SER F 140 29.75 -37.21 -3.71
N GLU F 141 30.95 -37.74 -3.91
CA GLU F 141 31.84 -37.21 -4.94
C GLU F 141 31.19 -36.91 -6.31
N LEU F 142 31.53 -35.78 -6.91
CA LEU F 142 31.16 -35.50 -8.30
C LEU F 142 32.34 -35.73 -9.22
N LYS F 143 32.07 -36.15 -10.45
CA LYS F 143 33.17 -36.47 -11.37
C LYS F 143 32.89 -36.25 -12.85
N ILE F 144 33.92 -35.79 -13.56
CA ILE F 144 33.95 -35.83 -15.02
C ILE F 144 35.30 -36.40 -15.46
N GLU F 145 35.29 -37.33 -16.44
CA GLU F 145 36.49 -38.02 -16.85
C GLU F 145 36.50 -38.42 -18.33
N LYS F 146 37.54 -38.02 -19.05
CA LYS F 146 37.66 -38.36 -20.47
C LYS F 146 39.07 -38.90 -20.78
N GLY F 147 39.14 -39.85 -21.71
CA GLY F 147 40.40 -40.43 -22.20
C GLY F 147 41.02 -41.47 -21.26
N ASP F 148 42.34 -41.61 -21.33
CA ASP F 148 43.06 -42.57 -20.49
C ASP F 148 44.18 -41.89 -19.70
N LEU F 149 44.03 -41.87 -18.36
CA LEU F 149 44.93 -41.13 -17.48
C LEU F 149 46.29 -41.79 -17.28
N LYS F 150 46.32 -43.02 -16.80
CA LYS F 150 47.49 -43.88 -17.09
C LYS F 150 47.72 -43.84 -18.61
N LYS F 151 48.94 -43.68 -19.06
CA LYS F 151 49.16 -43.62 -20.51
C LYS F 151 49.39 -42.20 -20.85
N GLY F 152 48.39 -41.36 -20.58
CA GLY F 152 48.63 -39.92 -20.58
C GLY F 152 49.91 -39.64 -19.81
N PHE F 153 49.88 -39.97 -18.51
CA PHE F 153 51.02 -39.77 -17.60
C PHE F 153 52.23 -40.61 -18.01
N SER F 154 51.98 -41.84 -18.44
CA SER F 154 53.10 -42.67 -18.85
C SER F 154 53.86 -42.16 -20.09
N GLU F 155 53.27 -41.27 -20.90
CA GLU F 155 54.00 -40.75 -22.04
C GLU F 155 54.45 -39.28 -21.88
N ALA F 156 54.12 -38.67 -20.74
CA ALA F 156 54.49 -37.29 -20.43
C ALA F 156 56.01 -37.14 -20.20
N ASP F 157 56.62 -36.07 -20.72
CA ASP F 157 58.03 -35.79 -20.49
C ASP F 157 58.20 -35.35 -19.06
N ASN F 158 57.21 -34.62 -18.54
CA ASN F 158 57.29 -33.89 -17.27
C ASN F 158 55.98 -33.99 -16.54
N VAL F 159 56.02 -33.75 -15.25
CA VAL F 159 54.84 -33.70 -14.41
C VAL F 159 55.04 -32.51 -13.48
N VAL F 160 53.95 -31.89 -13.01
CA VAL F 160 54.01 -30.86 -11.97
C VAL F 160 52.80 -31.06 -11.09
N SER F 161 52.96 -30.91 -9.79
CA SER F 161 51.81 -31.02 -8.91
C SER F 161 51.94 -30.02 -7.78
N GLY F 162 50.84 -29.82 -7.06
CA GLY F 162 50.80 -28.82 -6.02
C GLY F 162 49.44 -28.65 -5.38
N GLU F 163 49.29 -27.54 -4.68
CA GLU F 163 48.07 -27.19 -3.97
C GLU F 163 47.82 -25.64 -4.05
N LEU F 164 46.57 -25.26 -4.22
CA LEU F 164 46.17 -23.85 -4.42
C LEU F 164 44.93 -23.59 -3.59
N TYR F 165 44.83 -22.38 -3.06
CA TYR F 165 43.68 -21.98 -2.26
C TYR F 165 43.11 -20.72 -2.81
N ILE F 166 41.78 -20.62 -2.84
CA ILE F 166 41.16 -19.34 -3.19
C ILE F 166 40.07 -18.90 -2.21
N GLY F 167 40.35 -17.81 -1.50
CA GLY F 167 39.41 -17.22 -0.57
C GLY F 167 38.08 -16.77 -1.17
N GLY F 168 37.10 -16.58 -0.28
CA GLY F 168 35.74 -16.25 -0.65
C GLY F 168 35.61 -14.77 -0.96
N GLN F 169 34.41 -14.20 -0.83
CA GLN F 169 34.12 -12.82 -1.24
C GLN F 169 32.71 -12.44 -0.74
N ASP F 170 32.56 -11.22 -0.19
CA ASP F 170 31.24 -10.72 0.22
C ASP F 170 30.66 -9.93 -0.95
N HIS F 171 29.34 -9.96 -1.11
CA HIS F 171 28.69 -9.37 -2.28
C HIS F 171 28.81 -7.83 -2.29
N PHE F 172 28.67 -7.22 -1.12
CA PHE F 172 28.70 -5.77 -1.01
C PHE F 172 27.87 -5.04 -2.10
N TYR F 173 26.64 -5.53 -2.33
CA TYR F 173 25.61 -4.76 -3.03
C TYR F 173 25.49 -3.49 -2.20
N LEU F 174 25.46 -2.30 -2.82
CA LEU F 174 25.31 -1.10 -1.98
C LEU F 174 24.03 -1.07 -1.08
N GLU F 175 22.91 -1.61 -1.57
CA GLU F 175 21.70 -1.80 -0.74
C GLU F 175 21.64 -3.22 -0.14
N THR F 176 21.61 -3.30 1.20
CA THR F 176 21.51 -4.61 1.91
C THR F 176 20.11 -5.30 1.77
N HIS F 177 19.91 -6.41 2.44
CA HIS F 177 18.63 -7.15 2.33
C HIS F 177 17.55 -6.35 2.99
N CYS F 178 16.30 -6.55 2.51
CA CYS F 178 15.18 -5.69 2.87
C CYS F 178 13.81 -6.24 2.45
N THR F 179 12.88 -6.35 3.41
CA THR F 179 11.50 -6.79 3.16
C THR F 179 10.49 -5.93 3.90
N ILE F 180 9.38 -5.59 3.25
CA ILE F 180 8.18 -5.12 3.93
C ILE F 180 7.07 -6.19 3.79
N ALA F 181 6.37 -6.51 4.89
CA ALA F 181 5.25 -7.49 4.79
C ALA F 181 3.98 -6.85 5.29
N ILE F 182 2.94 -6.86 4.47
CA ILE F 182 1.63 -6.28 4.85
C ILE F 182 0.51 -7.32 4.99
N PRO F 183 0.05 -7.60 6.22
CA PRO F 183 -1.03 -8.62 6.40
C PRO F 183 -2.43 -8.00 6.17
N LYS F 184 -3.26 -8.67 5.38
CA LYS F 184 -4.62 -8.17 5.09
C LYS F 184 -5.70 -8.43 6.13
N GLY F 185 -5.58 -9.49 6.93
CA GLY F 185 -6.63 -9.83 7.88
C GLY F 185 -7.73 -10.73 7.31
N GLU F 186 -7.66 -11.00 6.01
CA GLU F 186 -8.58 -11.93 5.35
C GLU F 186 -7.84 -13.19 4.90
N GLU F 187 -8.37 -14.35 5.28
CA GLU F 187 -8.01 -15.63 4.64
C GLU F 187 -6.53 -15.96 4.57
N GLY F 188 -5.71 -15.35 5.41
CA GLY F 188 -4.25 -15.53 5.34
C GLY F 188 -3.53 -14.67 4.30
N GLU F 189 -4.24 -13.88 3.49
CA GLU F 189 -3.62 -12.99 2.50
C GLU F 189 -2.46 -12.08 2.99
N MET F 190 -1.40 -12.00 2.21
CA MET F 190 -0.25 -11.14 2.58
C MET F 190 0.45 -10.61 1.33
N GLU F 191 0.81 -9.33 1.35
CA GLU F 191 1.52 -8.66 0.25
C GLU F 191 2.88 -8.22 0.76
N LEU F 192 3.94 -8.54 0.02
CA LEU F 192 5.34 -8.28 0.41
C LEU F 192 6.13 -7.50 -0.64
N PHE F 193 6.88 -6.50 -0.18
CA PHE F 193 7.76 -5.69 -1.03
C PHE F 193 9.17 -6.08 -0.66
N VAL F 194 9.89 -6.64 -1.61
CA VAL F 194 11.19 -7.22 -1.24
C VAL F 194 12.34 -7.03 -2.23
N SER F 195 13.54 -6.82 -1.68
CA SER F 195 14.77 -6.77 -2.46
C SER F 195 15.31 -8.23 -2.73
N THR F 196 14.79 -8.87 -3.77
CA THR F 196 15.22 -10.23 -4.09
C THR F 196 15.25 -10.47 -5.60
N GLN F 197 16.00 -11.50 -6.01
CA GLN F 197 16.09 -11.93 -7.41
C GLN F 197 15.13 -13.11 -7.63
N ASN F 198 14.45 -13.54 -6.55
CA ASN F 198 13.69 -14.79 -6.62
C ASN F 198 12.41 -14.63 -5.92
N ALA F 199 11.52 -13.90 -6.57
CA ALA F 199 10.18 -13.66 -6.05
C ALA F 199 9.41 -14.98 -5.88
N MET F 200 9.68 -15.93 -6.78
CA MET F 200 9.06 -17.25 -6.67
C MET F 200 9.31 -18.00 -5.34
N LYS F 201 10.57 -18.27 -4.99
CA LYS F 201 10.83 -18.98 -3.77
C LYS F 201 10.46 -18.16 -2.54
N THR F 202 10.49 -16.82 -2.65
CA THR F 202 10.15 -15.97 -1.51
C THR F 202 8.71 -16.28 -1.16
N GLN F 203 7.87 -16.42 -2.21
CA GLN F 203 6.47 -16.68 -2.07
C GLN F 203 6.20 -18.10 -1.49
N SER F 204 6.97 -19.07 -1.95
CA SER F 204 6.87 -20.48 -1.51
C SER F 204 7.24 -20.65 -0.07
N PHE F 205 8.37 -20.04 0.31
CA PHE F 205 8.93 -20.20 1.64
C PHE F 205 8.07 -19.51 2.70
N VAL F 206 7.46 -18.36 2.34
CA VAL F 206 6.60 -17.64 3.26
C VAL F 206 5.33 -18.46 3.53
N ALA F 207 4.75 -19.00 2.45
CA ALA F 207 3.51 -19.79 2.54
C ALA F 207 3.70 -21.12 3.29
N LYS F 208 4.87 -21.74 3.12
CA LYS F 208 5.19 -22.95 3.86
C LYS F 208 5.29 -22.64 5.35
N MET F 209 6.02 -21.58 5.66
CA MET F 209 6.21 -21.25 7.06
C MET F 209 4.84 -20.92 7.72
N LEU F 210 3.98 -20.22 6.98
CA LEU F 210 2.67 -19.83 7.45
C LEU F 210 1.68 -20.98 7.54
N GLY F 211 1.85 -22.00 6.70
CA GLY F 211 0.89 -23.14 6.60
C GLY F 211 -0.32 -22.84 5.71
N VAL F 212 -0.08 -22.24 4.56
CA VAL F 212 -1.10 -21.55 3.82
C VAL F 212 -0.82 -21.80 2.31
N PRO F 213 -1.87 -21.92 1.48
CA PRO F 213 -1.62 -22.10 0.05
C PRO F 213 -0.83 -20.94 -0.58
N VAL F 214 -0.02 -21.25 -1.59
CA VAL F 214 0.82 -20.28 -2.27
C VAL F 214 0.00 -19.13 -2.89
N ASN F 215 -1.25 -19.45 -3.26
CA ASN F 215 -2.14 -18.43 -3.85
C ASN F 215 -2.61 -17.29 -2.94
N ARG F 216 -2.34 -17.37 -1.63
CA ARG F 216 -2.59 -16.27 -0.67
C ARG F 216 -1.49 -15.17 -0.67
N ILE F 217 -0.31 -15.46 -1.21
CA ILE F 217 0.86 -14.60 -1.03
C ILE F 217 1.27 -13.88 -2.32
N LEU F 218 1.31 -12.54 -2.26
CA LEU F 218 1.76 -11.69 -3.36
C LEU F 218 3.17 -11.12 -3.05
N VAL F 219 4.12 -11.34 -3.96
CA VAL F 219 5.48 -10.78 -3.84
C VAL F 219 5.75 -9.81 -5.00
N ARG F 220 6.12 -8.58 -4.67
CA ARG F 220 6.36 -7.51 -5.65
C ARG F 220 7.79 -6.92 -5.54
N VAL F 221 8.44 -6.72 -6.69
CA VAL F 221 9.87 -6.30 -6.74
C VAL F 221 10.08 -5.25 -7.83
N LYS F 222 10.29 -4.01 -7.40
CA LYS F 222 10.46 -2.93 -8.35
C LYS F 222 11.88 -2.84 -8.89
N ARG F 223 12.85 -2.79 -7.97
CA ARG F 223 14.30 -2.80 -8.27
C ARG F 223 15.15 -3.17 -7.05
N MET F 224 16.40 -3.52 -7.30
CA MET F 224 17.35 -3.87 -6.26
C MET F 224 18.51 -2.95 -6.49
N GLY F 225 19.06 -2.39 -5.42
CA GLY F 225 20.37 -1.71 -5.45
C GLY F 225 21.52 -2.72 -5.40
N GLY F 226 21.58 -3.61 -6.40
CA GLY F 226 22.59 -4.66 -6.46
C GLY F 226 22.07 -6.01 -5.98
N GLY F 227 22.57 -7.08 -6.59
CA GLY F 227 22.18 -8.44 -6.26
C GLY F 227 23.40 -9.34 -6.32
N PHE F 228 24.01 -9.43 -7.50
CA PHE F 228 25.24 -10.21 -7.70
C PHE F 228 25.19 -11.70 -7.27
N GLY F 229 23.97 -12.22 -7.08
CA GLY F 229 23.76 -13.66 -6.71
C GLY F 229 23.36 -13.82 -5.24
N GLY F 230 23.67 -12.82 -4.43
CA GLY F 230 23.41 -12.91 -3.00
C GLY F 230 21.97 -12.67 -2.67
N LYS F 231 21.21 -12.26 -3.69
CA LYS F 231 19.78 -12.14 -3.51
C LYS F 231 18.97 -13.18 -4.29
N GLU F 232 19.60 -14.26 -4.70
CA GLU F 232 18.92 -15.41 -5.40
C GLU F 232 18.16 -16.40 -4.46
N THR F 233 18.64 -16.58 -3.22
CA THR F 233 17.98 -17.44 -2.21
C THR F 233 18.08 -16.87 -0.78
N ARG F 234 19.24 -16.28 -0.44
CA ARG F 234 19.53 -15.92 0.96
C ARG F 234 18.66 -14.77 1.53
N SER F 235 17.99 -14.03 0.64
CA SER F 235 17.06 -12.96 1.06
C SER F 235 15.81 -13.48 1.78
N THR F 236 15.47 -14.76 1.59
CA THR F 236 14.37 -15.38 2.33
C THR F 236 14.60 -15.47 3.84
N LEU F 237 15.86 -15.43 4.28
CA LEU F 237 16.16 -15.39 5.71
C LEU F 237 15.51 -14.16 6.38
N VAL F 238 15.60 -13.00 5.72
CA VAL F 238 14.97 -11.82 6.26
C VAL F 238 13.47 -11.91 5.92
N SER F 239 13.16 -12.30 4.69
CA SER F 239 11.76 -12.30 4.23
C SER F 239 10.75 -13.06 5.12
N VAL F 240 11.10 -14.29 5.52
CA VAL F 240 10.24 -15.20 6.24
C VAL F 240 10.07 -14.75 7.68
N ALA F 241 11.20 -14.37 8.28
CA ALA F 241 11.24 -13.74 9.61
C ALA F 241 10.25 -12.55 9.74
N VAL F 242 10.29 -11.64 8.76
CA VAL F 242 9.39 -10.46 8.70
C VAL F 242 7.91 -10.85 8.49
N ALA F 243 7.66 -11.86 7.66
CA ALA F 243 6.31 -12.33 7.39
C ALA F 243 5.67 -12.81 8.66
N LEU F 244 6.44 -13.55 9.44
CA LEU F 244 5.92 -14.15 10.65
C LEU F 244 5.54 -13.05 11.65
N ALA F 245 6.39 -12.03 11.75
CA ALA F 245 6.08 -10.89 12.59
C ALA F 245 4.77 -10.20 12.17
N ALA F 246 4.50 -10.09 10.87
CA ALA F 246 3.24 -9.48 10.40
C ALA F 246 2.03 -10.39 10.71
N TYR F 247 2.23 -11.70 10.54
CA TYR F 247 1.19 -12.67 10.86
C TYR F 247 0.81 -12.57 12.30
N LYS F 248 1.82 -12.60 13.16
CA LYS F 248 1.60 -12.67 14.58
C LYS F 248 1.04 -11.37 15.14
N THR F 249 1.52 -10.20 14.70
CA THR F 249 1.06 -8.95 15.35
C THR F 249 -0.22 -8.38 14.71
N GLY F 250 -0.49 -8.76 13.47
CA GLY F 250 -1.58 -8.19 12.70
C GLY F 250 -1.29 -6.84 12.05
N HIS F 251 -0.07 -6.29 12.24
CA HIS F 251 0.43 -4.99 11.71
C HIS F 251 1.42 -5.17 10.54
N PRO F 252 1.56 -4.14 9.67
CA PRO F 252 2.67 -4.09 8.72
C PRO F 252 4.01 -4.13 9.41
N VAL F 253 5.01 -4.84 8.87
CA VAL F 253 6.34 -4.93 9.55
C VAL F 253 7.45 -4.80 8.53
N ARG F 254 8.54 -4.13 8.87
CA ARG F 254 9.72 -4.11 7.99
C ARG F 254 11.10 -4.32 8.67
N CYS F 255 12.11 -4.57 7.83
CA CYS F 255 13.48 -4.72 8.29
C CYS F 255 14.42 -4.52 7.14
N MET F 256 15.38 -3.59 7.31
CA MET F 256 16.55 -3.50 6.44
C MET F 256 17.78 -3.82 7.26
N LEU F 257 18.68 -4.67 6.76
CA LEU F 257 19.90 -5.03 7.52
C LEU F 257 20.91 -3.91 7.56
N ASP F 258 21.69 -3.86 8.64
CA ASP F 258 22.88 -3.02 8.67
C ASP F 258 23.95 -3.82 7.96
N ARG F 259 24.98 -3.16 7.43
CA ARG F 259 26.08 -3.88 6.76
C ARG F 259 26.69 -5.00 7.59
N ASN F 260 27.07 -4.68 8.82
CA ASN F 260 27.68 -5.63 9.70
C ASN F 260 26.84 -6.90 9.89
N GLU F 261 25.50 -6.75 9.93
CA GLU F 261 24.56 -7.90 9.96
C GLU F 261 24.53 -8.68 8.63
N ASP F 262 24.52 -7.97 7.52
CA ASP F 262 24.48 -8.57 6.19
C ASP F 262 25.68 -9.48 5.87
N MET F 263 26.89 -8.99 6.12
CA MET F 263 28.12 -9.78 5.95
C MET F 263 28.22 -11.00 6.88
N LEU F 264 27.59 -10.95 8.06
CA LEU F 264 27.69 -12.08 8.97
C LEU F 264 26.71 -13.17 8.64
N ILE F 265 25.56 -12.78 8.11
CA ILE F 265 24.41 -13.67 8.10
C ILE F 265 24.18 -14.32 6.74
N THR F 266 24.27 -13.53 5.67
CA THR F 266 23.64 -13.89 4.40
C THR F 266 24.54 -14.69 3.42
N GLY F 267 25.79 -14.94 3.77
CA GLY F 267 26.60 -15.81 2.92
C GLY F 267 27.37 -15.08 1.84
N GLY F 268 28.47 -15.69 1.39
CA GLY F 268 29.32 -15.13 0.36
C GLY F 268 29.63 -16.19 -0.67
N ARG F 269 30.70 -15.96 -1.42
CA ARG F 269 31.15 -16.93 -2.44
C ARG F 269 31.92 -18.10 -1.81
N HIS F 270 31.84 -19.25 -2.44
CA HIS F 270 32.58 -20.40 -1.93
C HIS F 270 34.10 -20.26 -2.09
N PRO F 271 34.82 -20.34 -0.98
CA PRO F 271 36.27 -20.64 -1.02
C PRO F 271 36.56 -22.00 -1.64
N PHE F 272 37.69 -22.15 -2.32
CA PHE F 272 38.04 -23.42 -2.96
C PHE F 272 39.46 -23.81 -2.61
N LEU F 273 39.64 -25.09 -2.27
CA LEU F 273 40.96 -25.74 -2.23
C LEU F 273 41.12 -26.65 -3.43
N ALA F 274 42.29 -26.60 -4.08
CA ALA F 274 42.55 -27.52 -5.17
C ALA F 274 43.85 -28.33 -5.01
N ARG F 275 43.78 -29.63 -5.31
CA ARG F 275 44.97 -30.49 -5.42
C ARG F 275 45.13 -30.99 -6.85
N TYR F 276 46.25 -30.64 -7.49
CA TYR F 276 46.41 -30.87 -8.92
C TYR F 276 47.68 -31.64 -9.36
N LYS F 277 47.60 -32.24 -10.55
CA LYS F 277 48.72 -32.92 -11.20
C LYS F 277 48.56 -32.84 -12.71
N VAL F 278 49.50 -32.17 -13.40
CA VAL F 278 49.49 -32.09 -14.86
C VAL F 278 50.71 -32.81 -15.44
N GLY F 279 50.49 -33.52 -16.55
CA GLY F 279 51.55 -34.10 -17.34
C GLY F 279 51.59 -33.50 -18.75
N PHE F 280 52.81 -33.15 -19.19
CA PHE F 280 53.02 -32.39 -20.42
C PHE F 280 54.31 -32.76 -21.15
N MET F 281 54.46 -32.29 -22.38
CA MET F 281 55.69 -32.44 -23.16
C MET F 281 56.63 -31.23 -22.98
N LYS F 282 57.86 -31.38 -23.45
CA LYS F 282 58.91 -30.35 -23.55
C LYS F 282 58.49 -29.10 -24.32
N THR F 283 57.64 -29.31 -25.33
CA THR F 283 57.05 -28.23 -26.14
C THR F 283 56.04 -27.38 -25.34
N GLY F 284 55.54 -27.94 -24.24
CA GLY F 284 54.51 -27.29 -23.43
C GLY F 284 53.13 -27.85 -23.70
N THR F 285 53.00 -28.74 -24.68
CA THR F 285 51.75 -29.42 -24.98
C THR F 285 51.25 -30.21 -23.77
N ILE F 286 50.00 -30.01 -23.40
CA ILE F 286 49.39 -30.76 -22.28
C ILE F 286 48.97 -32.17 -22.76
N VAL F 287 48.97 -33.13 -21.85
CA VAL F 287 48.77 -34.50 -22.24
C VAL F 287 47.97 -35.31 -21.19
N ALA F 288 47.91 -34.81 -19.96
CA ALA F 288 47.09 -35.43 -18.92
C ALA F 288 46.88 -34.48 -17.73
N LEU F 289 45.68 -34.50 -17.12
CA LEU F 289 45.35 -33.61 -16.00
C LEU F 289 44.40 -34.22 -14.99
N GLU F 290 44.65 -33.92 -13.73
CA GLU F 290 43.88 -34.48 -12.63
C GLU F 290 43.71 -33.46 -11.52
N VAL F 291 42.45 -33.15 -11.18
CA VAL F 291 42.13 -32.13 -10.18
C VAL F 291 41.01 -32.57 -9.20
N ASP F 292 41.32 -32.50 -7.92
CA ASP F 292 40.29 -32.63 -6.89
C ASP F 292 39.96 -31.26 -6.23
N HIS F 293 38.71 -30.83 -6.39
CA HIS F 293 38.25 -29.54 -5.87
C HIS F 293 37.48 -29.78 -4.56
N TYR F 294 37.72 -28.95 -3.56
CA TYR F 294 36.92 -28.93 -2.33
C TYR F 294 36.40 -27.51 -2.12
N SER F 295 35.09 -27.36 -1.94
CA SER F 295 34.54 -26.04 -1.62
C SER F 295 34.10 -25.99 -0.17
N ASN F 296 34.13 -24.80 0.41
CA ASN F 296 33.62 -24.57 1.77
C ASN F 296 32.17 -24.12 1.69
N ALA F 297 31.25 -25.03 2.02
CA ALA F 297 29.82 -24.79 1.76
C ALA F 297 29.03 -24.16 2.92
N GLY F 298 29.48 -24.37 4.16
CA GLY F 298 28.83 -23.80 5.34
C GLY F 298 27.75 -24.72 5.89
N ASN F 299 26.80 -24.19 6.66
CA ASN F 299 25.89 -25.04 7.42
C ASN F 299 24.58 -25.42 6.74
N SER F 300 24.53 -25.31 5.42
CA SER F 300 23.39 -25.85 4.63
C SER F 300 23.84 -26.06 3.21
N ARG F 301 23.03 -26.78 2.43
CA ARG F 301 23.32 -27.14 1.03
C ARG F 301 23.19 -25.95 0.07
N ASP F 302 22.01 -25.30 0.11
CA ASP F 302 21.67 -24.19 -0.80
C ASP F 302 22.10 -24.59 -2.22
N LEU F 303 22.86 -23.69 -2.85
CA LEU F 303 23.18 -23.86 -4.26
C LEU F 303 24.52 -24.57 -4.46
N SER F 304 25.10 -25.11 -3.40
CA SER F 304 26.50 -25.58 -3.44
C SER F 304 26.76 -26.72 -4.44
N HIS F 305 25.75 -27.57 -4.69
CA HIS F 305 25.92 -28.65 -5.64
C HIS F 305 26.06 -28.10 -7.05
N SER F 306 25.18 -27.16 -7.42
CA SER F 306 25.19 -26.56 -8.77
C SER F 306 26.49 -25.81 -9.04
N ILE F 307 26.98 -25.16 -7.99
CA ILE F 307 28.22 -24.34 -8.09
C ILE F 307 29.42 -25.23 -8.36
N MET F 308 29.53 -26.34 -7.62
CA MET F 308 30.50 -27.41 -7.94
C MET F 308 30.36 -27.98 -9.37
N GLU F 309 29.14 -28.22 -9.84
CA GLU F 309 28.94 -28.63 -11.24
C GLU F 309 29.51 -27.63 -12.23
N ARG F 310 29.16 -26.33 -12.12
CA ARG F 310 29.70 -25.34 -13.06
C ARG F 310 31.23 -25.23 -13.00
N ALA F 311 31.80 -25.37 -11.81
CA ALA F 311 33.25 -25.40 -11.68
C ALA F 311 33.85 -26.57 -12.52
N LEU F 312 33.36 -27.80 -12.32
CA LEU F 312 33.91 -28.94 -13.10
C LEU F 312 33.78 -28.69 -14.60
N PHE F 313 32.66 -28.08 -15.03
CA PHE F 313 32.44 -27.80 -16.44
C PHE F 313 33.43 -26.76 -16.95
N HIS F 314 34.13 -26.08 -16.04
CA HIS F 314 35.05 -25.00 -16.44
C HIS F 314 36.57 -25.21 -16.20
N MET F 315 36.93 -26.35 -15.60
CA MET F 315 38.32 -26.74 -15.31
C MET F 315 39.30 -26.81 -16.52
N ASP F 316 38.75 -26.73 -17.74
CA ASP F 316 39.53 -26.73 -19.00
C ASP F 316 39.90 -25.35 -19.53
N ASN F 317 39.22 -24.29 -19.06
CA ASN F 317 39.25 -22.94 -19.71
C ASN F 317 39.19 -22.99 -21.25
N CYS F 318 40.20 -22.51 -21.94
CA CYS F 318 40.17 -22.59 -23.42
C CYS F 318 41.16 -23.60 -24.01
N TYR F 319 41.44 -24.65 -23.22
CA TYR F 319 42.54 -25.57 -23.55
C TYR F 319 42.03 -27.00 -23.78
N LYS F 320 42.45 -27.57 -24.91
CA LYS F 320 42.22 -28.96 -25.34
C LYS F 320 43.12 -29.91 -24.57
N ILE F 321 42.55 -30.87 -23.86
CA ILE F 321 43.32 -31.76 -22.97
C ILE F 321 42.77 -33.15 -23.13
N PRO F 322 43.50 -34.03 -23.85
CA PRO F 322 42.97 -35.38 -24.21
C PRO F 322 42.73 -36.41 -23.08
N ASN F 323 43.36 -36.25 -21.92
CA ASN F 323 43.15 -37.18 -20.78
C ASN F 323 42.99 -36.43 -19.47
N ILE F 324 41.82 -36.55 -18.84
CA ILE F 324 41.38 -35.58 -17.82
C ILE F 324 40.36 -36.13 -16.84
N ARG F 325 40.64 -35.93 -15.55
CA ARG F 325 39.70 -36.35 -14.48
C ARG F 325 39.60 -35.19 -13.53
N GLY F 326 38.39 -34.69 -13.32
CA GLY F 326 38.20 -33.64 -12.33
C GLY F 326 37.22 -34.21 -11.36
N THR F 327 37.45 -34.05 -10.06
CA THR F 327 36.45 -34.44 -9.05
C THR F 327 36.13 -33.25 -8.18
N GLY F 328 35.01 -33.32 -7.46
CA GLY F 328 34.56 -32.23 -6.59
C GLY F 328 33.87 -32.72 -5.35
N ARG F 329 34.03 -32.01 -4.23
CA ARG F 329 33.44 -32.37 -2.94
C ARG F 329 32.93 -31.10 -2.29
N LEU F 330 31.87 -31.22 -1.47
CA LEU F 330 31.28 -30.05 -0.77
C LEU F 330 31.45 -30.15 0.73
N CYS F 331 32.28 -29.26 1.30
CA CYS F 331 32.58 -29.31 2.73
C CYS F 331 31.47 -28.75 3.63
N LYS F 332 31.05 -29.60 4.58
CA LYS F 332 29.99 -29.27 5.54
C LYS F 332 30.63 -28.66 6.81
N THR F 333 30.43 -27.36 7.04
CA THR F 333 31.13 -26.65 8.11
C THR F 333 30.23 -25.78 8.93
N ASN F 334 30.74 -25.39 10.09
CA ASN F 334 30.05 -24.45 10.93
C ASN F 334 30.33 -23.00 10.57
N LEU F 335 29.94 -22.59 9.36
CA LEU F 335 29.97 -21.18 8.98
C LEU F 335 28.70 -20.92 8.21
N SER F 336 28.32 -19.65 8.14
CA SER F 336 27.17 -19.22 7.36
C SER F 336 27.15 -19.87 6.01
N SER F 337 25.99 -20.34 5.59
CA SER F 337 25.85 -20.98 4.29
C SER F 337 26.28 -20.09 3.11
N ASN F 338 27.25 -20.57 2.34
CA ASN F 338 27.62 -19.88 1.10
C ASN F 338 26.68 -20.24 -0.05
N THR F 339 26.69 -19.43 -1.11
CA THR F 339 25.57 -19.35 -2.02
C THR F 339 26.05 -18.83 -3.40
N ALA F 340 25.13 -18.40 -4.28
CA ALA F 340 25.53 -17.81 -5.56
C ALA F 340 26.31 -16.48 -5.41
N PHE F 341 27.33 -16.32 -6.25
CA PHE F 341 27.99 -15.01 -6.42
C PHE F 341 28.50 -14.98 -7.87
N ARG F 342 28.28 -13.85 -8.56
CA ARG F 342 28.58 -13.66 -10.00
C ARG F 342 29.76 -14.49 -10.59
N GLY F 343 29.45 -15.51 -11.41
CA GLY F 343 30.45 -16.48 -11.90
C GLY F 343 30.06 -17.92 -11.51
N PHE F 344 29.65 -18.11 -10.25
CA PHE F 344 28.97 -19.30 -9.79
C PHE F 344 29.88 -20.54 -9.85
N GLY F 345 31.10 -20.43 -9.31
CA GLY F 345 32.04 -21.54 -9.34
C GLY F 345 32.94 -21.53 -10.56
N GLY F 346 32.53 -20.81 -11.60
CA GLY F 346 33.34 -20.67 -12.82
C GLY F 346 34.69 -19.99 -12.62
N PRO F 347 34.72 -18.77 -12.00
CA PRO F 347 36.02 -18.15 -11.70
C PRO F 347 36.95 -19.01 -10.83
N GLN F 348 36.44 -19.75 -9.86
CA GLN F 348 37.33 -20.60 -9.06
C GLN F 348 38.02 -21.65 -9.92
N ALA F 349 37.26 -22.45 -10.68
CA ALA F 349 37.86 -23.48 -11.54
C ALA F 349 38.78 -22.87 -12.61
N LEU F 350 38.39 -21.72 -13.15
CA LEU F 350 39.16 -21.05 -14.18
C LEU F 350 40.54 -20.58 -13.57
N PHE F 351 40.50 -20.02 -12.37
CA PHE F 351 41.72 -19.61 -11.67
C PHE F 351 42.70 -20.78 -11.41
N ILE F 352 42.19 -21.91 -10.94
CA ILE F 352 42.96 -23.16 -10.80
C ILE F 352 43.57 -23.62 -12.12
N ALA F 353 42.84 -23.51 -13.21
CA ALA F 353 43.41 -23.89 -14.52
C ALA F 353 44.57 -22.95 -14.91
N GLU F 354 44.40 -21.63 -14.78
CA GLU F 354 45.44 -20.74 -15.27
C GLU F 354 46.70 -20.86 -14.42
N ASN F 355 46.51 -21.24 -13.15
CA ASN F 355 47.69 -21.46 -12.31
C ASN F 355 48.59 -22.63 -12.75
N TRP F 356 48.05 -23.82 -13.02
CA TRP F 356 48.97 -24.88 -13.46
C TRP F 356 49.51 -24.49 -14.82
N MET F 357 48.72 -23.77 -15.63
CA MET F 357 49.19 -23.42 -16.97
C MET F 357 50.44 -22.53 -16.83
N SER F 358 50.38 -21.55 -15.94
CA SER F 358 51.53 -20.66 -15.80
C SER F 358 52.78 -21.44 -15.30
N GLU F 359 52.57 -22.53 -14.56
CA GLU F 359 53.68 -23.35 -14.10
C GLU F 359 54.30 -24.28 -15.15
N VAL F 360 53.49 -24.70 -16.12
CA VAL F 360 53.95 -25.43 -17.29
C VAL F 360 54.91 -24.54 -18.10
N ALA F 361 54.49 -23.28 -18.38
CA ALA F 361 55.34 -22.29 -19.10
C ALA F 361 56.69 -22.05 -18.42
N VAL F 362 56.68 -21.90 -17.11
CA VAL F 362 57.92 -21.66 -16.39
C VAL F 362 58.78 -22.94 -16.34
N THR F 363 58.15 -24.11 -16.21
CA THR F 363 58.93 -25.34 -16.09
C THR F 363 59.62 -25.66 -17.41
N CYS F 364 58.93 -25.39 -18.51
CA CYS F 364 59.49 -25.56 -19.83
C CYS F 364 60.48 -24.45 -20.23
N GLY F 365 60.45 -23.33 -19.51
CA GLY F 365 61.19 -22.11 -19.86
C GLY F 365 60.78 -21.44 -21.16
N LEU F 366 59.50 -21.57 -21.55
CA LEU F 366 59.00 -20.94 -22.78
C LEU F 366 58.20 -19.68 -22.43
N PRO F 367 57.97 -18.77 -23.41
CA PRO F 367 57.05 -17.64 -23.04
C PRO F 367 55.56 -18.07 -22.88
N ALA F 368 54.85 -17.41 -21.98
CA ALA F 368 53.47 -17.78 -21.64
C ALA F 368 52.44 -17.68 -22.77
N GLU F 369 52.36 -16.57 -23.51
CA GLU F 369 51.40 -16.47 -24.62
C GLU F 369 51.52 -17.65 -25.58
N GLU F 370 52.73 -18.13 -25.74
CA GLU F 370 53.05 -19.15 -26.72
C GLU F 370 52.50 -20.54 -26.26
N VAL F 371 52.67 -20.81 -24.96
CA VAL F 371 52.21 -22.05 -24.35
C VAL F 371 50.69 -22.12 -24.22
N ARG F 372 50.09 -20.99 -23.84
CA ARG F 372 48.64 -20.83 -23.88
C ARG F 372 48.03 -21.05 -25.29
N TRP F 373 48.60 -20.41 -26.30
CA TRP F 373 48.13 -20.58 -27.70
C TRP F 373 48.30 -22.02 -28.29
N LYS F 374 49.47 -22.63 -28.15
CA LYS F 374 49.67 -24.00 -28.64
C LYS F 374 48.57 -24.95 -28.19
N ASN F 375 47.99 -24.68 -27.03
CA ASN F 375 47.10 -25.60 -26.33
C ASN F 375 45.58 -25.31 -26.51
N MET F 376 45.22 -24.22 -27.20
CA MET F 376 43.82 -23.86 -27.44
C MET F 376 43.03 -24.85 -28.28
N TYR F 377 41.77 -25.03 -27.92
CA TYR F 377 40.81 -25.64 -28.83
C TYR F 377 40.85 -24.92 -30.18
N LYS F 378 40.34 -25.61 -31.20
CA LYS F 378 40.16 -25.06 -32.53
C LYS F 378 38.68 -25.21 -32.83
N GLU F 379 38.19 -24.38 -33.76
CA GLU F 379 36.80 -24.46 -34.18
C GLU F 379 36.34 -25.93 -34.37
N GLY F 380 35.29 -26.32 -33.66
CA GLY F 380 34.72 -27.63 -33.87
C GLY F 380 35.14 -28.72 -32.91
N ASP F 381 36.05 -28.41 -31.97
CA ASP F 381 36.52 -29.39 -30.98
C ASP F 381 35.43 -29.69 -30.00
N LEU F 382 35.59 -30.81 -29.29
CA LEU F 382 34.67 -31.16 -28.22
C LEU F 382 35.37 -30.82 -26.92
N THR F 383 34.61 -30.53 -25.87
CA THR F 383 35.17 -30.25 -24.53
C THR F 383 35.31 -31.55 -23.72
N HIS F 384 35.90 -31.47 -22.51
CA HIS F 384 36.03 -32.66 -21.67
C HIS F 384 34.70 -33.32 -21.31
N PHE F 385 33.60 -32.60 -21.53
CA PHE F 385 32.23 -33.09 -21.28
C PHE F 385 31.46 -33.29 -22.61
N ASN F 386 32.24 -33.42 -23.68
CA ASN F 386 31.79 -33.82 -25.02
C ASN F 386 30.80 -32.87 -25.72
N GLN F 387 30.83 -31.59 -25.38
CA GLN F 387 30.10 -30.58 -26.15
C GLN F 387 30.95 -29.88 -27.22
N ARG F 388 30.34 -29.70 -28.39
CA ARG F 388 30.97 -29.16 -29.57
C ARG F 388 31.08 -27.67 -29.39
N LEU F 389 32.22 -27.10 -29.79
CA LEU F 389 32.44 -25.67 -29.75
C LEU F 389 32.17 -25.07 -31.11
N GLU F 390 31.06 -24.37 -31.28
CA GLU F 390 30.74 -23.78 -32.58
C GLU F 390 30.78 -22.27 -32.48
N GLY F 391 31.36 -21.61 -33.47
CA GLY F 391 31.54 -20.20 -33.42
C GLY F 391 32.42 -19.88 -32.25
N PHE F 392 33.53 -20.62 -32.14
CA PHE F 392 34.55 -20.47 -31.08
C PHE F 392 35.46 -19.27 -31.43
N SER F 393 35.30 -18.14 -30.76
CA SER F 393 35.93 -16.91 -31.27
C SER F 393 37.09 -16.35 -30.44
N VAL F 394 37.65 -17.19 -29.57
CA VAL F 394 38.81 -16.81 -28.76
C VAL F 394 40.04 -16.48 -29.60
N PRO F 395 40.35 -17.29 -30.65
CA PRO F 395 41.46 -16.91 -31.55
C PRO F 395 41.43 -15.46 -32.10
N ARG F 396 40.29 -15.03 -32.64
CA ARG F 396 40.06 -13.59 -32.99
C ARG F 396 40.32 -12.64 -31.83
N CYS F 397 39.67 -12.90 -30.68
CA CYS F 397 39.75 -12.04 -29.51
C CYS F 397 41.18 -11.87 -29.04
N TRP F 398 41.90 -12.99 -28.97
CA TRP F 398 43.33 -13.07 -28.69
C TRP F 398 44.17 -12.17 -29.61
N ASP F 399 43.97 -12.38 -30.91
CA ASP F 399 44.73 -11.70 -31.97
C ASP F 399 44.56 -10.16 -31.94
N GLU F 400 43.33 -9.69 -31.72
CA GLU F 400 43.10 -8.27 -31.77
C GLU F 400 43.57 -7.64 -30.48
N CYS F 401 43.45 -8.41 -29.39
CA CYS F 401 43.95 -7.93 -28.09
C CYS F 401 45.47 -7.74 -28.12
N LEU F 402 46.21 -8.70 -28.69
CA LEU F 402 47.69 -8.60 -28.80
C LEU F 402 48.10 -7.35 -29.57
N LYS F 403 47.40 -7.11 -30.69
CA LYS F 403 47.67 -5.98 -31.59
C LYS F 403 47.37 -4.61 -31.01
N SER F 404 46.18 -4.45 -30.42
CA SER F 404 45.77 -3.14 -29.94
C SER F 404 46.29 -2.84 -28.53
N SER F 405 46.82 -3.85 -27.85
CA SER F 405 47.49 -3.60 -26.56
C SER F 405 48.99 -3.35 -26.76
N GLN F 406 49.45 -3.62 -27.98
CA GLN F 406 50.89 -3.56 -28.35
C GLN F 406 51.71 -4.45 -27.43
N TYR F 407 51.24 -5.70 -27.28
CA TYR F 407 51.76 -6.61 -26.25
C TYR F 407 53.23 -6.83 -26.32
N TYR F 408 53.75 -7.16 -27.50
CA TYR F 408 55.19 -7.47 -27.63
C TYR F 408 56.10 -6.27 -27.39
N ALA F 409 55.82 -5.13 -28.03
CA ALA F 409 56.53 -3.88 -27.73
C ALA F 409 56.59 -3.56 -26.22
N ARG F 410 55.43 -3.42 -25.59
CA ARG F 410 55.37 -3.22 -24.14
C ARG F 410 56.08 -4.33 -23.28
N LYS F 411 56.11 -5.59 -23.73
CA LYS F 411 56.94 -6.62 -23.05
C LYS F 411 58.44 -6.24 -22.91
N SER F 412 59.04 -5.70 -23.98
CA SER F 412 60.42 -5.18 -23.97
C SER F 412 60.60 -4.13 -22.88
N GLU F 413 59.68 -3.17 -22.85
CA GLU F 413 59.74 -2.11 -21.87
C GLU F 413 59.80 -2.68 -20.48
N VAL F 414 58.98 -3.70 -20.23
CA VAL F 414 58.90 -4.30 -18.90
C VAL F 414 60.27 -4.87 -18.50
N ASP F 415 60.87 -5.72 -19.35
CA ASP F 415 62.23 -6.24 -19.10
C ASP F 415 63.23 -5.10 -18.85
N LYS F 416 63.22 -4.10 -19.72
CA LYS F 416 64.05 -2.92 -19.53
C LYS F 416 63.83 -2.31 -18.12
N PHE F 417 62.57 -2.05 -17.77
CA PHE F 417 62.26 -1.48 -16.47
C PHE F 417 62.83 -2.32 -15.33
N ASN F 418 62.82 -3.65 -15.51
CA ASN F 418 63.30 -4.61 -14.49
C ASN F 418 64.82 -4.68 -14.37
N LYS F 419 65.53 -4.41 -15.46
CA LYS F 419 66.98 -4.40 -15.50
C LYS F 419 67.54 -3.14 -14.82
N GLU F 420 66.78 -2.05 -14.89
CA GLU F 420 67.19 -0.75 -14.35
C GLU F 420 66.64 -0.44 -12.96
N ASN F 421 65.76 -1.27 -12.43
CA ASN F 421 65.14 -0.97 -11.11
C ASN F 421 65.31 -2.08 -10.10
N CYS F 422 65.58 -1.66 -8.87
CA CYS F 422 66.04 -2.59 -7.86
C CYS F 422 64.95 -3.05 -6.90
N TRP F 423 64.24 -2.07 -6.34
CA TRP F 423 63.21 -2.29 -5.30
C TRP F 423 61.74 -2.06 -5.82
N LYS F 424 61.61 -1.93 -7.13
CA LYS F 424 60.31 -1.89 -7.81
C LYS F 424 60.38 -2.80 -9.01
N LYS F 425 59.30 -3.56 -9.29
CA LYS F 425 59.22 -4.39 -10.51
C LYS F 425 57.88 -4.26 -11.25
N ARG F 426 57.92 -4.58 -12.54
CA ARG F 426 56.75 -4.59 -13.40
C ARG F 426 56.44 -5.99 -13.91
N GLY F 427 55.15 -6.26 -14.18
CA GLY F 427 54.68 -7.53 -14.75
C GLY F 427 53.66 -7.25 -15.82
N LEU F 428 53.52 -8.20 -16.76
CA LEU F 428 52.55 -8.12 -17.87
C LEU F 428 52.03 -9.52 -18.24
N CYS F 429 50.71 -9.70 -18.22
CA CYS F 429 50.16 -11.00 -18.55
C CYS F 429 48.96 -10.91 -19.49
N ILE F 430 48.71 -11.97 -20.26
CA ILE F 430 47.51 -12.01 -21.10
C ILE F 430 46.74 -13.33 -20.98
N ILE F 431 45.43 -13.21 -20.70
CA ILE F 431 44.55 -14.32 -20.35
C ILE F 431 43.21 -14.40 -21.15
N PRO F 432 42.88 -15.60 -21.68
CA PRO F 432 41.60 -15.96 -22.33
C PRO F 432 40.51 -16.46 -21.35
N THR F 433 39.24 -16.48 -21.78
CA THR F 433 38.16 -17.13 -21.03
C THR F 433 36.95 -17.54 -21.86
N LYS F 434 36.37 -18.69 -21.51
CA LYS F 434 35.08 -19.09 -22.05
C LYS F 434 34.12 -19.36 -20.92
N PHE F 435 32.82 -19.12 -21.15
CA PHE F 435 31.81 -19.28 -20.08
C PHE F 435 30.51 -19.82 -20.67
N GLY F 436 30.04 -20.96 -20.15
CA GLY F 436 28.85 -21.65 -20.66
C GLY F 436 27.53 -21.01 -20.29
N ILE F 437 26.64 -20.82 -21.27
CA ILE F 437 25.39 -20.07 -21.03
C ILE F 437 24.14 -20.98 -20.91
N SER F 438 23.59 -21.04 -19.69
CA SER F 438 22.37 -21.79 -19.28
C SER F 438 22.46 -22.16 -17.83
N PHE F 439 21.32 -22.30 -17.15
CA PHE F 439 21.28 -22.99 -15.82
C PHE F 439 21.67 -24.45 -16.05
N THR F 440 22.56 -24.99 -15.20
CA THR F 440 22.99 -26.39 -15.35
C THR F 440 21.81 -27.29 -15.00
N VAL F 441 20.78 -26.71 -14.35
CA VAL F 441 19.52 -27.41 -14.08
C VAL F 441 18.54 -27.18 -15.25
N PRO F 442 18.33 -28.21 -16.10
CA PRO F 442 17.50 -28.00 -17.31
C PRO F 442 16.14 -27.27 -17.05
N PHE F 443 15.38 -27.66 -16.01
CA PHE F 443 14.04 -27.05 -15.78
C PHE F 443 13.96 -25.56 -15.45
N LEU F 444 15.09 -24.91 -15.10
CA LEU F 444 15.04 -23.47 -14.81
C LEU F 444 15.07 -22.62 -16.09
N ASN F 445 15.40 -23.25 -17.23
CA ASN F 445 15.49 -22.54 -18.51
C ASN F 445 14.13 -22.39 -19.14
N GLN F 446 13.28 -21.63 -18.45
CA GLN F 446 11.94 -21.28 -18.91
C GLN F 446 11.66 -19.86 -18.51
N ALA F 447 10.86 -19.16 -19.31
CA ALA F 447 10.51 -17.78 -19.07
C ALA F 447 9.15 -17.39 -19.62
N GLY F 448 8.42 -16.58 -18.84
CA GLY F 448 7.10 -16.04 -19.26
C GLY F 448 6.98 -14.52 -19.25
N ALA F 449 6.12 -14.01 -20.13
CA ALA F 449 5.75 -12.58 -20.17
C ALA F 449 4.24 -12.37 -20.24
N LEU F 450 3.80 -11.18 -19.84
CA LEU F 450 2.40 -10.78 -19.93
C LEU F 450 2.32 -9.33 -20.42
N ILE F 451 1.70 -9.12 -21.57
CA ILE F 451 1.57 -7.80 -22.19
C ILE F 451 0.12 -7.36 -22.31
N HIS F 452 -0.20 -6.14 -21.88
CA HIS F 452 -1.46 -5.51 -22.24
C HIS F 452 -1.22 -4.26 -23.09
N VAL F 453 -2.07 -4.06 -24.11
CA VAL F 453 -2.22 -2.76 -24.81
C VAL F 453 -3.56 -2.10 -24.40
N TYR F 454 -3.50 -0.90 -23.85
CA TYR F 454 -4.69 -0.17 -23.42
C TYR F 454 -5.28 0.60 -24.63
N THR F 455 -6.49 1.14 -24.47
CA THR F 455 -7.20 1.78 -25.57
C THR F 455 -6.63 3.16 -25.98
N ASP F 456 -5.71 3.72 -25.18
CA ASP F 456 -4.95 4.89 -25.67
C ASP F 456 -3.74 4.50 -26.51
N GLY F 457 -3.50 3.19 -26.67
CA GLY F 457 -2.39 2.68 -27.46
C GLY F 457 -1.10 2.56 -26.67
N SER F 458 -1.14 2.91 -25.38
CA SER F 458 0.03 2.66 -24.52
C SER F 458 0.08 1.20 -24.03
N VAL F 459 1.32 0.70 -23.82
CA VAL F 459 1.58 -0.72 -23.63
C VAL F 459 2.27 -0.99 -22.28
N LEU F 460 1.74 -1.92 -21.52
CA LEU F 460 2.34 -2.33 -20.27
C LEU F 460 2.91 -3.75 -20.45
N VAL F 461 4.23 -3.86 -20.25
CA VAL F 461 4.96 -5.13 -20.33
C VAL F 461 5.32 -5.58 -18.94
N SER F 462 5.24 -6.88 -18.70
CA SER F 462 5.64 -7.49 -17.43
C SER F 462 6.22 -8.89 -17.74
N HIS F 463 7.40 -9.19 -17.19
CA HIS F 463 8.09 -10.48 -17.41
C HIS F 463 8.63 -11.02 -16.07
N GLY F 464 9.12 -12.25 -16.05
CA GLY F 464 9.61 -12.89 -14.82
C GLY F 464 10.91 -12.35 -14.24
N GLY F 465 11.68 -11.56 -15.01
CA GLY F 465 12.96 -11.01 -14.56
C GLY F 465 12.91 -9.72 -13.75
N THR F 466 13.94 -9.53 -12.92
CA THR F 466 14.06 -8.37 -12.06
C THR F 466 15.24 -7.49 -12.50
N GLU F 467 15.13 -6.19 -12.19
CA GLU F 467 16.17 -5.18 -12.34
C GLU F 467 17.03 -5.08 -11.06
N MET F 468 18.35 -5.17 -11.29
CA MET F 468 19.34 -4.98 -10.20
C MET F 468 20.47 -4.06 -10.66
N GLY F 469 20.23 -3.25 -11.70
CA GLY F 469 21.23 -2.36 -12.31
C GLY F 469 21.81 -2.80 -13.66
N GLN F 470 21.52 -4.04 -14.06
CA GLN F 470 22.12 -4.64 -15.26
C GLN F 470 21.41 -4.15 -16.56
N GLY F 471 20.25 -3.49 -16.38
CA GLY F 471 19.54 -2.86 -17.48
C GLY F 471 18.59 -3.78 -18.22
N LEU F 472 18.01 -4.73 -17.50
CA LEU F 472 17.18 -5.73 -18.11
C LEU F 472 15.92 -5.09 -18.71
N HIS F 473 15.18 -4.34 -17.89
CA HIS F 473 13.98 -3.61 -18.35
C HIS F 473 14.25 -2.69 -19.55
N THR F 474 15.34 -1.92 -19.50
CA THR F 474 15.80 -1.13 -20.63
C THR F 474 15.85 -2.01 -21.86
N LYS F 475 16.51 -3.18 -21.75
CA LYS F 475 16.64 -4.07 -22.93
C LYS F 475 15.32 -4.65 -23.44
N MET F 476 14.46 -5.16 -22.53
CA MET F 476 13.12 -5.61 -22.94
C MET F 476 12.29 -4.49 -23.62
N VAL F 477 12.40 -3.26 -23.15
CA VAL F 477 11.68 -2.17 -23.81
C VAL F 477 12.21 -1.95 -25.25
N GLN F 478 13.55 -1.98 -25.43
CA GLN F 478 14.16 -1.98 -26.78
C GLN F 478 13.63 -3.11 -27.65
N VAL F 479 13.62 -4.34 -27.12
CA VAL F 479 13.07 -5.52 -27.82
C VAL F 479 11.61 -5.36 -28.30
N ALA F 480 10.73 -5.01 -27.37
CA ALA F 480 9.30 -4.82 -27.66
C ALA F 480 9.09 -3.74 -28.72
N SER F 481 9.82 -2.64 -28.57
CA SER F 481 9.71 -1.52 -29.48
C SER F 481 10.06 -1.91 -30.91
N LYS F 482 11.13 -2.68 -31.07
CA LYS F 482 11.52 -3.19 -32.40
C LYS F 482 10.49 -4.19 -32.90
N ALA F 483 10.01 -5.10 -32.04
CA ALA F 483 9.08 -6.16 -32.44
C ALA F 483 7.70 -5.64 -32.85
N LEU F 484 7.16 -4.67 -32.09
CA LEU F 484 5.89 -4.06 -32.39
C LEU F 484 5.99 -2.91 -33.42
N LYS F 485 7.20 -2.36 -33.61
CA LYS F 485 7.48 -1.18 -34.47
C LYS F 485 6.70 0.04 -34.00
N ILE F 486 6.96 0.46 -32.77
CA ILE F 486 6.43 1.70 -32.21
C ILE F 486 7.55 2.26 -31.32
N PRO F 487 7.59 3.59 -31.11
CA PRO F 487 8.68 4.16 -30.30
C PRO F 487 8.68 3.63 -28.87
N ILE F 488 9.86 3.60 -28.23
CA ILE F 488 9.98 3.19 -26.83
C ILE F 488 9.12 4.01 -25.84
N SER F 489 8.82 5.26 -26.18
CA SER F 489 8.05 6.14 -25.28
C SER F 489 6.59 5.65 -25.12
N LYS F 490 6.13 4.79 -26.00
CA LYS F 490 4.80 4.20 -25.82
C LYS F 490 4.75 2.99 -24.89
N ILE F 491 5.92 2.46 -24.47
CA ILE F 491 5.98 1.21 -23.72
C ILE F 491 6.47 1.46 -22.29
N TYR F 492 5.88 0.79 -21.31
CA TYR F 492 6.37 0.91 -19.94
C TYR F 492 6.48 -0.43 -19.23
N ILE F 493 7.51 -0.62 -18.42
CA ILE F 493 7.55 -1.69 -17.41
C ILE F 493 7.64 -1.11 -15.99
N SER F 494 6.77 -1.57 -15.10
CA SER F 494 6.62 -1.04 -13.75
C SER F 494 7.29 -1.81 -12.62
N GLU F 495 7.19 -3.15 -12.67
CA GLU F 495 7.67 -4.00 -11.57
C GLU F 495 7.56 -5.47 -11.95
N THR F 496 8.14 -6.33 -11.09
CA THR F 496 8.02 -7.77 -11.23
C THR F 496 7.16 -8.30 -10.11
N SER F 497 6.12 -9.08 -10.47
CA SER F 497 5.15 -9.56 -9.48
C SER F 497 4.58 -10.99 -9.73
N THR F 498 4.40 -11.75 -8.66
CA THR F 498 4.03 -13.15 -8.76
C THR F 498 2.57 -13.37 -9.26
N ASN F 499 1.82 -12.28 -9.28
CA ASN F 499 0.44 -12.32 -9.76
C ASN F 499 0.27 -11.87 -11.21
N THR F 500 1.37 -11.52 -11.88
CA THR F 500 1.34 -11.31 -13.34
C THR F 500 2.11 -12.39 -14.09
N VAL F 501 3.31 -12.74 -13.59
CA VAL F 501 4.00 -13.93 -14.13
C VAL F 501 4.34 -14.98 -13.02
N PRO F 502 3.73 -16.17 -13.08
CA PRO F 502 3.94 -17.13 -12.02
C PRO F 502 5.13 -18.07 -12.27
N ASN F 503 5.60 -18.69 -11.19
CA ASN F 503 6.55 -19.83 -11.31
C ASN F 503 7.85 -19.52 -12.05
N SER F 504 8.40 -18.35 -11.83
CA SER F 504 9.55 -17.89 -12.62
C SER F 504 10.86 -18.24 -11.94
N SER F 505 11.89 -18.49 -12.73
CA SER F 505 13.20 -18.85 -12.22
C SER F 505 13.85 -17.61 -11.62
N PRO F 506 14.80 -17.78 -10.69
CA PRO F 506 15.48 -16.55 -10.24
C PRO F 506 16.14 -15.80 -11.39
N THR F 507 16.17 -14.46 -11.33
CA THR F 507 16.97 -13.70 -12.30
C THR F 507 18.49 -13.99 -12.09
N ALA F 508 19.01 -14.94 -12.86
CA ALA F 508 20.40 -15.44 -12.68
C ALA F 508 21.01 -16.12 -13.94
N ALA F 509 22.23 -16.66 -13.81
CA ALA F 509 22.97 -17.34 -14.90
C ALA F 509 23.26 -16.53 -16.19
N SER F 510 22.92 -15.26 -16.17
CA SER F 510 23.25 -14.35 -17.27
C SER F 510 22.29 -14.50 -18.47
N VAL F 511 21.33 -15.41 -18.34
CA VAL F 511 20.41 -15.76 -19.45
C VAL F 511 19.14 -14.92 -19.53
N SER F 512 18.98 -13.95 -18.66
CA SER F 512 17.69 -13.29 -18.53
C SER F 512 17.29 -12.56 -19.81
N THR F 513 18.24 -11.89 -20.46
CA THR F 513 17.97 -11.13 -21.64
C THR F 513 17.57 -12.07 -22.78
N ASP F 514 18.16 -13.26 -22.77
CA ASP F 514 17.92 -14.26 -23.79
C ASP F 514 16.48 -14.76 -23.61
N ILE F 515 16.17 -15.19 -22.40
CA ILE F 515 14.96 -15.93 -22.24
C ILE F 515 13.73 -14.98 -22.16
N TYR F 516 13.83 -13.88 -21.41
CA TYR F 516 12.66 -13.00 -21.29
C TYR F 516 12.53 -12.21 -22.57
N GLY F 517 13.66 -11.92 -23.21
CA GLY F 517 13.63 -11.29 -24.54
C GLY F 517 12.78 -12.08 -25.52
N GLN F 518 13.01 -13.39 -25.55
CA GLN F 518 12.26 -14.33 -26.37
C GLN F 518 10.74 -14.38 -26.00
N ALA F 519 10.42 -14.46 -24.70
CA ALA F 519 9.03 -14.48 -24.22
C ALA F 519 8.27 -13.19 -24.54
N VAL F 520 8.90 -12.04 -24.27
CA VAL F 520 8.38 -10.75 -24.72
C VAL F 520 8.17 -10.70 -26.25
N TYR F 521 9.11 -11.22 -27.01
CA TYR F 521 8.96 -11.32 -28.46
C TYR F 521 7.73 -12.15 -28.94
N GLU F 522 7.43 -13.25 -28.28
CA GLU F 522 6.27 -14.06 -28.63
C GLU F 522 4.95 -13.36 -28.31
N ALA F 523 4.91 -12.68 -27.18
CA ALA F 523 3.72 -11.92 -26.88
C ALA F 523 3.47 -10.77 -27.92
N CYS F 524 4.54 -10.16 -28.41
CA CYS F 524 4.39 -9.10 -29.42
C CYS F 524 3.79 -9.67 -30.70
N GLN F 525 4.31 -10.83 -31.16
CA GLN F 525 3.84 -11.44 -32.41
C GLN F 525 2.33 -11.67 -32.35
N THR F 526 1.85 -12.33 -31.29
CA THR F 526 0.40 -12.55 -31.05
C THR F 526 -0.44 -11.26 -31.13
N ILE F 527 0.08 -10.18 -30.53
CA ILE F 527 -0.52 -8.88 -30.67
C ILE F 527 -0.52 -8.36 -32.10
N LEU F 528 0.61 -8.41 -32.78
CA LEU F 528 0.62 -8.08 -34.22
C LEU F 528 -0.40 -8.87 -35.07
N LYS F 529 -0.43 -10.19 -34.93
CA LYS F 529 -1.43 -11.03 -35.64
C LYS F 529 -2.89 -10.55 -35.46
N ARG F 530 -3.29 -10.35 -34.21
CA ARG F 530 -4.63 -9.88 -33.88
C ARG F 530 -4.94 -8.50 -34.39
N LEU F 531 -3.91 -7.66 -34.46
CA LEU F 531 -4.06 -6.31 -35.02
C LEU F 531 -4.05 -6.27 -36.54
N GLU F 532 -3.49 -7.31 -37.19
CA GLU F 532 -3.35 -7.34 -38.66
C GLU F 532 -4.60 -6.90 -39.46
N PRO F 533 -5.80 -7.45 -39.16
CA PRO F 533 -6.96 -7.10 -40.01
C PRO F 533 -7.34 -5.62 -40.05
N PHE F 534 -7.00 -4.93 -38.98
CA PHE F 534 -7.34 -3.52 -38.82
C PHE F 534 -6.36 -2.62 -39.48
N LYS F 535 -5.09 -3.01 -39.47
CA LYS F 535 -4.04 -2.44 -40.31
C LYS F 535 -4.43 -2.54 -41.80
N LYS F 536 -4.97 -3.69 -42.25
CA LYS F 536 -5.40 -3.84 -43.66
C LYS F 536 -6.58 -2.93 -44.04
N LYS F 537 -7.52 -2.74 -43.09
CA LYS F 537 -8.72 -1.88 -43.27
C LYS F 537 -8.39 -0.39 -43.26
N ASN F 538 -7.30 0.00 -42.63
CA ASN F 538 -6.92 1.41 -42.54
C ASN F 538 -5.41 1.63 -42.76
N PRO F 539 -4.90 1.28 -43.98
CA PRO F 539 -3.44 1.15 -44.14
C PRO F 539 -2.71 2.44 -43.83
N ASP F 540 -3.43 3.56 -43.96
CA ASP F 540 -2.80 4.87 -43.76
C ASP F 540 -3.15 5.57 -42.43
N GLY F 541 -3.72 4.82 -41.49
CA GLY F 541 -3.90 5.31 -40.10
C GLY F 541 -2.69 5.09 -39.19
N SER F 542 -2.89 5.32 -37.89
CA SER F 542 -1.80 5.24 -36.89
C SER F 542 -2.05 4.14 -35.83
N TRP F 543 -1.01 3.82 -35.04
CA TRP F 543 -1.07 2.76 -34.03
C TRP F 543 -2.36 2.86 -33.21
N GLU F 544 -2.62 4.06 -32.71
CA GLU F 544 -3.82 4.37 -31.92
C GLU F 544 -5.15 4.06 -32.58
N ASP F 545 -5.24 4.26 -33.91
CA ASP F 545 -6.44 3.91 -34.66
C ASP F 545 -6.65 2.40 -34.66
N TRP F 546 -5.58 1.63 -34.92
CA TRP F 546 -5.76 0.17 -35.10
C TRP F 546 -6.17 -0.47 -33.74
N VAL F 547 -5.52 -0.04 -32.67
CA VAL F 547 -5.83 -0.49 -31.33
C VAL F 547 -7.32 -0.24 -30.93
N MET F 548 -7.81 0.98 -31.16
CA MET F 548 -9.18 1.33 -30.86
C MET F 548 -10.23 0.62 -31.79
N ALA F 549 -9.94 0.40 -33.07
CA ALA F 549 -10.87 -0.46 -33.88
C ALA F 549 -10.85 -1.96 -33.43
N ALA F 550 -9.67 -2.52 -33.13
CA ALA F 550 -9.62 -3.88 -32.55
C ALA F 550 -10.48 -3.97 -31.24
N TYR F 551 -10.40 -2.94 -30.39
CA TYR F 551 -11.15 -2.92 -29.14
C TYR F 551 -12.65 -2.84 -29.36
N GLN F 552 -13.08 -1.95 -30.25
CA GLN F 552 -14.52 -1.81 -30.55
C GLN F 552 -15.10 -3.04 -31.28
N ASP F 553 -14.23 -3.88 -31.84
CA ASP F 553 -14.68 -5.08 -32.53
C ASP F 553 -14.50 -6.36 -31.68
N ARG F 554 -14.28 -6.13 -30.38
CA ARG F 554 -14.14 -7.20 -29.38
C ARG F 554 -13.07 -8.27 -29.70
N VAL F 555 -11.90 -7.77 -30.08
CA VAL F 555 -10.67 -8.55 -30.19
C VAL F 555 -9.79 -8.18 -28.97
N SER F 556 -9.38 -9.22 -28.23
CA SER F 556 -8.61 -9.08 -27.00
C SER F 556 -7.22 -8.51 -27.23
N LEU F 557 -6.82 -7.61 -26.34
CA LEU F 557 -5.54 -6.95 -26.42
C LEU F 557 -4.63 -7.31 -25.21
N SER F 558 -4.73 -8.56 -24.78
CA SER F 558 -3.91 -9.11 -23.69
C SER F 558 -3.39 -10.48 -24.07
N THR F 559 -2.13 -10.75 -23.80
CA THR F 559 -1.64 -12.09 -24.02
C THR F 559 -0.38 -12.40 -23.26
N THR F 560 -0.28 -13.66 -22.85
CA THR F 560 0.94 -14.29 -22.33
C THR F 560 1.92 -14.56 -23.49
N GLY F 561 3.08 -15.12 -23.14
CA GLY F 561 4.19 -15.41 -24.06
C GLY F 561 5.13 -16.29 -23.23
N PHE F 562 5.78 -17.25 -23.89
CA PHE F 562 6.56 -18.29 -23.20
C PHE F 562 7.75 -18.80 -24.01
N TYR F 563 8.84 -19.14 -23.33
CA TYR F 563 10.00 -19.71 -24.01
C TYR F 563 10.70 -20.74 -23.12
N ARG F 564 11.30 -21.74 -23.77
CA ARG F 564 11.80 -22.98 -23.18
C ARG F 564 13.07 -23.22 -24.01
N THR F 565 14.26 -23.21 -23.40
CA THR F 565 15.49 -23.40 -24.19
C THR F 565 15.57 -24.83 -24.78
N PRO F 566 15.88 -24.94 -26.09
CA PRO F 566 15.83 -26.27 -26.70
C PRO F 566 17.11 -27.13 -26.49
N ASN F 567 16.96 -28.45 -26.50
CA ASN F 567 18.09 -29.40 -26.59
C ASN F 567 19.13 -29.35 -25.44
N LEU F 568 18.64 -29.10 -24.23
CA LEU F 568 19.49 -29.06 -23.05
C LEU F 568 19.32 -30.30 -22.21
N GLY F 569 20.39 -30.83 -21.65
CA GLY F 569 20.24 -32.02 -20.81
C GLY F 569 21.49 -32.88 -20.69
N TYR F 570 22.48 -32.42 -19.94
CA TYR F 570 23.72 -33.17 -19.80
C TYR F 570 23.62 -34.30 -18.79
N SER F 571 24.26 -35.43 -19.11
CA SER F 571 24.25 -36.55 -18.15
C SER F 571 25.63 -36.85 -17.55
N PHE F 572 25.68 -36.97 -16.22
CA PHE F 572 26.89 -37.44 -15.53
C PHE F 572 27.28 -38.94 -15.73
N GLU F 573 26.36 -39.74 -16.27
CA GLU F 573 26.67 -41.07 -16.80
C GLU F 573 26.47 -40.90 -18.28
N THR F 574 27.09 -41.73 -19.09
CA THR F 574 27.15 -41.43 -20.54
C THR F 574 28.11 -40.29 -20.87
N ASN F 575 28.25 -39.29 -19.98
CA ASN F 575 29.05 -38.07 -20.27
C ASN F 575 28.65 -37.39 -21.57
N SER F 576 27.35 -37.11 -21.74
CA SER F 576 26.88 -36.52 -22.99
C SER F 576 25.56 -35.76 -22.85
N GLY F 577 25.10 -35.24 -24.00
CA GLY F 577 24.03 -34.24 -24.07
C GLY F 577 24.52 -32.85 -23.66
N ASN F 578 24.01 -31.83 -24.32
CA ASN F 578 24.39 -30.46 -24.05
C ASN F 578 24.08 -29.98 -22.62
N ALA F 579 25.09 -29.39 -21.98
CA ALA F 579 24.83 -28.67 -20.76
C ALA F 579 24.60 -27.15 -21.00
N PHE F 580 25.07 -26.59 -22.12
CA PHE F 580 24.97 -25.13 -22.38
C PHE F 580 24.42 -24.85 -23.75
N HIS F 581 23.83 -23.69 -23.95
CA HIS F 581 23.19 -23.37 -25.23
C HIS F 581 24.25 -22.90 -26.23
N TYR F 582 25.29 -22.24 -25.70
CA TYR F 582 26.38 -21.60 -26.45
C TYR F 582 27.37 -21.05 -25.42
N PHE F 583 28.48 -20.50 -25.90
CA PHE F 583 29.51 -20.00 -24.99
C PHE F 583 29.81 -18.53 -25.24
N THR F 584 30.17 -17.78 -24.19
CA THR F 584 30.58 -16.38 -24.33
C THR F 584 32.10 -16.31 -24.12
N TYR F 585 32.80 -15.49 -24.90
CA TYR F 585 34.28 -15.51 -24.91
C TYR F 585 34.88 -14.13 -24.72
N GLY F 586 36.11 -14.09 -24.20
CA GLY F 586 36.91 -12.85 -24.20
C GLY F 586 38.39 -13.04 -23.84
N VAL F 587 39.13 -11.94 -23.88
CA VAL F 587 40.58 -11.89 -23.62
C VAL F 587 41.00 -10.57 -22.94
N ALA F 588 41.77 -10.65 -21.87
CA ALA F 588 42.31 -9.43 -21.19
C ALA F 588 43.81 -9.45 -20.97
N CYS F 589 44.37 -8.27 -21.07
CA CYS F 589 45.79 -8.07 -20.91
C CYS F 589 45.95 -7.00 -19.85
N SER F 590 46.79 -7.23 -18.86
CA SER F 590 47.01 -6.25 -17.81
C SER F 590 48.50 -6.06 -17.43
N GLU F 591 48.83 -4.86 -16.97
CA GLU F 591 50.17 -4.49 -16.54
C GLU F 591 50.14 -3.82 -15.14
N VAL F 592 51.06 -4.21 -14.26
CA VAL F 592 51.09 -3.65 -12.94
C VAL F 592 52.53 -3.31 -12.60
N GLU F 593 52.70 -2.43 -11.61
CA GLU F 593 53.99 -2.22 -11.01
C GLU F 593 53.91 -2.44 -9.51
N ILE F 594 54.79 -3.28 -8.97
CA ILE F 594 54.83 -3.53 -7.50
C ILE F 594 55.93 -2.76 -6.75
N ASP F 595 55.66 -2.42 -5.50
CA ASP F 595 56.70 -1.99 -4.58
C ASP F 595 57.20 -3.16 -3.69
N CYS F 596 58.42 -3.66 -3.99
CA CYS F 596 58.97 -4.86 -3.37
C CYS F 596 59.21 -4.71 -1.90
N LEU F 597 59.27 -3.46 -1.46
CA LEU F 597 59.58 -3.16 -0.08
C LEU F 597 58.35 -2.93 0.78
N THR F 598 57.18 -2.78 0.16
CA THR F 598 55.94 -2.59 0.95
C THR F 598 54.78 -3.60 0.64
N GLY F 599 54.79 -4.16 -0.56
CA GLY F 599 53.76 -5.12 -0.94
C GLY F 599 52.67 -4.46 -1.75
N ASP F 600 52.72 -3.14 -1.80
CA ASP F 600 51.85 -2.31 -2.62
C ASP F 600 52.02 -2.44 -4.12
N HIS F 601 50.97 -2.17 -4.87
CA HIS F 601 51.08 -2.23 -6.33
C HIS F 601 50.21 -1.17 -7.01
N LYS F 602 50.52 -0.87 -8.28
CA LYS F 602 49.74 0.04 -9.13
C LYS F 602 49.28 -0.69 -10.37
N ASN F 603 48.05 -0.44 -10.79
CA ASN F 603 47.48 -1.00 -12.02
C ASN F 603 47.68 0.03 -13.16
N LEU F 604 48.68 -0.24 -14.00
CA LEU F 604 49.08 0.76 -14.97
C LEU F 604 48.14 0.78 -16.17
N ARG F 605 47.73 -0.40 -16.67
CA ARG F 605 46.93 -0.47 -17.91
C ARG F 605 46.32 -1.84 -18.05
N THR F 606 45.11 -1.89 -18.63
CA THR F 606 44.35 -3.12 -18.96
C THR F 606 43.65 -2.94 -20.34
N ASP F 607 43.73 -3.97 -21.19
CA ASP F 607 42.99 -4.00 -22.47
C ASP F 607 42.11 -5.25 -22.50
N ILE F 608 40.84 -5.10 -22.89
CA ILE F 608 39.91 -6.22 -23.01
C ILE F 608 39.24 -6.26 -24.41
N VAL F 609 39.24 -7.41 -25.07
CA VAL F 609 38.37 -7.65 -26.20
C VAL F 609 37.35 -8.74 -25.81
N MET F 610 36.08 -8.39 -25.89
CA MET F 610 35.03 -9.30 -25.43
C MET F 610 34.05 -9.61 -26.58
N ASP F 611 33.63 -10.85 -26.69
CA ASP F 611 32.71 -11.25 -27.73
C ASP F 611 31.27 -11.35 -27.15
N VAL F 612 30.43 -10.42 -27.54
CA VAL F 612 29.06 -10.45 -27.10
C VAL F 612 28.09 -10.58 -28.28
N GLY F 613 28.52 -11.21 -29.36
CA GLY F 613 27.75 -11.22 -30.63
C GLY F 613 27.33 -9.80 -30.98
N SER F 614 26.15 -9.63 -31.61
CA SER F 614 25.61 -8.27 -31.85
C SER F 614 24.85 -7.73 -30.65
N SER F 615 25.48 -6.79 -29.95
CA SER F 615 24.95 -6.16 -28.75
C SER F 615 23.56 -5.52 -28.95
N LEU F 616 22.64 -5.73 -28.01
CA LEU F 616 21.37 -4.96 -28.02
C LEU F 616 21.59 -3.54 -27.53
N ASN F 617 22.68 -3.34 -26.79
CA ASN F 617 22.98 -2.00 -26.28
C ASN F 617 24.48 -1.90 -25.89
N PRO F 618 25.33 -1.44 -26.80
CA PRO F 618 26.79 -1.39 -26.52
C PRO F 618 27.15 -0.73 -25.18
N ALA F 619 26.39 0.29 -24.79
CA ALA F 619 26.71 1.05 -23.60
C ALA F 619 26.45 0.27 -22.34
N ILE F 620 25.32 -0.46 -22.33
CA ILE F 620 24.98 -1.32 -21.21
C ILE F 620 26.04 -2.44 -21.17
N ASP F 621 26.37 -2.96 -22.35
CA ASP F 621 27.25 -4.12 -22.43
C ASP F 621 28.70 -3.82 -22.01
N ILE F 622 29.21 -2.68 -22.47
CA ILE F 622 30.54 -2.23 -22.05
C ILE F 622 30.54 -1.96 -20.53
N GLY F 623 29.44 -1.39 -20.02
CA GLY F 623 29.24 -1.23 -18.60
C GLY F 623 29.26 -2.56 -17.90
N GLN F 624 28.70 -3.61 -18.50
CA GLN F 624 28.70 -4.91 -17.82
C GLN F 624 30.08 -5.54 -17.81
N VAL F 625 30.86 -5.29 -18.86
CA VAL F 625 32.22 -5.78 -18.91
C VAL F 625 33.14 -5.11 -17.85
N GLU F 626 33.02 -3.80 -17.69
CA GLU F 626 33.89 -3.07 -16.75
C GLU F 626 33.56 -3.40 -15.31
N GLY F 627 32.27 -3.43 -15.00
CA GLY F 627 31.79 -3.81 -13.66
C GLY F 627 32.24 -5.22 -13.26
N ALA F 628 31.94 -6.20 -14.10
CA ALA F 628 32.30 -7.55 -13.80
C ALA F 628 33.81 -7.66 -13.55
N PHE F 629 34.61 -7.18 -14.50
CA PHE F 629 36.08 -7.19 -14.39
C PHE F 629 36.63 -6.55 -13.10
N VAL F 630 36.13 -5.38 -12.73
CA VAL F 630 36.58 -4.73 -11.51
C VAL F 630 36.20 -5.55 -10.25
N GLN F 631 35.06 -6.25 -10.28
CA GLN F 631 34.71 -7.14 -9.15
C GLN F 631 35.67 -8.32 -9.09
N GLY F 632 36.12 -8.79 -10.25
CA GLY F 632 37.13 -9.86 -10.31
C GLY F 632 38.47 -9.37 -9.80
N LEU F 633 38.89 -8.18 -10.20
CA LEU F 633 40.10 -7.61 -9.64
C LEU F 633 40.04 -7.46 -8.10
N GLY F 634 38.83 -7.20 -7.56
CA GLY F 634 38.59 -7.27 -6.11
C GLY F 634 38.77 -8.67 -5.53
N LEU F 635 38.23 -9.68 -6.19
CA LEU F 635 38.33 -11.06 -5.72
C LEU F 635 39.77 -11.54 -5.61
N PHE F 636 40.57 -11.24 -6.63
CA PHE F 636 41.95 -11.74 -6.74
C PHE F 636 43.06 -10.86 -6.12
N THR F 637 42.75 -9.64 -5.65
CA THR F 637 43.83 -8.77 -5.14
C THR F 637 43.49 -8.00 -3.87
N LEU F 638 42.30 -7.43 -3.78
CA LEU F 638 42.00 -6.53 -2.69
C LEU F 638 41.24 -7.18 -1.54
N GLU F 639 40.23 -7.99 -1.86
CA GLU F 639 39.19 -8.38 -0.90
C GLU F 639 39.51 -9.64 -0.12
N GLU F 640 39.36 -9.58 1.21
CA GLU F 640 39.70 -10.66 2.12
C GLU F 640 38.82 -10.78 3.40
N LEU F 641 38.29 -11.97 3.60
CA LEU F 641 37.48 -12.26 4.76
C LEU F 641 38.37 -12.96 5.77
N HIS F 642 38.27 -12.58 7.03
CA HIS F 642 39.18 -13.16 7.98
C HIS F 642 38.42 -13.53 9.29
N TYR F 643 38.56 -14.78 9.76
CA TYR F 643 37.79 -15.29 10.91
C TYR F 643 38.68 -15.48 12.16
N SER F 644 38.09 -15.51 13.35
CA SER F 644 38.83 -15.90 14.57
C SER F 644 39.08 -17.44 14.60
N PRO F 645 39.97 -17.92 15.50
CA PRO F 645 40.16 -19.39 15.56
C PRO F 645 38.85 -20.11 15.91
N GLU F 646 37.95 -19.42 16.59
CA GLU F 646 36.68 -20.01 17.04
C GLU F 646 35.57 -19.94 15.97
N GLY F 647 35.93 -19.48 14.78
CA GLY F 647 34.95 -19.38 13.66
C GLY F 647 34.09 -18.12 13.53
N SER F 648 34.52 -17.02 14.16
CA SER F 648 33.78 -15.73 14.20
C SER F 648 34.41 -14.70 13.25
N LEU F 649 33.56 -14.03 12.46
CA LEU F 649 34.03 -13.17 11.39
C LEU F 649 34.45 -11.81 11.93
N HIS F 650 35.63 -11.38 11.49
CA HIS F 650 36.27 -10.14 11.95
C HIS F 650 35.99 -9.04 10.98
N THR F 651 35.90 -9.38 9.69
CA THR F 651 35.73 -8.36 8.63
C THR F 651 34.26 -8.05 8.33
N ARG F 652 33.76 -6.92 8.82
CA ARG F 652 32.31 -6.65 8.88
C ARG F 652 31.89 -5.24 8.44
N GLY F 653 32.78 -4.52 7.77
CA GLY F 653 32.45 -3.21 7.32
C GLY F 653 33.43 -2.78 6.25
N PRO F 654 33.17 -1.62 5.62
CA PRO F 654 34.13 -1.08 4.62
C PRO F 654 35.55 -0.76 5.17
N SER F 655 35.71 -0.62 6.48
CA SER F 655 37.05 -0.31 7.03
C SER F 655 37.91 -1.53 7.34
N THR F 656 37.35 -2.74 7.23
CA THR F 656 38.19 -3.93 7.38
C THR F 656 38.07 -4.77 6.13
N TYR F 657 37.12 -4.46 5.26
CA TYR F 657 36.94 -5.17 4.01
C TYR F 657 37.01 -4.15 2.87
N LYS F 658 37.99 -4.33 1.99
CA LYS F 658 38.31 -3.29 1.00
C LYS F 658 37.89 -3.76 -0.33
N ILE F 659 36.82 -3.17 -0.84
CA ILE F 659 36.37 -3.45 -2.21
C ILE F 659 37.01 -2.36 -3.08
N PRO F 660 37.20 -2.61 -4.41
CA PRO F 660 37.86 -1.57 -5.24
C PRO F 660 37.25 -0.18 -5.12
N ALA F 661 38.12 0.84 -5.18
CA ALA F 661 37.69 2.24 -5.03
C ALA F 661 38.02 2.99 -6.30
N PHE F 662 37.61 4.27 -6.39
CA PHE F 662 37.93 5.15 -7.54
C PHE F 662 39.40 5.09 -7.98
N GLY F 663 40.35 5.16 -7.06
CA GLY F 663 41.74 5.04 -7.43
C GLY F 663 42.26 3.60 -7.51
N SER F 664 41.41 2.55 -7.40
CA SER F 664 41.91 1.16 -7.52
C SER F 664 42.07 0.75 -8.97
N ILE F 665 41.35 1.42 -9.89
CA ILE F 665 41.22 0.92 -11.24
C ILE F 665 42.41 1.31 -12.12
N PRO F 666 42.66 0.55 -13.21
CA PRO F 666 43.86 0.70 -14.02
C PRO F 666 43.87 2.06 -14.69
N THR F 667 44.97 2.78 -14.57
CA THR F 667 45.13 4.14 -15.10
C THR F 667 44.71 4.24 -16.57
N GLU F 668 44.99 3.20 -17.35
CA GLU F 668 44.58 3.13 -18.73
C GLU F 668 43.65 1.94 -18.86
N PHE F 669 42.34 2.18 -19.05
CA PHE F 669 41.33 1.12 -19.03
C PHE F 669 40.57 1.05 -20.38
N ARG F 670 40.79 0.00 -21.18
CA ARG F 670 40.26 -0.05 -22.57
C ARG F 670 39.46 -1.30 -22.93
N VAL F 671 38.23 -1.11 -23.39
CA VAL F 671 37.34 -2.24 -23.67
C VAL F 671 36.82 -2.13 -25.10
N SER F 672 36.93 -3.22 -25.87
CA SER F 672 36.26 -3.26 -27.17
C SER F 672 35.31 -4.44 -27.21
N LEU F 673 34.20 -4.28 -27.92
CA LEU F 673 33.37 -5.41 -28.27
C LEU F 673 33.83 -5.90 -29.65
N LEU F 674 33.93 -7.21 -29.82
CA LEU F 674 34.34 -7.77 -31.11
C LEU F 674 33.29 -7.51 -32.17
N ARG F 675 33.74 -7.26 -33.40
CA ARG F 675 32.82 -6.85 -34.47
C ARG F 675 32.50 -8.01 -35.38
N ASP F 676 31.36 -7.90 -36.08
CA ASP F 676 30.91 -8.88 -37.08
C ASP F 676 30.91 -10.34 -36.57
N CYS F 677 30.15 -10.62 -35.53
CA CYS F 677 30.07 -12.02 -35.05
C CYS F 677 28.70 -12.39 -34.45
N PRO F 678 27.63 -12.35 -35.30
CA PRO F 678 26.26 -12.61 -34.83
C PRO F 678 26.09 -14.01 -34.22
N ASN F 679 25.35 -14.09 -33.11
CA ASN F 679 24.99 -15.37 -32.50
C ASN F 679 23.60 -15.83 -33.01
N LYS F 680 23.62 -16.87 -33.87
CA LYS F 680 22.40 -17.54 -34.36
C LYS F 680 21.43 -17.96 -33.24
N LYS F 681 21.95 -18.19 -32.03
CA LYS F 681 21.20 -18.89 -30.98
C LYS F 681 20.42 -18.03 -29.97
N ALA F 682 20.49 -16.69 -30.06
CA ALA F 682 19.79 -15.84 -29.07
C ALA F 682 19.17 -14.56 -29.67
N ILE F 683 18.36 -13.88 -28.88
CA ILE F 683 17.52 -12.83 -29.37
C ILE F 683 18.29 -11.78 -30.18
N TYR F 684 17.77 -11.46 -31.37
CA TYR F 684 18.42 -10.50 -32.26
C TYR F 684 19.95 -10.63 -32.36
N ALA F 685 20.43 -11.89 -32.25
CA ALA F 685 21.84 -12.31 -32.50
C ALA F 685 22.85 -11.87 -31.44
N SER F 686 22.33 -11.36 -30.32
CA SER F 686 23.17 -10.95 -29.18
C SER F 686 23.69 -12.14 -28.32
N LYS F 687 24.40 -11.84 -27.23
CA LYS F 687 24.94 -12.84 -26.31
C LYS F 687 24.87 -12.35 -24.84
N ALA F 688 24.76 -13.30 -23.91
CA ALA F 688 24.81 -13.01 -22.47
C ALA F 688 26.15 -12.38 -22.08
N VAL F 689 26.07 -11.34 -21.27
CA VAL F 689 27.21 -10.59 -20.86
C VAL F 689 27.52 -10.54 -19.32
N GLY F 690 26.52 -10.69 -18.45
CA GLY F 690 26.69 -10.49 -16.98
C GLY F 690 27.89 -11.11 -16.20
N GLU F 691 28.05 -12.43 -16.30
CA GLU F 691 29.13 -13.14 -15.60
C GLU F 691 30.43 -13.46 -16.39
N PRO F 692 30.35 -13.80 -17.70
CA PRO F 692 31.60 -14.13 -18.44
C PRO F 692 32.86 -13.23 -18.25
N PRO F 693 32.71 -11.89 -18.12
CA PRO F 693 33.91 -11.05 -17.99
C PRO F 693 34.61 -11.13 -16.64
N LEU F 694 33.87 -11.38 -15.55
CA LEU F 694 34.49 -11.31 -14.18
C LEU F 694 35.87 -12.02 -14.11
N PHE F 695 36.01 -13.22 -14.72
CA PHE F 695 37.28 -13.95 -14.58
C PHE F 695 38.48 -13.21 -15.16
N LEU F 696 38.24 -12.32 -16.11
CA LEU F 696 39.36 -11.64 -16.73
C LEU F 696 40.16 -10.75 -15.74
N GLY F 697 39.57 -10.31 -14.63
CA GLY F 697 40.36 -9.66 -13.60
C GLY F 697 41.60 -10.45 -13.13
N ALA F 698 41.59 -11.76 -13.34
CA ALA F 698 42.73 -12.59 -12.96
C ALA F 698 44.01 -12.18 -13.70
N SER F 699 43.85 -11.48 -14.82
CA SER F 699 44.97 -11.04 -15.58
C SER F 699 45.80 -10.08 -14.72
N VAL F 700 45.13 -9.31 -13.85
CA VAL F 700 45.90 -8.52 -12.88
C VAL F 700 46.65 -9.45 -11.90
N PHE F 701 46.01 -10.54 -11.49
CA PHE F 701 46.66 -11.47 -10.54
C PHE F 701 47.97 -12.05 -11.13
N PHE F 702 47.89 -12.49 -12.38
CA PHE F 702 49.05 -13.09 -13.04
C PHE F 702 50.08 -12.06 -13.52
N ALA F 703 49.69 -10.80 -13.69
CA ALA F 703 50.70 -9.78 -13.94
C ALA F 703 51.50 -9.53 -12.66
N ILE F 704 50.82 -9.49 -11.50
CA ILE F 704 51.50 -9.40 -10.19
C ILE F 704 52.48 -10.57 -9.93
N LYS F 705 52.06 -11.81 -10.20
CA LYS F 705 52.92 -13.01 -10.07
C LYS F 705 54.20 -12.92 -10.91
N ASP F 706 54.03 -12.50 -12.17
CA ASP F 706 55.12 -12.27 -13.10
C ASP F 706 56.12 -11.27 -12.49
N ALA F 707 55.60 -10.22 -11.84
CA ALA F 707 56.44 -9.24 -11.17
C ALA F 707 57.10 -9.75 -9.86
N ILE F 708 56.41 -10.61 -9.12
CA ILE F 708 57.10 -11.30 -8.01
C ILE F 708 58.28 -12.16 -8.54
N ARG F 709 58.12 -12.82 -9.69
CA ARG F 709 59.22 -13.64 -10.22
C ARG F 709 60.51 -12.85 -10.50
N ALA F 710 60.37 -11.67 -11.08
CA ALA F 710 61.52 -10.83 -11.40
C ALA F 710 62.15 -10.24 -10.14
N ALA F 711 61.32 -9.82 -9.18
CA ALA F 711 61.83 -9.50 -7.85
C ALA F 711 62.59 -10.67 -7.25
N ARG F 712 62.04 -11.88 -7.35
CA ARG F 712 62.73 -13.04 -6.79
C ARG F 712 64.09 -13.34 -7.47
N ALA F 713 64.13 -13.17 -8.80
CA ALA F 713 65.34 -13.37 -9.61
C ALA F 713 66.43 -12.38 -9.23
N GLN F 714 66.02 -11.16 -8.84
CA GLN F 714 66.91 -10.09 -8.33
C GLN F 714 67.59 -10.44 -6.99
N HIS F 715 66.78 -10.82 -5.98
CA HIS F 715 67.24 -10.89 -4.58
C HIS F 715 67.32 -12.28 -3.92
N THR F 716 66.78 -13.33 -4.56
CA THR F 716 66.70 -14.62 -3.85
C THR F 716 67.59 -15.76 -4.38
N ASN F 717 67.29 -16.29 -5.57
CA ASN F 717 68.13 -17.35 -6.18
C ASN F 717 68.32 -17.24 -7.74
N ASN F 718 68.93 -18.27 -8.34
CA ASN F 718 69.30 -18.22 -9.80
C ASN F 718 68.55 -19.27 -10.66
N ASN F 719 67.54 -19.86 -10.02
CA ASN F 719 66.71 -20.86 -10.60
C ASN F 719 65.53 -20.11 -11.23
N THR F 720 65.70 -19.69 -12.49
CA THR F 720 64.59 -19.13 -13.30
C THR F 720 63.37 -20.07 -13.28
N LYS F 721 63.63 -21.36 -13.54
CA LYS F 721 62.61 -22.40 -13.62
C LYS F 721 62.06 -22.82 -12.26
N GLU F 722 62.03 -21.85 -11.33
CA GLU F 722 61.50 -22.06 -9.96
C GLU F 722 60.00 -21.78 -9.83
N LEU F 723 59.29 -22.71 -9.16
CA LEU F 723 57.89 -22.55 -8.79
C LEU F 723 57.72 -22.15 -7.32
N PHE F 724 56.86 -21.16 -7.04
CA PHE F 724 56.47 -20.86 -5.65
C PHE F 724 54.97 -20.74 -5.53
N ARG F 725 54.43 -20.94 -4.33
CA ARG F 725 52.99 -20.90 -4.15
C ARG F 725 52.43 -19.48 -3.88
N LEU F 726 51.45 -19.05 -4.68
CA LEU F 726 50.76 -17.81 -4.44
C LEU F 726 49.24 -18.06 -4.47
N ASP F 727 48.61 -17.94 -3.29
CA ASP F 727 47.16 -18.11 -3.14
C ASP F 727 46.40 -16.82 -3.52
N SER F 728 45.09 -16.96 -3.77
CA SER F 728 44.22 -15.80 -3.96
C SER F 728 43.45 -15.53 -2.67
N PRO F 729 43.28 -14.24 -2.28
CA PRO F 729 43.72 -12.99 -2.92
C PRO F 729 45.17 -12.60 -2.63
N ALA F 730 45.88 -12.12 -3.64
CA ALA F 730 47.21 -11.56 -3.45
C ALA F 730 47.14 -10.16 -2.77
N THR F 731 46.86 -10.12 -1.46
CA THR F 731 47.01 -8.91 -0.63
C THR F 731 48.49 -8.45 -0.57
N PRO F 732 48.74 -7.24 -0.02
CA PRO F 732 50.11 -6.77 0.22
C PRO F 732 50.93 -7.67 1.14
N GLU F 733 50.32 -8.29 2.15
CA GLU F 733 51.04 -9.28 2.97
C GLU F 733 51.59 -10.42 2.09
N LYS F 734 50.77 -10.95 1.19
CA LYS F 734 51.23 -12.08 0.40
C LYS F 734 52.33 -11.66 -0.58
N ILE F 735 52.21 -10.43 -1.09
CA ILE F 735 53.15 -9.93 -2.12
C ILE F 735 54.53 -9.63 -1.54
N ARG F 736 54.56 -8.92 -0.42
CA ARG F 736 55.81 -8.59 0.26
C ARG F 736 56.57 -9.83 0.71
N ASN F 737 55.91 -10.73 1.48
CA ASN F 737 56.53 -11.99 1.97
C ASN F 737 57.12 -12.85 0.84
N ALA F 738 56.49 -12.84 -0.35
CA ALA F 738 56.96 -13.65 -1.46
C ALA F 738 58.22 -13.01 -2.06
N CYS F 739 58.41 -11.72 -1.79
CA CYS F 739 59.60 -11.01 -2.27
C CYS F 739 60.73 -11.19 -1.24
N VAL F 740 61.15 -12.45 -1.08
CA VAL F 740 62.17 -12.88 -0.12
C VAL F 740 63.42 -12.09 -0.42
N ASP F 741 64.03 -11.50 0.62
CA ASP F 741 65.24 -10.66 0.45
C ASP F 741 65.96 -10.54 1.77
N LYS F 742 66.94 -9.63 1.80
CA LYS F 742 67.73 -9.36 3.05
C LYS F 742 66.96 -8.84 4.27
N PHE F 743 65.67 -8.56 4.12
CA PHE F 743 64.85 -8.18 5.29
C PHE F 743 63.92 -9.29 5.73
N THR F 744 63.20 -9.94 4.80
CA THR F 744 62.35 -11.07 5.19
C THR F 744 63.20 -12.11 5.93
N THR F 745 64.46 -12.20 5.52
CA THR F 745 65.40 -13.16 6.08
C THR F 745 66.18 -12.46 7.16
#